data_1RP7
#
_entry.id   1RP7
#
_cell.length_a   81.550
_cell.length_b   141.840
_cell.length_c   82.170
_cell.angle_alpha   90.00
_cell.angle_beta   102.61
_cell.angle_gamma   90.00
#
_symmetry.space_group_name_H-M   'P 1 21 1'
#
loop_
_entity.id
_entity.type
_entity.pdbx_description
1 polymer 'Pyruvate dehydrogenase E1 component'
2 non-polymer 'MAGNESIUM ION'
3 non-polymer '2-{3-[(4-AMINO-2-METHYLPYRIMIDIN-5-YL)METHYL]-4-METHYL-2-OXO-2,3-DIHYDRO-1,3-THIAZOL-5-YL}ETHYL TRIHYDROGEN DIPHOSPHATE'
4 water water
#
_entity_poly.entity_id   1
_entity_poly.type   'polypeptide(L)'
_entity_poly.pdbx_seq_one_letter_code
;SERFPNDVDPIETRDWLQAIESVIREEGVERAQYLIDQLLAEARKGGVNVAAGTGISNYINTIPVEEQPEYPGNLELERR
IRSAIRWNAIMTVLRASKKDLELGGHMASFQSSATIYDVCFNHFFRARNEQDGGDLVYFQGHISPGVYARAFLEGRLTQE
QLDNFRQEVHGNGLSSYPHPKLMPEFWQFPTVSMGLGPIGAIYQAKFLKYLEHRGLKDTSKQTVYAFLGDGEMDEPESKG
AITIATREKLDNLVFVINCNLQRLDGPVTGNGKIINELEGIFEGAGWNVIKVMWGSRWDELLRKDTSGKLIQLMNETVDG
DYQTFKSKDGAYVREHFFGKYPETAALVADWTDEQIWALNRGGHDPKKIYAAFKKAQETKGKATVILAHTIKGYGMGDAA
EGKNIAHQVKKMNMDGVRHIRDRFNVPVSDADIEKLPYITFPEGSEEHTYLHAQRQKLHGYLPSRQPNFTEKLELPSLQD
FGALLEEQSKEISTTIAFVRALNVMLKNKSIKDRLVPIIADEARTFGMEGLFRQIGIYSPNGQQYTPQDREQVAYYKEDE
KGQILQEGINELGAGCSWLAAATSYSTNNLPMIPFYIYYSMFGFQRIGDLCWAAGDQQARGFLIGGTSGRTTLNGEGLQH
EDGHSHIQSLTIPNCISYDPAYAYEVAVIMHDGLERMYGEKQENVYYYITTLNENYHMPAMPEGAEEGIRKGIYKLETIE
GSKGKVQLLGSGSILRHVREAAEILAKDYGVGSDVYSVTSFTELARDGQDCERWNMLHPLETPRVPYIAQVMNDAPAVAS
TDYMKLFAEQVRTYVPADDYRVLGTDGFGRSDSRENLRHHFEVDASYVVVAALGELAKRGEIDKKVVADAIAKFNIDADK
VNPRLA
;
_entity_poly.pdbx_strand_id   A,B
#
# COMPACT_ATOMS: atom_id res chain seq x y z
N ILE A 56 -12.85 -28.95 0.98
CA ILE A 56 -14.16 -28.40 1.45
C ILE A 56 -15.13 -29.48 1.94
N SER A 57 -15.72 -29.22 3.11
CA SER A 57 -16.66 -30.14 3.73
C SER A 57 -18.09 -29.84 3.33
N ASN A 58 -19.02 -30.61 3.88
CA ASN A 58 -20.43 -30.43 3.62
C ASN A 58 -20.86 -29.07 4.19
N TYR A 59 -21.97 -28.55 3.70
CA TYR A 59 -22.47 -27.26 4.15
C TYR A 59 -23.26 -27.38 5.45
N ILE A 60 -22.59 -27.87 6.49
CA ILE A 60 -23.20 -28.05 7.80
C ILE A 60 -22.15 -27.73 8.85
N ASN A 61 -22.55 -27.56 10.10
CA ASN A 61 -21.61 -27.25 11.16
C ASN A 61 -20.45 -28.26 11.18
N THR A 62 -19.28 -27.79 11.55
CA THR A 62 -18.10 -28.64 11.61
C THR A 62 -18.21 -29.59 12.81
N ILE A 63 -18.77 -29.06 13.90
CA ILE A 63 -18.96 -29.80 15.13
C ILE A 63 -20.37 -30.38 15.25
N PRO A 64 -20.51 -31.71 15.10
CA PRO A 64 -21.83 -32.34 15.21
C PRO A 64 -22.36 -32.13 16.61
N VAL A 65 -23.67 -31.98 16.74
CA VAL A 65 -24.26 -31.78 18.06
C VAL A 65 -23.78 -32.83 19.07
N GLU A 66 -23.41 -34.00 18.58
CA GLU A 66 -22.94 -35.05 19.47
C GLU A 66 -21.59 -34.71 20.12
N GLU A 67 -20.85 -33.79 19.50
CA GLU A 67 -19.54 -33.39 20.02
C GLU A 67 -19.58 -31.97 20.57
N GLN A 68 -20.77 -31.41 20.61
CA GLN A 68 -20.98 -30.07 21.10
C GLN A 68 -21.07 -30.03 22.62
N PRO A 69 -20.13 -29.32 23.27
CA PRO A 69 -20.15 -29.24 24.74
C PRO A 69 -21.37 -28.49 25.27
N GLU A 70 -21.70 -28.73 26.55
CA GLU A 70 -22.82 -28.08 27.21
C GLU A 70 -22.52 -26.60 27.35
N TYR A 71 -23.50 -25.76 27.00
CA TYR A 71 -23.34 -24.33 27.12
C TYR A 71 -23.31 -23.99 28.61
N PRO A 72 -22.27 -23.26 29.05
CA PRO A 72 -22.14 -22.88 30.46
C PRO A 72 -22.91 -21.68 30.99
N GLY A 73 -23.55 -20.90 30.13
CA GLY A 73 -24.25 -19.73 30.62
C GLY A 73 -25.77 -19.82 30.70
N ASN A 74 -26.36 -18.80 31.31
CA ASN A 74 -27.81 -18.68 31.45
C ASN A 74 -28.29 -18.11 30.14
N LEU A 75 -28.75 -18.98 29.24
CA LEU A 75 -29.21 -18.55 27.93
C LEU A 75 -30.27 -17.44 27.94
N GLU A 76 -31.26 -17.55 28.82
CA GLU A 76 -32.33 -16.57 28.90
C GLU A 76 -31.89 -15.22 29.47
N LEU A 77 -31.08 -15.24 30.52
CA LEU A 77 -30.63 -13.99 31.12
C LEU A 77 -29.67 -13.23 30.20
N GLU A 78 -28.84 -14.00 29.48
CA GLU A 78 -27.87 -13.44 28.55
C GLU A 78 -28.57 -12.76 27.38
N ARG A 79 -29.66 -13.35 26.91
CA ARG A 79 -30.43 -12.77 25.81
C ARG A 79 -31.06 -11.45 26.25
N ARG A 80 -31.35 -11.36 27.54
CA ARG A 80 -31.95 -10.17 28.14
C ARG A 80 -30.93 -9.04 28.14
N ILE A 81 -29.68 -9.41 28.38
CA ILE A 81 -28.57 -8.45 28.41
C ILE A 81 -28.19 -8.12 26.98
N ARG A 82 -28.22 -9.13 26.12
CA ARG A 82 -27.89 -8.94 24.72
C ARG A 82 -28.88 -8.02 24.01
N SER A 83 -30.16 -8.17 24.34
CA SER A 83 -31.19 -7.35 23.73
C SER A 83 -31.06 -5.88 24.10
N ALA A 84 -30.65 -5.62 25.34
CA ALA A 84 -30.48 -4.24 25.81
C ALA A 84 -29.31 -3.59 25.07
N ILE A 85 -28.27 -4.38 24.82
CA ILE A 85 -27.09 -3.90 24.12
C ILE A 85 -27.44 -3.60 22.67
N ARG A 86 -28.26 -4.47 22.08
CA ARG A 86 -28.69 -4.28 20.70
C ARG A 86 -29.46 -2.97 20.61
N TRP A 87 -30.40 -2.80 21.53
CA TRP A 87 -31.24 -1.62 21.59
C TRP A 87 -30.39 -0.37 21.78
N ASN A 88 -29.51 -0.38 22.77
CA ASN A 88 -28.66 0.79 23.01
C ASN A 88 -27.80 1.12 21.80
N ALA A 89 -27.25 0.09 21.14
CA ALA A 89 -26.43 0.31 19.96
C ALA A 89 -27.23 1.04 18.89
N ILE A 90 -28.46 0.60 18.69
CA ILE A 90 -29.36 1.19 17.69
C ILE A 90 -29.81 2.59 18.07
N MET A 91 -30.02 2.84 19.36
CA MET A 91 -30.44 4.18 19.80
C MET A 91 -29.30 5.18 19.60
N THR A 92 -28.07 4.70 19.79
CA THR A 92 -26.89 5.53 19.63
C THR A 92 -26.79 6.05 18.20
N VAL A 93 -26.92 5.14 17.24
CA VAL A 93 -26.84 5.51 15.84
C VAL A 93 -28.07 6.32 15.42
N LEU A 94 -29.24 5.98 15.95
CA LEU A 94 -30.49 6.68 15.64
C LEU A 94 -30.51 8.11 16.17
N ARG A 95 -30.01 8.28 17.39
CA ARG A 95 -29.96 9.60 18.00
C ARG A 95 -29.01 10.50 17.21
N ALA A 96 -27.87 9.94 16.81
CA ALA A 96 -26.89 10.70 16.03
C ALA A 96 -27.53 11.09 14.71
N SER A 97 -28.36 10.19 14.18
CA SER A 97 -29.07 10.40 12.93
C SER A 97 -30.01 11.59 13.02
N LYS A 98 -30.72 11.67 14.14
CA LYS A 98 -31.68 12.73 14.37
C LYS A 98 -31.07 14.13 14.19
N LYS A 99 -29.80 14.26 14.52
CA LYS A 99 -29.12 15.55 14.43
C LYS A 99 -29.08 16.06 13.01
N ASP A 100 -29.11 15.13 12.06
CA ASP A 100 -29.06 15.49 10.65
C ASP A 100 -27.79 16.28 10.34
N LEU A 101 -26.67 15.79 10.86
CA LEU A 101 -25.39 16.43 10.63
C LEU A 101 -24.53 15.49 9.81
N GLU A 102 -25.17 14.56 9.12
CA GLU A 102 -24.48 13.59 8.28
C GLU A 102 -23.44 12.78 9.05
N LEU A 103 -23.74 12.50 10.31
CA LEU A 103 -22.81 11.78 11.16
C LEU A 103 -22.53 10.31 10.79
N GLY A 104 -23.52 9.60 10.28
CA GLY A 104 -23.30 8.21 9.91
C GLY A 104 -23.30 7.22 11.07
N GLY A 105 -22.93 5.97 10.77
CA GLY A 105 -22.90 4.93 11.79
C GLY A 105 -23.62 3.73 11.24
N HIS A 106 -23.26 2.53 11.68
CA HIS A 106 -23.91 1.33 11.18
C HIS A 106 -24.75 0.61 12.22
N MET A 107 -25.69 -0.22 11.77
CA MET A 107 -26.58 -0.97 12.65
C MET A 107 -26.76 -2.43 12.25
N ALA A 108 -27.01 -2.66 10.96
CA ALA A 108 -27.24 -4.01 10.43
C ALA A 108 -26.11 -5.01 10.67
N SER A 109 -24.87 -4.53 10.63
CA SER A 109 -23.72 -5.39 10.82
C SER A 109 -23.63 -5.94 12.24
N PHE A 110 -23.63 -5.08 13.24
CA PHE A 110 -23.55 -5.55 14.62
C PHE A 110 -24.74 -6.45 14.92
N GLN A 111 -25.86 -6.21 14.25
CA GLN A 111 -27.04 -7.03 14.47
C GLN A 111 -26.79 -8.48 14.06
N SER A 112 -25.96 -8.68 13.04
CA SER A 112 -25.67 -10.03 12.60
C SER A 112 -24.58 -10.71 13.44
N SER A 113 -23.79 -9.93 14.17
CA SER A 113 -22.71 -10.51 14.95
C SER A 113 -22.76 -10.29 16.46
N ALA A 114 -23.76 -9.58 16.94
CA ALA A 114 -23.88 -9.31 18.36
C ALA A 114 -23.76 -10.58 19.23
N THR A 115 -24.48 -11.64 18.86
CA THR A 115 -24.45 -12.86 19.63
C THR A 115 -23.06 -13.50 19.67
N ILE A 116 -22.28 -13.33 18.60
CA ILE A 116 -20.93 -13.90 18.57
C ILE A 116 -20.06 -13.18 19.58
N TYR A 117 -20.21 -11.87 19.64
CA TYR A 117 -19.45 -11.06 20.59
C TYR A 117 -19.94 -11.33 22.00
N ASP A 118 -21.25 -11.52 22.13
CA ASP A 118 -21.89 -11.75 23.42
C ASP A 118 -21.35 -12.99 24.12
N VAL A 119 -21.22 -14.07 23.38
CA VAL A 119 -20.69 -15.31 23.93
C VAL A 119 -19.24 -15.12 24.40
N CYS A 120 -18.46 -14.36 23.63
CA CYS A 120 -17.06 -14.08 23.97
C CYS A 120 -16.91 -13.23 25.20
N PHE A 121 -17.73 -12.19 25.31
CA PHE A 121 -17.68 -11.30 26.47
C PHE A 121 -18.10 -12.04 27.74
N ASN A 122 -19.00 -13.02 27.58
CA ASN A 122 -19.50 -13.80 28.71
C ASN A 122 -18.62 -14.99 29.06
N HIS A 123 -18.08 -15.67 28.04
CA HIS A 123 -17.28 -16.87 28.27
C HIS A 123 -15.85 -17.00 27.75
N PHE A 124 -15.33 -16.01 27.02
CA PHE A 124 -13.96 -16.17 26.51
C PHE A 124 -12.98 -15.01 26.69
N PHE A 125 -13.40 -13.80 26.31
CA PHE A 125 -12.55 -12.61 26.39
C PHE A 125 -11.93 -12.32 27.75
N ARG A 126 -10.61 -12.47 27.87
CA ARG A 126 -9.90 -12.17 29.10
C ARG A 126 -9.46 -10.72 29.00
N ALA A 127 -9.70 -9.92 30.04
CA ALA A 127 -9.31 -8.52 30.00
C ALA A 127 -7.88 -8.35 30.49
N ARG A 128 -7.29 -7.19 30.21
CA ARG A 128 -5.94 -6.91 30.65
C ARG A 128 -5.86 -7.17 32.14
N ASN A 129 -4.82 -7.86 32.59
CA ASN A 129 -4.69 -8.16 34.01
C ASN A 129 -3.28 -7.97 34.53
N GLU A 130 -3.07 -8.35 35.79
CA GLU A 130 -1.77 -8.22 36.43
C GLU A 130 -0.69 -9.02 35.69
N GLN A 131 -1.09 -10.13 35.08
CA GLN A 131 -0.13 -10.97 34.39
C GLN A 131 0.14 -10.64 32.93
N ASP A 132 -0.90 -10.27 32.18
CA ASP A 132 -0.74 -9.92 30.78
C ASP A 132 -1.84 -8.97 30.30
N GLY A 133 -1.66 -8.45 29.09
CA GLY A 133 -2.64 -7.52 28.53
C GLY A 133 -3.97 -8.16 28.15
N GLY A 134 -4.18 -9.40 28.55
CA GLY A 134 -5.42 -10.11 28.24
C GLY A 134 -5.52 -10.50 26.78
N ASP A 135 -6.70 -10.87 26.33
CA ASP A 135 -6.90 -11.24 24.94
C ASP A 135 -6.86 -9.96 24.09
N LEU A 136 -6.19 -10.01 22.95
CA LEU A 136 -6.10 -8.85 22.09
C LEU A 136 -7.16 -9.01 21.00
N VAL A 137 -8.26 -8.27 21.18
CA VAL A 137 -9.39 -8.34 20.26
C VAL A 137 -9.39 -7.24 19.22
N TYR A 138 -9.36 -7.65 17.96
CA TYR A 138 -9.39 -6.74 16.84
C TYR A 138 -10.84 -6.70 16.40
N PHE A 139 -11.65 -5.94 17.14
CA PHE A 139 -13.08 -5.78 16.90
C PHE A 139 -13.32 -5.23 15.51
N GLN A 140 -14.33 -5.75 14.82
CA GLN A 140 -14.65 -5.23 13.50
C GLN A 140 -14.95 -3.76 13.76
N GLY A 141 -14.32 -2.89 12.98
CA GLY A 141 -14.49 -1.46 13.20
C GLY A 141 -15.88 -0.86 13.24
N HIS A 142 -16.71 -1.18 12.25
CA HIS A 142 -18.05 -0.61 12.18
C HIS A 142 -19.13 -1.21 13.07
N ILE A 143 -18.74 -2.08 14.01
CA ILE A 143 -19.71 -2.66 14.94
C ILE A 143 -19.48 -1.96 16.27
N SER A 144 -18.72 -0.87 16.21
CA SER A 144 -18.39 -0.07 17.40
C SER A 144 -19.60 0.35 18.22
N PRO A 145 -20.73 0.69 17.57
CA PRO A 145 -21.91 1.09 18.33
C PRO A 145 -22.35 0.00 19.32
N GLY A 146 -22.12 -1.26 18.95
CA GLY A 146 -22.47 -2.36 19.83
C GLY A 146 -21.50 -2.44 21.00
N VAL A 147 -20.23 -2.17 20.74
CA VAL A 147 -19.17 -2.18 21.77
C VAL A 147 -19.42 -1.01 22.74
N TYR A 148 -19.85 0.11 22.19
CA TYR A 148 -20.16 1.29 22.98
C TYR A 148 -21.40 0.99 23.81
N ALA A 149 -22.35 0.26 23.22
CA ALA A 149 -23.59 -0.10 23.91
C ALA A 149 -23.31 -0.94 25.15
N ARG A 150 -22.41 -1.92 25.01
CA ARG A 150 -22.03 -2.79 26.14
C ARG A 150 -21.26 -2.00 27.21
N ALA A 151 -20.24 -1.25 26.77
CA ALA A 151 -19.44 -0.47 27.71
C ALA A 151 -20.35 0.41 28.56
N PHE A 152 -21.33 1.04 27.93
CA PHE A 152 -22.27 1.90 28.62
C PHE A 152 -23.04 1.08 29.65
N LEU A 153 -23.56 -0.06 29.22
CA LEU A 153 -24.30 -0.94 30.11
C LEU A 153 -23.41 -1.38 31.27
N GLU A 154 -22.13 -1.56 31.00
CA GLU A 154 -21.18 -1.95 32.05
C GLU A 154 -20.84 -0.73 32.90
N GLY A 155 -21.41 0.42 32.52
CA GLY A 155 -21.15 1.65 33.25
C GLY A 155 -19.79 2.26 32.95
N ARG A 156 -19.21 1.91 31.80
CA ARG A 156 -17.90 2.45 31.43
C ARG A 156 -18.00 3.72 30.58
N LEU A 157 -19.17 3.95 30.01
CA LEU A 157 -19.40 5.13 29.21
C LEU A 157 -20.69 5.73 29.73
N THR A 158 -20.80 7.05 29.64
CA THR A 158 -22.00 7.74 30.10
C THR A 158 -22.99 7.90 28.98
N GLN A 159 -24.17 8.41 29.35
CA GLN A 159 -25.24 8.65 28.42
C GLN A 159 -24.86 9.80 27.50
N GLU A 160 -24.20 10.80 28.08
CA GLU A 160 -23.76 11.98 27.33
C GLU A 160 -22.78 11.57 26.24
N GLN A 161 -21.88 10.64 26.56
CA GLN A 161 -20.91 10.18 25.58
C GLN A 161 -21.59 9.47 24.44
N LEU A 162 -22.60 8.65 24.76
CA LEU A 162 -23.32 7.93 23.73
C LEU A 162 -24.05 8.95 22.86
N ASP A 163 -24.47 10.05 23.48
CA ASP A 163 -25.18 11.10 22.77
C ASP A 163 -24.21 11.92 21.94
N ASN A 164 -22.93 11.73 22.22
CA ASN A 164 -21.87 12.43 21.48
C ASN A 164 -21.19 11.47 20.51
N PHE A 165 -21.88 10.39 20.17
CA PHE A 165 -21.37 9.40 19.24
C PHE A 165 -21.08 10.13 17.93
N ARG A 166 -19.86 10.00 17.44
CA ARG A 166 -19.42 10.65 16.22
C ARG A 166 -19.36 12.18 16.29
N GLN A 167 -19.14 12.70 17.49
CA GLN A 167 -18.97 14.14 17.72
C GLN A 167 -17.93 14.27 18.84
N GLU A 168 -16.65 14.24 18.45
CA GLU A 168 -15.56 14.29 19.43
C GLU A 168 -14.80 15.59 19.62
N VAL A 169 -14.78 16.45 18.61
CA VAL A 169 -14.05 17.73 18.67
C VAL A 169 -14.15 18.50 19.99
N HIS A 170 -15.30 18.43 20.65
CA HIS A 170 -15.47 19.15 21.89
C HIS A 170 -15.09 18.40 23.16
N GLY A 171 -14.49 17.22 23.02
CA GLY A 171 -14.02 16.50 24.19
C GLY A 171 -14.75 15.39 24.92
N ASN A 172 -16.06 15.23 24.73
CA ASN A 172 -16.73 14.15 25.45
C ASN A 172 -17.55 13.25 24.55
N GLY A 173 -17.00 12.92 23.40
CA GLY A 173 -17.71 12.08 22.46
C GLY A 173 -17.03 10.75 22.23
N LEU A 174 -17.47 10.05 21.20
CA LEU A 174 -16.93 8.75 20.88
C LEU A 174 -16.59 8.69 19.40
N SER A 175 -15.45 8.08 19.11
CA SER A 175 -15.02 7.97 17.72
C SER A 175 -15.96 7.04 16.98
N SER A 176 -16.04 7.22 15.68
CA SER A 176 -16.86 6.38 14.83
C SER A 176 -16.35 4.95 14.93
N TYR A 177 -15.03 4.81 14.87
CA TYR A 177 -14.38 3.52 14.90
C TYR A 177 -13.21 3.42 15.88
N PRO A 178 -12.63 2.21 16.03
CA PRO A 178 -11.50 2.02 16.95
C PRO A 178 -10.28 2.83 16.54
N HIS A 179 -10.12 3.98 17.18
CA HIS A 179 -9.00 4.89 16.93
C HIS A 179 -8.32 5.20 18.27
N PRO A 180 -7.26 4.45 18.61
CA PRO A 180 -6.54 4.67 19.88
C PRO A 180 -6.07 6.11 20.09
N LYS A 181 -5.63 6.76 19.02
CA LYS A 181 -5.15 8.13 19.08
C LYS A 181 -6.23 9.08 19.62
N LEU A 182 -7.47 8.83 19.23
CA LEU A 182 -8.63 9.62 19.62
C LEU A 182 -9.21 9.24 20.99
N MET A 183 -9.16 7.96 21.33
CA MET A 183 -9.66 7.45 22.62
C MET A 183 -8.55 6.52 23.15
N PRO A 184 -7.46 7.10 23.68
CA PRO A 184 -6.31 6.35 24.20
C PRO A 184 -6.48 5.44 25.40
N GLU A 185 -7.65 5.43 26.02
CA GLU A 185 -7.85 4.57 27.17
C GLU A 185 -8.96 3.58 26.92
N PHE A 186 -9.47 3.59 25.70
CA PHE A 186 -10.55 2.69 25.33
C PHE A 186 -10.18 1.76 24.18
N TRP A 187 -9.92 2.33 23.01
CA TRP A 187 -9.59 1.51 21.84
C TRP A 187 -8.13 1.09 21.77
N GLN A 188 -7.87 -0.03 21.10
CA GLN A 188 -6.51 -0.54 20.99
C GLN A 188 -6.02 -0.77 19.58
N PHE A 189 -6.86 -1.39 18.75
CA PHE A 189 -6.48 -1.70 17.39
C PHE A 189 -7.36 -1.10 16.29
N PRO A 190 -6.76 -0.24 15.45
CA PRO A 190 -7.44 0.44 14.34
C PRO A 190 -7.81 -0.58 13.26
N THR A 191 -9.09 -0.91 13.17
CA THR A 191 -9.50 -1.91 12.20
C THR A 191 -10.39 -1.50 11.03
N VAL A 192 -10.95 -0.28 11.03
CA VAL A 192 -11.84 0.09 9.92
C VAL A 192 -11.24 0.04 8.54
N SER A 193 -9.93 0.20 8.40
CA SER A 193 -9.41 0.08 7.05
C SER A 193 -9.31 -1.41 6.85
N MET A 194 -10.32 -1.99 6.21
CA MET A 194 -10.37 -3.42 5.98
C MET A 194 -9.05 -4.00 5.46
N GLY A 195 -8.76 -5.23 5.86
CA GLY A 195 -7.54 -5.88 5.40
C GLY A 195 -6.40 -5.75 6.36
N LEU A 196 -6.29 -4.61 7.03
CA LEU A 196 -5.21 -4.38 7.98
C LEU A 196 -5.39 -5.16 9.29
N GLY A 197 -6.64 -5.37 9.68
CA GLY A 197 -6.92 -6.08 10.91
C GLY A 197 -6.42 -7.52 10.90
N PRO A 198 -6.77 -8.32 9.88
CA PRO A 198 -6.33 -9.72 9.81
C PRO A 198 -4.82 -9.91 9.78
N ILE A 199 -4.12 -9.11 8.99
CA ILE A 199 -2.67 -9.24 8.93
C ILE A 199 -1.99 -8.64 10.17
N GLY A 200 -2.53 -7.54 10.68
CA GLY A 200 -1.94 -6.97 11.88
C GLY A 200 -2.06 -7.93 13.05
N ALA A 201 -3.18 -8.66 13.09
CA ALA A 201 -3.46 -9.65 14.14
C ALA A 201 -2.55 -10.86 14.02
N ILE A 202 -2.32 -11.31 12.80
CA ILE A 202 -1.44 -12.46 12.56
C ILE A 202 -0.05 -12.20 13.16
N TYR A 203 0.48 -11.01 12.91
CA TYR A 203 1.80 -10.63 13.39
C TYR A 203 1.82 -10.28 14.87
N GLN A 204 0.65 -9.97 15.40
CA GLN A 204 0.53 -9.65 16.82
C GLN A 204 0.63 -10.98 17.55
N ALA A 205 -0.07 -11.97 17.02
CA ALA A 205 -0.07 -13.32 17.60
C ALA A 205 1.36 -13.86 17.55
N LYS A 206 2.05 -13.57 16.44
CA LYS A 206 3.43 -14.01 16.25
C LYS A 206 4.36 -13.27 17.21
N PHE A 207 4.13 -11.98 17.41
CA PHE A 207 4.96 -11.20 18.32
C PHE A 207 4.74 -11.62 19.77
N LEU A 208 3.54 -12.11 20.09
CA LEU A 208 3.27 -12.55 21.45
C LEU A 208 4.11 -13.81 21.72
N LYS A 209 4.18 -14.68 20.71
CA LYS A 209 4.95 -15.90 20.83
C LYS A 209 6.42 -15.55 21.00
N TYR A 210 6.85 -14.51 20.27
CA TYR A 210 8.22 -14.02 20.28
C TYR A 210 8.63 -13.59 21.68
N LEU A 211 7.75 -12.81 22.33
CA LEU A 211 7.99 -12.34 23.69
C LEU A 211 8.21 -13.52 24.65
N GLU A 212 7.39 -14.54 24.49
CA GLU A 212 7.47 -15.73 25.34
C GLU A 212 8.79 -16.44 25.12
N HIS A 213 9.06 -16.80 23.86
CA HIS A 213 10.29 -17.51 23.48
C HIS A 213 11.56 -16.77 23.88
N ARG A 214 11.53 -15.45 23.80
CA ARG A 214 12.70 -14.67 24.17
C ARG A 214 12.79 -14.59 25.69
N GLY A 215 11.73 -15.03 26.36
CA GLY A 215 11.71 -15.01 27.81
C GLY A 215 11.44 -13.62 28.33
N LEU A 216 10.80 -12.79 27.51
CA LEU A 216 10.49 -11.41 27.90
C LEU A 216 9.21 -11.34 28.73
N LYS A 217 8.19 -12.09 28.34
CA LYS A 217 6.93 -12.08 29.06
C LYS A 217 6.15 -13.36 28.74
N ASP A 218 5.45 -13.89 29.74
CA ASP A 218 4.65 -15.09 29.52
C ASP A 218 3.30 -14.65 28.96
N THR A 219 3.17 -14.77 27.66
CA THR A 219 1.97 -14.36 26.93
C THR A 219 1.12 -15.57 26.56
N SER A 220 1.45 -16.72 27.14
CA SER A 220 0.76 -17.98 26.86
C SER A 220 -0.74 -17.99 27.14
N LYS A 221 -1.22 -17.09 27.98
CA LYS A 221 -2.65 -17.06 28.29
C LYS A 221 -3.42 -16.05 27.44
N GLN A 222 -2.74 -15.42 26.50
CA GLN A 222 -3.34 -14.43 25.62
C GLN A 222 -3.71 -15.00 24.26
N THR A 223 -4.94 -14.73 23.82
CA THR A 223 -5.40 -15.17 22.51
C THR A 223 -5.64 -13.89 21.73
N VAL A 224 -5.27 -13.91 20.46
CA VAL A 224 -5.47 -12.76 19.60
C VAL A 224 -6.68 -13.10 18.73
N TYR A 225 -7.69 -12.23 18.77
CA TYR A 225 -8.92 -12.43 18.01
C TYR A 225 -9.07 -11.37 16.93
N ALA A 226 -9.27 -11.80 15.69
CA ALA A 226 -9.49 -10.86 14.61
C ALA A 226 -10.92 -11.08 14.15
N PHE A 227 -11.78 -10.11 14.40
CA PHE A 227 -13.17 -10.24 13.98
C PHE A 227 -13.28 -9.57 12.61
N LEU A 228 -13.48 -10.40 11.59
CA LEU A 228 -13.55 -9.95 10.21
C LEU A 228 -14.90 -10.09 9.52
N GLY A 229 -15.04 -9.42 8.38
CA GLY A 229 -16.27 -9.52 7.61
C GLY A 229 -15.92 -10.40 6.43
N ASP A 230 -16.89 -11.01 5.77
CA ASP A 230 -16.53 -11.85 4.64
C ASP A 230 -16.18 -11.01 3.41
N GLY A 231 -16.80 -9.83 3.32
CA GLY A 231 -16.50 -8.95 2.21
C GLY A 231 -15.06 -8.48 2.30
N GLU A 232 -14.62 -8.19 3.53
CA GLU A 232 -13.27 -7.72 3.83
C GLU A 232 -12.17 -8.73 3.44
N MET A 233 -12.49 -10.01 3.46
CA MET A 233 -11.52 -11.04 3.10
C MET A 233 -11.05 -10.91 1.66
N ASP A 234 -11.75 -10.10 0.87
CA ASP A 234 -11.38 -9.90 -0.52
C ASP A 234 -10.13 -9.05 -0.58
N GLU A 235 -9.89 -8.24 0.44
CA GLU A 235 -8.70 -7.41 0.48
C GLU A 235 -7.55 -8.40 0.43
N PRO A 236 -6.55 -8.17 -0.43
CA PRO A 236 -5.37 -9.05 -0.57
C PRO A 236 -4.62 -9.30 0.74
N GLU A 237 -4.66 -8.31 1.63
CA GLU A 237 -3.98 -8.38 2.92
C GLU A 237 -4.69 -9.30 3.91
N SER A 238 -5.95 -9.61 3.64
CA SER A 238 -6.73 -10.48 4.52
C SER A 238 -6.30 -11.94 4.51
N LYS A 239 -6.04 -12.49 3.33
CA LYS A 239 -5.62 -13.89 3.19
C LYS A 239 -4.19 -13.97 2.63
N GLY A 240 -3.62 -12.81 2.35
CA GLY A 240 -2.28 -12.76 1.78
C GLY A 240 -1.16 -13.31 2.63
N ALA A 241 -1.34 -13.31 3.95
CA ALA A 241 -0.31 -13.79 4.85
C ALA A 241 -0.74 -14.95 5.75
N ILE A 242 -1.88 -15.56 5.47
CA ILE A 242 -2.35 -16.63 6.35
C ILE A 242 -1.45 -17.86 6.50
N THR A 243 -0.59 -18.16 5.51
CA THR A 243 0.26 -19.34 5.65
C THR A 243 1.27 -19.12 6.79
N ILE A 244 1.49 -17.86 7.14
CA ILE A 244 2.44 -17.52 8.19
C ILE A 244 1.98 -18.04 9.56
N ALA A 245 0.67 -18.10 9.75
CA ALA A 245 0.12 -18.56 11.01
C ALA A 245 0.35 -20.07 11.15
N THR A 246 0.47 -20.73 10.01
CA THR A 246 0.69 -22.17 9.98
C THR A 246 2.19 -22.39 10.19
N ARG A 247 3.01 -21.65 9.45
CA ARG A 247 4.45 -21.74 9.54
C ARG A 247 4.89 -21.60 10.98
N GLU A 248 4.34 -20.59 11.65
CA GLU A 248 4.66 -20.31 13.04
C GLU A 248 3.71 -20.95 14.03
N LYS A 249 2.84 -21.85 13.58
CA LYS A 249 1.91 -22.53 14.48
C LYS A 249 1.27 -21.58 15.49
N LEU A 250 0.61 -20.55 14.98
CA LEU A 250 0.00 -19.57 15.86
C LEU A 250 -1.33 -20.06 16.39
N ASP A 251 -1.29 -20.94 17.40
CA ASP A 251 -2.51 -21.45 17.99
C ASP A 251 -3.06 -20.50 19.04
N ASN A 252 -2.56 -19.26 19.00
CA ASN A 252 -3.02 -18.21 19.90
C ASN A 252 -3.74 -17.15 19.07
N LEU A 253 -4.06 -17.52 17.84
CA LEU A 253 -4.74 -16.63 16.91
C LEU A 253 -6.03 -17.25 16.42
N VAL A 254 -7.11 -16.50 16.52
CA VAL A 254 -8.41 -16.98 16.04
C VAL A 254 -8.99 -15.95 15.08
N PHE A 255 -9.30 -16.38 13.87
CA PHE A 255 -9.93 -15.50 12.89
C PHE A 255 -11.42 -15.82 13.00
N VAL A 256 -12.22 -14.79 13.25
CA VAL A 256 -13.67 -14.95 13.36
C VAL A 256 -14.28 -14.19 12.20
N ILE A 257 -14.54 -14.88 11.11
CA ILE A 257 -15.11 -14.25 9.95
C ILE A 257 -16.63 -14.30 10.02
N ASN A 258 -17.25 -13.13 10.02
CA ASN A 258 -18.70 -13.07 10.09
C ASN A 258 -19.21 -13.27 8.67
N CYS A 259 -19.71 -14.46 8.42
CA CYS A 259 -20.20 -14.78 7.08
C CYS A 259 -21.69 -14.50 6.90
N ASN A 260 -22.06 -13.24 6.70
CA ASN A 260 -23.47 -12.93 6.48
C ASN A 260 -23.73 -12.85 4.98
N LEU A 261 -22.74 -13.31 4.22
CA LEU A 261 -22.79 -13.39 2.75
C LEU A 261 -22.89 -12.09 1.98
N GLN A 262 -22.92 -10.97 2.70
CA GLN A 262 -23.02 -9.69 2.01
C GLN A 262 -21.93 -8.70 2.41
N ARG A 263 -21.56 -7.82 1.49
CA ARG A 263 -20.60 -6.77 1.80
C ARG A 263 -21.43 -5.50 1.87
N LEU A 264 -20.89 -4.37 1.44
CA LEU A 264 -21.64 -3.12 1.50
C LEU A 264 -22.74 -3.05 0.46
N ASP A 265 -22.37 -3.04 -0.81
CA ASP A 265 -23.35 -2.93 -1.88
C ASP A 265 -23.85 -4.25 -2.49
N GLY A 266 -23.81 -5.33 -1.71
CA GLY A 266 -24.28 -6.61 -2.23
C GLY A 266 -23.63 -7.82 -1.60
N PRO A 267 -23.89 -9.02 -2.15
CA PRO A 267 -23.29 -10.24 -1.58
C PRO A 267 -21.85 -10.39 -2.07
N VAL A 268 -21.01 -11.00 -1.23
CA VAL A 268 -19.61 -11.20 -1.59
C VAL A 268 -19.55 -11.94 -2.94
N THR A 269 -20.12 -13.13 -3.01
CA THR A 269 -20.13 -13.93 -4.24
C THR A 269 -21.52 -14.55 -4.35
N GLY A 270 -22.47 -13.79 -4.86
CA GLY A 270 -23.83 -14.29 -4.99
C GLY A 270 -23.95 -15.55 -5.82
N ASN A 271 -23.07 -15.71 -6.79
CA ASN A 271 -23.11 -16.87 -7.66
C ASN A 271 -22.36 -18.06 -7.10
N GLY A 272 -21.74 -17.89 -5.94
CA GLY A 272 -21.00 -18.98 -5.34
C GLY A 272 -21.33 -19.19 -3.88
N LYS A 273 -20.37 -19.75 -3.14
CA LYS A 273 -20.51 -20.03 -1.72
C LYS A 273 -19.25 -19.48 -1.05
N ILE A 274 -19.33 -18.25 -0.55
CA ILE A 274 -18.16 -17.62 0.06
C ILE A 274 -17.60 -18.42 1.25
N ILE A 275 -18.46 -19.07 2.01
CA ILE A 275 -17.99 -19.84 3.15
C ILE A 275 -17.20 -21.05 2.67
N ASN A 276 -17.53 -21.57 1.50
CA ASN A 276 -16.81 -22.73 0.98
C ASN A 276 -15.46 -22.32 0.39
N GLU A 277 -15.42 -21.11 -0.18
CA GLU A 277 -14.17 -20.59 -0.74
C GLU A 277 -13.20 -20.30 0.41
N LEU A 278 -13.73 -19.72 1.47
CA LEU A 278 -12.95 -19.38 2.65
C LEU A 278 -12.37 -20.64 3.27
N GLU A 279 -13.22 -21.64 3.44
CA GLU A 279 -12.81 -22.92 4.02
C GLU A 279 -11.72 -23.57 3.19
N GLY A 280 -11.96 -23.62 1.88
CA GLY A 280 -11.00 -24.22 0.99
C GLY A 280 -9.61 -23.62 1.00
N ILE A 281 -9.52 -22.29 1.04
CA ILE A 281 -8.20 -21.69 1.05
C ILE A 281 -7.54 -21.72 2.43
N PHE A 282 -8.31 -21.52 3.50
CA PHE A 282 -7.75 -21.54 4.85
C PHE A 282 -7.35 -22.97 5.23
N GLU A 283 -8.06 -23.94 4.70
CA GLU A 283 -7.76 -25.35 4.94
C GLU A 283 -6.48 -25.68 4.17
N GLY A 284 -6.40 -25.17 2.95
CA GLY A 284 -5.22 -25.39 2.13
C GLY A 284 -4.01 -24.71 2.74
N ALA A 285 -4.25 -23.63 3.48
CA ALA A 285 -3.18 -22.87 4.15
C ALA A 285 -2.82 -23.52 5.49
N GLY A 286 -3.42 -24.67 5.78
CA GLY A 286 -3.14 -25.40 7.01
C GLY A 286 -3.84 -24.93 8.26
N TRP A 287 -4.86 -24.09 8.11
CA TRP A 287 -5.59 -23.57 9.28
C TRP A 287 -6.67 -24.54 9.77
N ASN A 288 -7.00 -24.43 11.05
CA ASN A 288 -8.06 -25.27 11.61
C ASN A 288 -9.35 -24.53 11.26
N VAL A 289 -10.18 -25.12 10.42
CA VAL A 289 -11.42 -24.49 9.99
C VAL A 289 -12.69 -25.00 10.70
N ILE A 290 -13.39 -24.10 11.37
CA ILE A 290 -14.63 -24.45 12.06
C ILE A 290 -15.80 -23.68 11.45
N LYS A 291 -16.69 -24.39 10.77
CA LYS A 291 -17.85 -23.77 10.17
C LYS A 291 -19.06 -23.79 11.11
N VAL A 292 -19.61 -22.62 11.41
CA VAL A 292 -20.79 -22.51 12.27
C VAL A 292 -21.93 -22.12 11.34
N MET A 293 -22.54 -23.14 10.74
CA MET A 293 -23.60 -22.99 9.76
C MET A 293 -25.05 -22.86 10.20
N TRP A 294 -25.50 -23.81 11.02
CA TRP A 294 -26.90 -23.82 11.44
C TRP A 294 -27.17 -23.89 12.93
N GLY A 295 -28.35 -23.43 13.32
CA GLY A 295 -28.73 -23.45 14.72
C GLY A 295 -29.25 -24.82 15.13
N SER A 296 -29.45 -25.00 16.42
CA SER A 296 -29.92 -26.27 16.97
C SER A 296 -31.22 -26.81 16.37
N ARG A 297 -32.04 -25.92 15.80
CA ARG A 297 -33.31 -26.31 15.20
C ARG A 297 -33.14 -27.29 14.05
N TRP A 298 -32.00 -27.19 13.37
CA TRP A 298 -31.68 -28.05 12.24
C TRP A 298 -31.21 -29.42 12.70
N ASP A 299 -30.76 -29.49 13.95
CA ASP A 299 -30.25 -30.73 14.52
C ASP A 299 -31.09 -31.99 14.30
N GLU A 300 -32.38 -31.93 14.60
CA GLU A 300 -33.22 -33.11 14.41
C GLU A 300 -33.65 -33.27 12.96
N LEU A 301 -33.60 -32.18 12.21
CA LEU A 301 -33.96 -32.20 10.81
C LEU A 301 -32.91 -33.01 10.03
N LEU A 302 -31.65 -32.70 10.26
CA LEU A 302 -30.56 -33.41 9.59
C LEU A 302 -30.51 -34.85 10.08
N ARG A 303 -30.68 -35.02 11.38
CA ARG A 303 -30.65 -36.34 11.99
C ARG A 303 -31.75 -37.18 11.34
N LYS A 304 -32.88 -36.53 11.08
CA LYS A 304 -34.01 -37.19 10.45
C LYS A 304 -33.68 -37.63 9.02
N ASP A 305 -33.15 -36.70 8.24
CA ASP A 305 -32.77 -36.91 6.85
C ASP A 305 -31.78 -38.06 6.65
N THR A 306 -32.28 -39.25 6.34
CA THR A 306 -31.42 -40.42 6.11
C THR A 306 -31.03 -40.53 4.64
N SER A 307 -31.74 -39.78 3.79
CA SER A 307 -31.50 -39.80 2.35
C SER A 307 -30.29 -38.94 1.98
N GLY A 308 -29.81 -38.15 2.92
CA GLY A 308 -28.68 -37.28 2.66
C GLY A 308 -29.03 -36.20 1.65
N LYS A 309 -30.32 -35.95 1.48
CA LYS A 309 -30.80 -34.94 0.54
C LYS A 309 -30.74 -33.52 1.08
N LEU A 310 -30.82 -33.35 2.40
CA LEU A 310 -30.74 -32.01 3.00
C LEU A 310 -29.32 -31.50 2.77
N ILE A 311 -28.34 -32.34 3.10
CA ILE A 311 -26.93 -31.99 2.92
C ILE A 311 -26.70 -31.55 1.48
N GLN A 312 -27.26 -32.30 0.54
CA GLN A 312 -27.13 -32.01 -0.88
C GLN A 312 -27.72 -30.66 -1.23
N LEU A 313 -28.96 -30.44 -0.82
CA LEU A 313 -29.63 -29.18 -1.10
C LEU A 313 -28.81 -28.05 -0.48
N MET A 314 -28.45 -28.22 0.79
CA MET A 314 -27.65 -27.23 1.50
C MET A 314 -26.34 -27.00 0.76
N ASN A 315 -25.74 -28.09 0.30
CA ASN A 315 -24.47 -28.04 -0.41
C ASN A 315 -24.57 -27.39 -1.78
N GLU A 316 -25.63 -27.72 -2.52
CA GLU A 316 -25.80 -27.18 -3.86
C GLU A 316 -26.39 -25.77 -3.95
N THR A 317 -27.07 -25.32 -2.90
CA THR A 317 -27.66 -23.97 -2.93
C THR A 317 -26.56 -22.92 -2.89
N VAL A 318 -26.72 -21.87 -3.69
CA VAL A 318 -25.74 -20.81 -3.77
C VAL A 318 -26.08 -19.60 -2.91
N ASP A 319 -25.05 -18.84 -2.53
CA ASP A 319 -25.19 -17.67 -1.68
C ASP A 319 -26.41 -16.79 -1.99
N GLY A 320 -26.51 -16.34 -3.24
CA GLY A 320 -27.62 -15.50 -3.65
C GLY A 320 -28.98 -16.08 -3.31
N ASP A 321 -29.14 -17.39 -3.54
CA ASP A 321 -30.40 -18.08 -3.27
C ASP A 321 -30.69 -17.99 -1.78
N TYR A 322 -29.74 -18.44 -0.97
CA TYR A 322 -29.88 -18.43 0.48
C TYR A 322 -30.25 -17.04 0.95
N GLN A 323 -29.68 -16.03 0.32
CA GLN A 323 -29.95 -14.65 0.69
C GLN A 323 -31.38 -14.26 0.35
N THR A 324 -31.91 -14.84 -0.72
CA THR A 324 -33.27 -14.58 -1.15
C THR A 324 -34.26 -15.21 -0.18
N PHE A 325 -34.04 -16.47 0.16
CA PHE A 325 -34.91 -17.15 1.10
C PHE A 325 -35.08 -16.24 2.31
N LYS A 326 -33.94 -15.81 2.85
CA LYS A 326 -33.89 -14.94 4.01
C LYS A 326 -34.82 -13.72 3.92
N SER A 327 -35.17 -13.32 2.71
CA SER A 327 -36.04 -12.16 2.53
C SER A 327 -37.48 -12.58 2.23
N LYS A 328 -37.75 -13.87 2.29
CA LYS A 328 -39.08 -14.39 2.01
C LYS A 328 -39.86 -14.74 3.27
N ASP A 329 -40.45 -15.92 3.27
CA ASP A 329 -41.24 -16.41 4.39
C ASP A 329 -41.21 -17.94 4.41
N GLY A 330 -41.63 -18.52 5.53
CA GLY A 330 -41.64 -19.97 5.64
C GLY A 330 -42.20 -20.67 4.42
N ALA A 331 -43.16 -20.02 3.76
CA ALA A 331 -43.79 -20.58 2.56
C ALA A 331 -42.80 -20.72 1.41
N TYR A 332 -42.06 -19.65 1.15
CA TYR A 332 -41.07 -19.64 0.09
C TYR A 332 -40.01 -20.72 0.31
N VAL A 333 -39.45 -20.73 1.51
CA VAL A 333 -38.41 -21.70 1.87
C VAL A 333 -38.89 -23.12 1.64
N ARG A 334 -39.91 -23.53 2.39
CA ARG A 334 -40.48 -24.86 2.28
C ARG A 334 -40.75 -25.25 0.83
N GLU A 335 -41.14 -24.26 0.03
CA GLU A 335 -41.46 -24.49 -1.38
C GLU A 335 -40.25 -24.48 -2.29
N HIS A 336 -39.51 -23.38 -2.28
CA HIS A 336 -38.35 -23.27 -3.13
C HIS A 336 -37.13 -24.01 -2.60
N PHE A 337 -36.82 -23.79 -1.32
CA PHE A 337 -35.68 -24.48 -0.72
C PHE A 337 -36.01 -25.94 -0.49
N PHE A 338 -36.74 -26.19 0.59
CA PHE A 338 -37.14 -27.54 0.96
C PHE A 338 -37.92 -28.25 -0.13
N GLY A 339 -38.55 -27.48 -1.02
CA GLY A 339 -39.33 -28.08 -2.09
C GLY A 339 -38.57 -28.61 -3.29
N LYS A 340 -37.24 -28.55 -3.25
CA LYS A 340 -36.41 -29.05 -4.34
C LYS A 340 -36.59 -30.54 -4.56
N TYR A 341 -36.51 -31.30 -3.48
CA TYR A 341 -36.65 -32.74 -3.53
C TYR A 341 -37.73 -33.17 -2.55
N PRO A 342 -38.49 -34.22 -2.90
CA PRO A 342 -39.54 -34.69 -1.98
C PRO A 342 -38.96 -35.06 -0.64
N GLU A 343 -37.83 -35.77 -0.66
CA GLU A 343 -37.16 -36.20 0.56
C GLU A 343 -36.93 -35.05 1.54
N THR A 344 -36.67 -33.86 1.00
CA THR A 344 -36.45 -32.70 1.85
C THR A 344 -37.78 -32.04 2.20
N ALA A 345 -38.64 -31.87 1.21
CA ALA A 345 -39.96 -31.26 1.44
C ALA A 345 -40.71 -32.10 2.47
N ALA A 346 -40.49 -33.41 2.43
CA ALA A 346 -41.12 -34.34 3.33
C ALA A 346 -40.58 -34.25 4.75
N LEU A 347 -39.49 -33.51 4.92
CA LEU A 347 -38.92 -33.34 6.25
C LEU A 347 -39.71 -32.28 7.00
N VAL A 348 -39.97 -31.17 6.33
CA VAL A 348 -40.71 -30.06 6.92
C VAL A 348 -42.18 -30.15 6.56
N ALA A 349 -42.55 -31.23 5.87
CA ALA A 349 -43.94 -31.41 5.47
C ALA A 349 -44.86 -31.17 6.66
N ASP A 350 -44.44 -31.67 7.83
CA ASP A 350 -45.22 -31.52 9.06
C ASP A 350 -44.71 -30.32 9.83
N TRP A 351 -44.30 -29.29 9.10
CA TRP A 351 -43.77 -28.09 9.71
C TRP A 351 -44.60 -26.86 9.39
N THR A 352 -45.00 -26.13 10.41
CA THR A 352 -45.75 -24.91 10.20
C THR A 352 -44.77 -23.99 9.47
N ASP A 353 -45.26 -23.23 8.49
CA ASP A 353 -44.37 -22.34 7.75
C ASP A 353 -43.60 -21.44 8.72
N GLU A 354 -44.16 -21.23 9.89
CA GLU A 354 -43.55 -20.40 10.92
C GLU A 354 -42.48 -21.21 11.63
N GLN A 355 -42.58 -22.53 11.54
CA GLN A 355 -41.61 -23.43 12.16
C GLN A 355 -40.41 -23.46 11.22
N ILE A 356 -40.69 -23.41 9.92
CA ILE A 356 -39.68 -23.42 8.88
C ILE A 356 -38.89 -22.11 8.95
N TRP A 357 -39.63 -21.01 8.93
CA TRP A 357 -39.04 -19.69 9.00
C TRP A 357 -38.33 -19.45 10.33
N ALA A 358 -38.43 -20.40 11.24
CA ALA A 358 -37.79 -20.28 12.55
C ALA A 358 -36.35 -20.80 12.55
N LEU A 359 -36.03 -21.65 11.57
CA LEU A 359 -34.70 -22.21 11.46
C LEU A 359 -33.71 -21.06 11.29
N ASN A 360 -32.71 -21.00 12.18
CA ASN A 360 -31.72 -19.93 12.14
C ASN A 360 -30.31 -20.36 11.74
N ARG A 361 -29.50 -19.38 11.35
CA ARG A 361 -28.12 -19.61 10.96
C ARG A 361 -27.31 -19.83 12.24
N GLY A 362 -26.27 -20.66 12.15
CA GLY A 362 -25.47 -20.96 13.32
C GLY A 362 -24.85 -19.81 14.08
N GLY A 363 -24.55 -18.73 13.36
CA GLY A 363 -23.94 -17.57 14.01
C GLY A 363 -24.89 -16.82 14.91
N HIS A 364 -26.12 -17.31 15.02
CA HIS A 364 -27.09 -16.66 15.87
C HIS A 364 -27.45 -17.56 17.05
N ASP A 365 -26.84 -18.74 17.08
CA ASP A 365 -27.09 -19.71 18.15
C ASP A 365 -25.91 -19.75 19.09
N PRO A 366 -26.10 -19.27 20.32
CA PRO A 366 -25.01 -19.27 21.31
C PRO A 366 -24.38 -20.64 21.52
N LYS A 367 -25.19 -21.68 21.61
CA LYS A 367 -24.68 -23.02 21.83
C LYS A 367 -23.74 -23.47 20.72
N LYS A 368 -24.07 -23.10 19.47
CA LYS A 368 -23.26 -23.44 18.32
C LYS A 368 -22.01 -22.55 18.26
N ILE A 369 -22.15 -21.31 18.73
CA ILE A 369 -21.04 -20.36 18.74
C ILE A 369 -20.03 -20.80 19.81
N TYR A 370 -20.52 -21.17 20.98
CA TYR A 370 -19.67 -21.62 22.08
C TYR A 370 -18.78 -22.80 21.72
N ALA A 371 -19.36 -23.79 21.07
CA ALA A 371 -18.62 -24.99 20.67
C ALA A 371 -17.42 -24.63 19.79
N ALA A 372 -17.62 -23.69 18.86
CA ALA A 372 -16.56 -23.25 17.97
C ALA A 372 -15.44 -22.51 18.71
N PHE A 373 -15.80 -21.62 19.64
CA PHE A 373 -14.78 -20.90 20.38
C PHE A 373 -14.09 -21.77 21.41
N LYS A 374 -14.82 -22.74 21.95
CA LYS A 374 -14.22 -23.64 22.93
C LYS A 374 -13.23 -24.53 22.20
N LYS A 375 -13.62 -25.01 21.02
CA LYS A 375 -12.76 -25.86 20.21
C LYS A 375 -11.50 -25.10 19.78
N ALA A 376 -11.68 -23.85 19.35
CA ALA A 376 -10.55 -23.03 18.93
C ALA A 376 -9.60 -22.88 20.11
N GLN A 377 -10.19 -22.69 21.28
CA GLN A 377 -9.44 -22.53 22.52
C GLN A 377 -8.62 -23.77 22.88
N GLU A 378 -9.10 -24.95 22.51
CA GLU A 378 -8.42 -26.20 22.81
C GLU A 378 -7.34 -26.59 21.80
N THR A 379 -7.51 -26.12 20.57
CA THR A 379 -6.59 -26.42 19.47
C THR A 379 -5.19 -25.83 19.59
N LYS A 380 -4.20 -26.70 19.37
CA LYS A 380 -2.78 -26.37 19.44
C LYS A 380 -2.10 -26.73 18.11
N GLY A 381 -0.95 -26.12 17.87
CA GLY A 381 -0.19 -26.43 16.67
C GLY A 381 -0.53 -25.62 15.44
N LYS A 382 -1.63 -24.88 15.50
CA LYS A 382 -2.03 -24.08 14.35
C LYS A 382 -3.14 -23.11 14.70
N ALA A 383 -3.41 -22.19 13.78
CA ALA A 383 -4.47 -21.21 14.00
C ALA A 383 -5.82 -21.76 13.57
N THR A 384 -6.86 -21.17 14.13
CA THR A 384 -8.22 -21.59 13.83
C THR A 384 -8.98 -20.42 13.25
N VAL A 385 -9.83 -20.74 12.29
CA VAL A 385 -10.66 -19.73 11.68
C VAL A 385 -12.08 -20.20 11.85
N ILE A 386 -12.91 -19.36 12.44
CA ILE A 386 -14.31 -19.67 12.65
C ILE A 386 -15.13 -18.92 11.59
N LEU A 387 -15.88 -19.67 10.78
CA LEU A 387 -16.72 -19.08 9.76
C LEU A 387 -18.14 -19.12 10.31
N ALA A 388 -18.57 -18.00 10.89
CA ALA A 388 -19.89 -17.84 11.49
C ALA A 388 -20.94 -17.37 10.49
N HIS A 389 -21.95 -18.20 10.28
CA HIS A 389 -23.06 -17.95 9.37
C HIS A 389 -24.11 -17.05 10.04
N THR A 390 -24.29 -15.82 9.55
CA THR A 390 -25.25 -14.91 10.14
C THR A 390 -26.15 -14.20 9.11
N ILE A 391 -27.07 -13.39 9.63
CA ILE A 391 -28.01 -12.64 8.80
C ILE A 391 -27.75 -11.15 8.99
N LYS A 392 -27.38 -10.45 7.92
CA LYS A 392 -27.11 -9.01 8.03
C LYS A 392 -28.43 -8.28 8.26
N GLY A 393 -28.46 -7.38 9.25
CA GLY A 393 -29.69 -6.66 9.53
C GLY A 393 -30.67 -7.56 10.27
N TYR A 394 -30.12 -8.58 10.92
CA TYR A 394 -30.88 -9.56 11.68
C TYR A 394 -31.90 -8.92 12.61
N GLY A 395 -33.15 -9.39 12.55
CA GLY A 395 -34.20 -8.86 13.40
C GLY A 395 -34.59 -7.41 13.18
N MET A 396 -34.15 -6.83 12.08
CA MET A 396 -34.46 -5.44 11.77
C MET A 396 -35.60 -5.44 10.79
N GLY A 397 -35.77 -6.59 10.14
CA GLY A 397 -36.82 -6.76 9.15
C GLY A 397 -36.89 -5.56 8.24
N ASP A 398 -37.84 -4.69 8.55
CA ASP A 398 -38.08 -3.46 7.80
C ASP A 398 -36.80 -2.85 7.25
N ALA A 399 -35.82 -2.64 8.12
CA ALA A 399 -34.54 -2.06 7.74
C ALA A 399 -33.76 -2.94 6.78
N ALA A 400 -33.09 -3.96 7.34
CA ALA A 400 -32.29 -4.89 6.54
C ALA A 400 -32.75 -6.34 6.76
N MET A 414 -39.97 4.84 13.13
CA MET A 414 -40.56 4.55 14.48
C MET A 414 -41.35 3.24 14.44
N ASP A 415 -41.76 2.82 13.26
CA ASP A 415 -42.49 1.57 13.12
C ASP A 415 -41.39 0.49 13.13
N GLY A 416 -40.25 0.86 12.57
CA GLY A 416 -39.13 -0.05 12.54
C GLY A 416 -38.52 -0.12 13.93
N VAL A 417 -38.63 0.97 14.68
CA VAL A 417 -38.10 1.01 16.04
C VAL A 417 -39.00 0.18 16.96
N ARG A 418 -40.30 0.25 16.73
CA ARG A 418 -41.26 -0.52 17.52
C ARG A 418 -41.04 -1.99 17.20
N HIS A 419 -40.68 -2.26 15.94
CA HIS A 419 -40.41 -3.61 15.47
C HIS A 419 -39.26 -4.29 16.23
N ILE A 420 -38.11 -3.63 16.33
CA ILE A 420 -36.99 -4.25 17.03
C ILE A 420 -37.27 -4.31 18.51
N ARG A 421 -38.04 -3.34 19.02
CA ARG A 421 -38.39 -3.33 20.44
C ARG A 421 -39.19 -4.61 20.73
N ASP A 422 -40.13 -4.91 19.84
CA ASP A 422 -40.95 -6.10 20.00
C ASP A 422 -40.08 -7.32 19.71
N ARG A 423 -39.43 -7.31 18.55
CA ARG A 423 -38.56 -8.41 18.11
C ARG A 423 -37.61 -8.94 19.16
N PHE A 424 -36.99 -8.05 19.93
CA PHE A 424 -36.05 -8.49 20.94
C PHE A 424 -36.55 -8.31 22.36
N ASN A 425 -37.88 -8.17 22.47
CA ASN A 425 -38.52 -8.03 23.77
C ASN A 425 -37.74 -7.06 24.64
N VAL A 426 -37.53 -5.86 24.12
CA VAL A 426 -36.78 -4.83 24.83
C VAL A 426 -37.66 -4.11 25.86
N PRO A 427 -37.13 -3.96 27.10
CA PRO A 427 -37.84 -3.29 28.19
C PRO A 427 -38.03 -1.78 28.04
N VAL A 428 -38.77 -1.39 27.01
CA VAL A 428 -39.06 0.01 26.79
C VAL A 428 -40.56 0.05 26.54
N SER A 429 -41.26 0.89 27.29
CA SER A 429 -42.70 1.00 27.15
C SER A 429 -43.10 1.89 25.98
N ASP A 430 -44.36 1.80 25.58
CA ASP A 430 -44.84 2.61 24.47
C ASP A 430 -44.78 4.09 24.81
N ALA A 431 -44.70 4.39 26.10
CA ALA A 431 -44.66 5.78 26.57
C ALA A 431 -43.25 6.37 26.51
N ASP A 432 -42.25 5.50 26.42
CA ASP A 432 -40.85 5.92 26.36
C ASP A 432 -40.21 5.72 25.01
N ILE A 433 -40.72 4.75 24.25
CA ILE A 433 -40.16 4.40 22.95
C ILE A 433 -39.85 5.56 21.98
N GLU A 434 -40.69 6.57 21.93
CA GLU A 434 -40.46 7.67 21.01
C GLU A 434 -39.33 8.58 21.50
N LYS A 435 -38.90 8.39 22.74
CA LYS A 435 -37.81 9.18 23.29
C LYS A 435 -36.45 8.56 22.93
N LEU A 436 -36.50 7.42 22.23
CA LEU A 436 -35.29 6.69 21.84
C LEU A 436 -34.38 6.61 23.06
N PRO A 437 -34.88 6.03 24.16
CA PRO A 437 -34.07 5.93 25.38
C PRO A 437 -33.06 4.80 25.42
N TYR A 438 -32.03 5.01 26.23
CA TYR A 438 -30.99 4.02 26.42
C TYR A 438 -31.49 3.16 27.59
N ILE A 439 -31.15 1.88 27.59
CA ILE A 439 -31.55 0.97 28.65
C ILE A 439 -30.38 0.76 29.60
N THR A 440 -30.67 0.69 30.89
CA THR A 440 -29.64 0.43 31.89
C THR A 440 -30.16 -0.64 32.85
N PHE A 441 -29.23 -1.35 33.48
CA PHE A 441 -29.60 -2.38 34.43
C PHE A 441 -29.20 -1.91 35.82
N PRO A 442 -30.18 -1.78 36.72
CA PRO A 442 -29.88 -1.31 38.07
C PRO A 442 -29.00 -2.25 38.87
N GLU A 443 -28.28 -1.69 39.82
CA GLU A 443 -27.42 -2.46 40.70
C GLU A 443 -28.37 -3.34 41.50
N GLY A 444 -28.13 -4.65 41.50
CA GLY A 444 -29.00 -5.54 42.24
C GLY A 444 -29.90 -6.33 41.32
N SER A 445 -30.03 -5.87 40.07
CA SER A 445 -30.85 -6.57 39.10
C SER A 445 -30.13 -7.81 38.59
N GLU A 446 -30.91 -8.83 38.24
CA GLU A 446 -30.35 -10.08 37.72
C GLU A 446 -29.37 -9.81 36.57
N GLU A 447 -29.80 -8.99 35.63
CA GLU A 447 -29.00 -8.63 34.47
C GLU A 447 -27.69 -7.94 34.84
N HIS A 448 -27.78 -6.97 35.74
CA HIS A 448 -26.62 -6.21 36.18
C HIS A 448 -25.59 -7.13 36.86
N THR A 449 -26.11 -8.04 37.68
CA THR A 449 -25.28 -8.99 38.42
C THR A 449 -24.46 -9.89 37.49
N TYR A 450 -25.15 -10.56 36.58
CA TYR A 450 -24.55 -11.49 35.62
C TYR A 450 -23.56 -10.84 34.66
N LEU A 451 -23.94 -9.68 34.13
CA LEU A 451 -23.11 -8.92 33.20
C LEU A 451 -21.73 -8.69 33.80
N HIS A 452 -21.70 -8.22 35.05
CA HIS A 452 -20.46 -7.93 35.73
C HIS A 452 -19.77 -9.20 36.26
N ALA A 453 -20.59 -10.17 36.67
CA ALA A 453 -20.06 -11.42 37.21
C ALA A 453 -19.24 -12.14 36.15
N GLN A 454 -19.77 -12.20 34.93
CA GLN A 454 -19.08 -12.88 33.86
C GLN A 454 -17.77 -12.18 33.52
N ARG A 455 -17.80 -10.85 33.49
CA ARG A 455 -16.61 -10.07 33.17
C ARG A 455 -15.56 -10.14 34.27
N GLN A 456 -15.99 -10.10 35.53
CA GLN A 456 -15.06 -10.17 36.63
C GLN A 456 -14.33 -11.50 36.61
N LYS A 457 -15.06 -12.56 36.27
CA LYS A 457 -14.48 -13.90 36.19
C LYS A 457 -13.48 -13.94 35.05
N LEU A 458 -13.59 -12.97 34.14
CA LEU A 458 -12.69 -12.91 32.99
C LEU A 458 -11.70 -11.77 33.09
N HIS A 459 -11.48 -11.32 34.32
CA HIS A 459 -10.51 -10.27 34.64
C HIS A 459 -10.89 -8.81 34.42
N GLY A 460 -12.16 -8.53 34.22
CA GLY A 460 -12.55 -7.14 34.05
C GLY A 460 -13.19 -6.81 32.72
N TYR A 461 -12.96 -5.59 32.25
CA TYR A 461 -13.58 -5.15 31.00
C TYR A 461 -12.63 -4.78 29.88
N LEU A 462 -13.12 -4.96 28.66
CA LEU A 462 -12.39 -4.62 27.45
C LEU A 462 -13.43 -4.17 26.40
N PRO A 463 -13.01 -3.36 25.41
CA PRO A 463 -11.64 -2.88 25.22
C PRO A 463 -11.25 -1.83 26.24
N SER A 464 -9.97 -1.80 26.55
CA SER A 464 -9.41 -0.85 27.49
C SER A 464 -7.98 -0.67 27.01
N ARG A 465 -7.35 0.46 27.32
CA ARG A 465 -5.98 0.71 26.89
C ARG A 465 -5.18 1.54 27.89
N GLN A 466 -3.92 1.16 28.06
CA GLN A 466 -3.00 1.87 28.94
C GLN A 466 -2.05 2.61 27.99
N PRO A 467 -2.16 3.95 27.93
CA PRO A 467 -1.33 4.80 27.07
C PRO A 467 0.16 4.88 27.40
N ASN A 468 0.52 4.63 28.64
CA ASN A 468 1.93 4.73 29.04
C ASN A 468 2.39 3.48 29.78
N PHE A 469 3.61 3.03 29.48
CA PHE A 469 4.16 1.86 30.16
C PHE A 469 4.62 2.30 31.54
N THR A 470 4.58 1.40 32.52
CA THR A 470 4.94 1.76 33.88
C THR A 470 6.41 1.77 34.24
N GLU A 471 7.20 0.86 33.70
CA GLU A 471 8.61 0.82 34.06
C GLU A 471 9.43 2.01 33.59
N LYS A 472 10.55 2.21 34.27
CA LYS A 472 11.48 3.29 33.96
C LYS A 472 12.69 2.65 33.29
N LEU A 473 12.99 3.07 32.06
CA LEU A 473 14.13 2.51 31.36
C LEU A 473 15.35 3.38 31.58
N GLU A 474 16.51 2.74 31.65
CA GLU A 474 17.77 3.46 31.84
C GLU A 474 18.40 3.50 30.47
N LEU A 475 18.05 4.53 29.71
CA LEU A 475 18.51 4.71 28.33
C LEU A 475 19.94 5.17 28.16
N PRO A 476 20.55 4.79 27.02
CA PRO A 476 21.93 5.20 26.76
C PRO A 476 21.98 6.70 26.52
N SER A 477 22.97 7.34 27.11
CA SER A 477 23.15 8.77 26.97
C SER A 477 23.74 8.99 25.58
N LEU A 478 23.87 10.25 25.19
CA LEU A 478 24.44 10.56 23.89
C LEU A 478 25.91 10.19 23.92
N GLN A 479 26.55 10.45 25.06
CA GLN A 479 27.96 10.15 25.28
C GLN A 479 28.23 8.69 24.90
N ASP A 480 27.25 7.83 25.18
CA ASP A 480 27.37 6.41 24.88
C ASP A 480 27.50 6.22 23.37
N PHE A 481 27.14 7.27 22.63
CA PHE A 481 27.22 7.24 21.18
C PHE A 481 28.43 8.05 20.76
N GLY A 482 29.40 8.12 21.67
CA GLY A 482 30.62 8.90 21.43
C GLY A 482 31.39 8.65 20.16
N ALA A 483 31.73 7.40 19.89
CA ALA A 483 32.50 7.06 18.70
C ALA A 483 31.86 7.56 17.41
N LEU A 484 30.52 7.65 17.40
CA LEU A 484 29.80 8.10 16.22
C LEU A 484 29.82 9.63 16.10
N LEU A 485 30.09 10.31 17.21
CA LEU A 485 30.14 11.76 17.21
C LEU A 485 31.48 12.26 16.70
N GLU A 486 32.46 11.37 16.65
CA GLU A 486 33.79 11.73 16.19
C GLU A 486 33.97 11.46 14.71
N GLU A 487 35.01 12.06 14.12
CA GLU A 487 35.30 11.87 12.71
C GLU A 487 35.67 10.42 12.46
N GLN A 488 35.24 9.88 11.33
CA GLN A 488 35.51 8.49 10.98
C GLN A 488 36.76 8.33 10.12
N SER A 489 37.57 7.34 10.48
CA SER A 489 38.80 7.03 9.77
C SER A 489 38.45 6.41 8.42
N LYS A 490 37.50 5.47 8.43
CA LYS A 490 37.07 4.82 7.20
C LYS A 490 35.88 5.60 6.64
N GLU A 491 35.63 5.43 5.36
CA GLU A 491 34.50 6.09 4.73
C GLU A 491 33.34 5.14 4.90
N ILE A 492 32.29 5.62 5.55
CA ILE A 492 31.10 4.81 5.80
C ILE A 492 29.84 5.56 5.37
N SER A 493 28.71 4.91 5.56
CA SER A 493 27.43 5.51 5.20
C SER A 493 26.57 5.70 6.44
N THR A 494 25.46 6.41 6.28
CA THR A 494 24.56 6.65 7.40
C THR A 494 23.89 5.35 7.85
N THR A 495 23.94 4.33 6.99
CA THR A 495 23.35 3.04 7.32
C THR A 495 24.29 2.29 8.27
N ILE A 496 25.59 2.38 7.97
CA ILE A 496 26.59 1.74 8.80
C ILE A 496 26.54 2.45 10.14
N ALA A 497 26.30 3.75 10.10
CA ALA A 497 26.18 4.56 11.32
C ALA A 497 24.99 4.06 12.14
N PHE A 498 23.90 3.71 11.45
CA PHE A 498 22.69 3.19 12.09
C PHE A 498 22.95 1.86 12.77
N VAL A 499 23.57 0.93 12.04
CA VAL A 499 23.88 -0.38 12.59
C VAL A 499 24.77 -0.24 13.81
N ARG A 500 25.67 0.74 13.76
CA ARG A 500 26.59 1.01 14.86
C ARG A 500 25.87 1.61 16.06
N ALA A 501 24.85 2.45 15.79
CA ALA A 501 24.09 3.02 16.89
C ALA A 501 23.28 1.90 17.53
N LEU A 502 22.88 0.91 16.72
CA LEU A 502 22.11 -0.23 17.22
C LEU A 502 22.97 -1.01 18.20
N ASN A 503 24.24 -1.20 17.84
CA ASN A 503 25.18 -1.92 18.68
C ASN A 503 25.42 -1.21 20.00
N VAL A 504 25.39 0.11 19.97
CA VAL A 504 25.57 0.89 21.19
C VAL A 504 24.38 0.59 22.11
N MET A 505 23.22 0.44 21.50
CA MET A 505 21.99 0.14 22.23
C MET A 505 21.98 -1.31 22.70
N LEU A 506 22.67 -2.17 21.94
CA LEU A 506 22.75 -3.58 22.26
C LEU A 506 23.69 -3.82 23.45
N LYS A 507 24.37 -2.78 23.87
CA LYS A 507 25.27 -2.90 25.02
C LYS A 507 24.59 -2.34 26.25
N ASN A 508 23.48 -1.63 26.05
CA ASN A 508 22.74 -1.05 27.15
C ASN A 508 21.90 -2.13 27.84
N LYS A 509 22.24 -2.42 29.09
CA LYS A 509 21.57 -3.44 29.89
C LYS A 509 20.05 -3.33 29.92
N SER A 510 19.57 -2.10 30.15
CA SER A 510 18.14 -1.82 30.26
C SER A 510 17.29 -2.12 29.03
N ILE A 511 17.75 -1.70 27.86
CA ILE A 511 16.99 -1.90 26.63
C ILE A 511 17.55 -2.91 25.65
N LYS A 512 18.73 -3.46 25.93
CA LYS A 512 19.32 -4.39 24.99
C LYS A 512 18.42 -5.52 24.52
N ASP A 513 17.67 -6.13 25.44
CA ASP A 513 16.78 -7.22 25.02
C ASP A 513 15.40 -6.73 24.58
N ARG A 514 15.15 -5.42 24.68
CA ARG A 514 13.88 -4.82 24.28
C ARG A 514 13.93 -4.40 22.80
N LEU A 515 15.13 -4.32 22.25
CA LEU A 515 15.31 -3.93 20.86
C LEU A 515 14.79 -5.00 19.90
N VAL A 516 14.11 -4.57 18.85
CA VAL A 516 13.57 -5.49 17.88
C VAL A 516 13.93 -5.12 16.45
N PRO A 517 15.13 -5.53 15.99
CA PRO A 517 15.58 -5.24 14.64
C PRO A 517 14.74 -6.06 13.69
N ILE A 518 14.17 -5.43 12.66
CA ILE A 518 13.33 -6.14 11.72
C ILE A 518 13.86 -6.01 10.29
N ILE A 519 13.84 -7.13 9.58
CA ILE A 519 14.32 -7.20 8.21
C ILE A 519 13.30 -7.91 7.32
N ALA A 520 13.30 -7.55 6.04
CA ALA A 520 12.41 -8.16 5.06
C ALA A 520 13.33 -8.81 4.03
N ASP A 521 13.89 -9.95 4.40
CA ASP A 521 14.82 -10.70 3.57
C ASP A 521 16.23 -10.11 3.55
N GLU A 522 16.38 -8.93 2.94
CA GLU A 522 17.67 -8.28 2.74
C GLU A 522 18.23 -7.79 4.07
N ALA A 523 19.45 -8.28 4.38
CA ALA A 523 20.21 -7.88 5.56
C ALA A 523 21.56 -7.44 5.05
N ARG A 524 22.12 -8.25 4.15
CA ARG A 524 23.42 -8.03 3.54
C ARG A 524 23.55 -6.61 2.99
N THR A 525 22.55 -6.18 2.24
CA THR A 525 22.56 -4.85 1.65
C THR A 525 22.69 -3.78 2.73
N PHE A 526 22.13 -4.06 3.90
CA PHE A 526 22.16 -3.10 4.99
C PHE A 526 23.25 -3.44 5.97
N GLY A 527 24.11 -4.38 5.58
CA GLY A 527 25.21 -4.79 6.43
C GLY A 527 24.69 -5.20 7.80
N MET A 528 23.51 -5.77 7.83
CA MET A 528 22.90 -6.20 9.07
C MET A 528 23.36 -7.60 9.48
N GLU A 529 23.96 -8.33 8.54
CA GLU A 529 24.42 -9.69 8.79
C GLU A 529 25.42 -9.83 9.94
N GLY A 530 26.04 -8.72 10.35
CA GLY A 530 27.00 -8.78 11.44
C GLY A 530 26.31 -8.92 12.78
N LEU A 531 25.04 -8.52 12.83
CA LEU A 531 24.25 -8.59 14.04
C LEU A 531 23.76 -10.00 14.33
N PHE A 532 23.60 -10.78 13.25
CA PHE A 532 23.12 -12.14 13.38
C PHE A 532 23.94 -12.97 14.35
N ARG A 533 25.27 -12.80 14.33
CA ARG A 533 26.11 -13.55 15.26
C ARG A 533 25.89 -13.07 16.69
N GLN A 534 25.80 -11.76 16.86
CA GLN A 534 25.60 -11.21 18.21
C GLN A 534 24.25 -11.51 18.83
N ILE A 535 23.16 -11.35 18.06
CA ILE A 535 21.84 -11.57 18.62
C ILE A 535 20.99 -12.69 18.03
N GLY A 536 21.34 -13.17 16.85
CA GLY A 536 20.58 -14.27 16.25
C GLY A 536 19.28 -13.93 15.53
N ILE A 537 18.74 -14.92 14.84
CA ILE A 537 17.50 -14.77 14.10
C ILE A 537 16.41 -15.60 14.73
N TYR A 538 15.33 -14.95 15.15
CA TYR A 538 14.21 -15.62 15.77
C TYR A 538 13.70 -16.68 14.80
N SER A 539 13.83 -17.94 15.21
CA SER A 539 13.39 -19.06 14.38
C SER A 539 12.93 -20.21 15.26
N PRO A 540 11.69 -20.14 15.75
CA PRO A 540 11.07 -21.16 16.62
C PRO A 540 11.20 -22.61 16.13
N GLU A 558 19.88 -18.70 14.98
CA GLU A 558 18.55 -19.03 14.38
C GLU A 558 17.77 -20.04 15.22
N ASP A 559 17.23 -19.57 16.33
CA ASP A 559 16.45 -20.40 17.24
C ASP A 559 15.34 -19.56 17.88
N GLU A 560 14.56 -20.18 18.76
CA GLU A 560 13.46 -19.50 19.42
C GLU A 560 13.94 -18.30 20.22
N LYS A 561 15.24 -18.24 20.48
CA LYS A 561 15.78 -17.13 21.24
C LYS A 561 16.37 -16.06 20.33
N GLY A 562 16.35 -16.33 19.02
CA GLY A 562 16.87 -15.36 18.07
C GLY A 562 16.15 -14.04 18.28
N GLN A 563 16.89 -12.95 18.23
CA GLN A 563 16.33 -11.63 18.46
C GLN A 563 15.84 -10.86 17.24
N ILE A 564 16.51 -11.03 16.11
CA ILE A 564 16.12 -10.34 14.90
C ILE A 564 14.94 -11.04 14.23
N LEU A 565 13.97 -10.27 13.78
CA LEU A 565 12.81 -10.85 13.11
C LEU A 565 13.05 -10.74 11.62
N GLN A 566 13.06 -11.88 10.94
CA GLN A 566 13.27 -11.87 9.51
C GLN A 566 11.93 -12.24 8.90
N GLU A 567 11.31 -11.30 8.19
CA GLU A 567 10.00 -11.56 7.61
C GLU A 567 9.98 -11.90 6.13
N GLY A 568 11.13 -12.10 5.52
CA GLY A 568 11.15 -12.44 4.11
C GLY A 568 10.65 -11.29 3.24
N ILE A 569 10.36 -11.58 1.98
CA ILE A 569 9.86 -10.58 1.03
C ILE A 569 8.41 -10.33 1.38
N ASN A 570 8.20 -9.48 2.40
CA ASN A 570 6.88 -9.17 2.91
C ASN A 570 6.97 -7.86 3.70
N GLU A 571 6.94 -6.73 3.00
CA GLU A 571 7.01 -5.42 3.63
C GLU A 571 5.82 -5.15 4.56
N LEU A 572 4.66 -5.64 4.19
CA LEU A 572 3.46 -5.43 5.00
C LEU A 572 3.60 -6.22 6.29
N GLY A 573 3.97 -7.48 6.17
CA GLY A 573 4.13 -8.31 7.35
C GLY A 573 5.16 -7.81 8.32
N ALA A 574 6.27 -7.30 7.79
CA ALA A 574 7.34 -6.77 8.63
C ALA A 574 6.86 -5.48 9.33
N GLY A 575 6.07 -4.68 8.61
CA GLY A 575 5.54 -3.46 9.19
C GLY A 575 4.57 -3.79 10.31
N CYS A 576 3.92 -4.94 10.16
CA CYS A 576 2.96 -5.41 11.17
C CYS A 576 3.70 -5.93 12.41
N SER A 577 4.86 -6.56 12.20
CA SER A 577 5.64 -7.04 13.34
C SER A 577 6.17 -5.79 14.05
N TRP A 578 6.62 -4.83 13.25
CA TRP A 578 7.13 -3.57 13.79
C TRP A 578 6.02 -2.88 14.60
N LEU A 579 4.79 -2.91 14.09
CA LEU A 579 3.67 -2.27 14.79
C LEU A 579 3.35 -3.00 16.09
N ALA A 580 3.48 -4.32 16.07
CA ALA A 580 3.21 -5.13 17.27
C ALA A 580 4.23 -4.78 18.36
N ALA A 581 5.48 -4.65 17.96
CA ALA A 581 6.57 -4.33 18.89
C ALA A 581 6.52 -2.87 19.35
N ALA A 582 6.24 -1.97 18.39
CA ALA A 582 6.17 -0.53 18.67
C ALA A 582 4.99 -0.12 19.55
N THR A 583 4.05 -1.02 19.77
CA THR A 583 2.91 -0.68 20.62
C THR A 583 2.80 -1.66 21.79
N SER A 584 3.87 -2.41 22.01
CA SER A 584 3.93 -3.39 23.10
C SER A 584 3.97 -2.73 24.47
N TYR A 585 4.52 -1.52 24.54
CA TYR A 585 4.60 -0.78 25.80
C TYR A 585 3.20 -0.55 26.39
N SER A 586 2.21 -0.45 25.52
CA SER A 586 0.84 -0.21 25.97
C SER A 586 0.05 -1.52 26.07
N THR A 587 0.06 -2.31 25.01
CA THR A 587 -0.66 -3.57 24.99
C THR A 587 -0.23 -4.57 26.08
N ASN A 588 1.05 -4.70 26.31
CA ASN A 588 1.54 -5.64 27.30
C ASN A 588 2.30 -4.96 28.41
N ASN A 589 2.29 -3.62 28.39
CA ASN A 589 3.01 -2.84 29.38
C ASN A 589 4.47 -3.28 29.42
N LEU A 590 4.99 -3.62 28.25
CA LEU A 590 6.37 -4.05 28.12
C LEU A 590 6.94 -3.34 26.90
N PRO A 591 7.62 -2.20 27.13
CA PRO A 591 8.21 -1.46 26.01
C PRO A 591 9.23 -2.26 25.19
N MET A 592 8.99 -2.32 23.89
CA MET A 592 9.88 -3.01 22.95
C MET A 592 10.18 -1.95 21.92
N ILE A 593 11.43 -1.81 21.53
CA ILE A 593 11.82 -0.79 20.57
C ILE A 593 12.26 -1.38 19.21
N PRO A 594 11.34 -1.35 18.23
CA PRO A 594 11.61 -1.89 16.90
C PRO A 594 12.40 -0.97 15.98
N PHE A 595 13.22 -1.59 15.13
CA PHE A 595 14.05 -0.90 14.15
C PHE A 595 13.90 -1.72 12.89
N TYR A 596 12.98 -1.28 12.02
CA TYR A 596 12.72 -1.98 10.78
C TYR A 596 13.43 -1.25 9.66
N ILE A 597 14.38 -1.95 9.03
CA ILE A 597 15.15 -1.39 7.92
C ILE A 597 14.83 -2.16 6.64
N TYR A 598 14.63 -1.40 5.56
CA TYR A 598 14.22 -1.95 4.26
C TYR A 598 14.51 -0.90 3.19
N TYR A 599 14.27 -1.23 1.93
CA TYR A 599 14.45 -0.25 0.84
C TYR A 599 13.38 0.80 1.05
N SER A 600 13.77 2.04 1.32
CA SER A 600 12.83 3.14 1.57
C SER A 600 11.65 3.25 0.60
N MET A 601 11.87 2.96 -0.66
CA MET A 601 10.81 3.01 -1.67
C MET A 601 9.62 2.14 -1.30
N PHE A 602 9.89 1.01 -0.66
CA PHE A 602 8.86 0.06 -0.28
C PHE A 602 8.33 0.31 1.13
N GLY A 603 8.45 1.57 1.57
CA GLY A 603 7.95 1.97 2.88
C GLY A 603 6.56 2.57 2.73
N PHE A 604 6.40 3.84 3.07
CA PHE A 604 5.10 4.48 2.99
C PHE A 604 4.39 4.25 1.66
N GLN A 605 5.15 4.16 0.58
CA GLN A 605 4.60 3.94 -0.75
C GLN A 605 3.86 2.62 -0.86
N ARG A 606 4.50 1.56 -0.37
CA ARG A 606 3.95 0.21 -0.41
C ARG A 606 3.04 -0.15 0.77
N ILE A 607 3.36 0.37 1.96
CA ILE A 607 2.57 0.06 3.15
C ILE A 607 2.05 1.30 3.87
N GLY A 608 1.83 2.37 3.11
CA GLY A 608 1.35 3.62 3.68
C GLY A 608 0.09 3.59 4.54
N ASP A 609 -0.86 2.73 4.21
CA ASP A 609 -2.09 2.67 4.98
C ASP A 609 -1.81 2.09 6.38
N LEU A 610 -0.83 1.21 6.47
CA LEU A 610 -0.47 0.65 7.77
C LEU A 610 0.31 1.68 8.58
N CYS A 611 1.06 2.54 7.90
CA CYS A 611 1.82 3.57 8.57
C CYS A 611 0.88 4.60 9.19
N TRP A 612 -0.23 4.89 8.50
CA TRP A 612 -1.21 5.83 9.00
C TRP A 612 -1.95 5.20 10.19
N ALA A 613 -2.25 3.91 10.10
CA ALA A 613 -2.93 3.19 11.17
C ALA A 613 -1.98 3.05 12.35
N ALA A 614 -0.68 2.96 12.07
CA ALA A 614 0.32 2.83 13.13
C ALA A 614 0.30 4.12 13.97
N GLY A 615 0.15 5.27 13.32
CA GLY A 615 0.10 6.54 14.03
C GLY A 615 -1.17 6.61 14.88
N ASP A 616 -2.23 6.01 14.36
CA ASP A 616 -3.52 5.94 15.06
C ASP A 616 -3.30 5.08 16.32
N GLN A 617 -2.50 4.01 16.16
CA GLN A 617 -2.20 3.07 17.24
C GLN A 617 -1.11 3.54 18.20
N GLN A 618 -0.68 4.79 18.05
CA GLN A 618 0.34 5.38 18.89
C GLN A 618 1.65 4.59 18.93
N ALA A 619 2.07 4.11 17.77
CA ALA A 619 3.30 3.35 17.65
C ALA A 619 4.51 4.22 17.98
N ARG A 620 5.42 3.67 18.78
CA ARG A 620 6.65 4.35 19.15
C ARG A 620 7.77 3.42 18.68
N GLY A 621 8.40 3.78 17.56
CA GLY A 621 9.47 2.95 17.05
C GLY A 621 10.26 3.66 15.98
N PHE A 622 11.12 2.94 15.28
CA PHE A 622 11.94 3.52 14.22
C PHE A 622 11.78 2.82 12.88
N LEU A 623 11.43 3.57 11.84
CA LEU A 623 11.33 3.00 10.50
C LEU A 623 12.60 3.55 9.84
N ILE A 624 13.43 2.65 9.31
CA ILE A 624 14.68 3.08 8.66
C ILE A 624 14.61 2.78 7.18
N GLY A 625 14.48 3.83 6.37
CA GLY A 625 14.42 3.64 4.94
C GLY A 625 15.82 3.60 4.37
N GLY A 626 16.35 2.40 4.17
CA GLY A 626 17.68 2.25 3.63
C GLY A 626 17.76 2.43 2.12
N THR A 627 18.97 2.50 1.60
CA THR A 627 19.19 2.68 0.16
C THR A 627 18.21 3.72 -0.38
N SER A 628 18.17 4.86 0.29
CA SER A 628 17.28 5.96 -0.07
C SER A 628 17.93 6.99 -0.97
N GLY A 629 17.14 7.96 -1.42
CA GLY A 629 17.66 9.00 -2.29
C GLY A 629 17.53 8.51 -3.71
N ARG A 630 17.06 9.39 -4.59
CA ARG A 630 16.86 9.06 -5.99
C ARG A 630 18.13 8.68 -6.74
N THR A 631 19.20 9.45 -6.57
CA THR A 631 20.46 9.21 -7.26
C THR A 631 21.47 8.28 -6.57
N THR A 632 21.24 7.97 -5.29
CA THR A 632 22.16 7.16 -4.52
C THR A 632 22.04 5.65 -4.75
N LEU A 633 20.81 5.13 -4.88
CA LEU A 633 20.62 3.71 -5.18
C LEU A 633 20.60 3.73 -6.71
N ASN A 634 21.69 4.22 -7.27
CA ASN A 634 21.88 4.43 -8.70
C ASN A 634 21.62 3.34 -9.75
N GLY A 635 21.91 2.09 -9.44
CA GLY A 635 21.70 1.06 -10.45
C GLY A 635 20.31 0.46 -10.56
N GLU A 636 19.57 0.47 -9.45
CA GLU A 636 18.23 -0.12 -9.40
C GLU A 636 17.17 0.51 -10.29
N GLY A 637 17.16 1.83 -10.39
CA GLY A 637 16.21 2.47 -11.28
C GLY A 637 14.85 2.91 -10.78
N LEU A 638 13.94 3.00 -11.75
CA LEU A 638 12.56 3.47 -11.59
C LEU A 638 11.75 3.05 -10.35
N GLN A 639 11.57 1.75 -10.13
CA GLN A 639 10.78 1.29 -8.99
C GLN A 639 11.53 1.13 -7.67
N HIS A 640 12.77 1.63 -7.65
CA HIS A 640 13.61 1.53 -6.48
C HIS A 640 14.12 2.87 -5.97
N GLU A 641 14.44 3.76 -6.91
CA GLU A 641 14.98 5.07 -6.54
C GLU A 641 13.99 6.00 -5.88
N ASP A 642 14.14 6.11 -4.56
CA ASP A 642 13.25 6.90 -3.74
C ASP A 642 13.61 8.37 -3.58
N GLY A 643 12.91 9.21 -4.31
CA GLY A 643 13.13 10.64 -4.18
C GLY A 643 11.87 11.29 -3.65
N HIS A 644 11.07 10.55 -2.88
CA HIS A 644 9.81 11.10 -2.37
C HIS A 644 9.20 10.51 -1.10
N SER A 645 9.81 9.47 -0.52
CA SER A 645 9.22 8.87 0.67
C SER A 645 8.99 9.92 1.77
N HIS A 646 9.81 10.97 1.79
CA HIS A 646 9.70 12.04 2.78
C HIS A 646 8.48 12.93 2.54
N ILE A 647 7.99 12.92 1.30
CA ILE A 647 6.81 13.69 0.95
C ILE A 647 5.63 12.87 1.48
N GLN A 648 5.76 11.55 1.40
CA GLN A 648 4.73 10.63 1.86
C GLN A 648 4.71 10.57 3.38
N SER A 649 5.89 10.59 3.99
CA SER A 649 6.01 10.52 5.45
C SER A 649 5.57 11.79 6.15
N LEU A 650 5.76 12.94 5.51
CA LEU A 650 5.36 14.19 6.13
C LEU A 650 3.84 14.32 6.29
N THR A 651 3.08 13.41 5.67
CA THR A 651 1.61 13.44 5.76
C THR A 651 1.11 12.83 7.07
N ILE A 652 1.96 12.08 7.76
CA ILE A 652 1.57 11.47 9.03
C ILE A 652 1.92 12.41 10.18
N PRO A 653 0.91 12.95 10.86
CA PRO A 653 1.12 13.89 11.96
C PRO A 653 2.14 13.49 13.01
N ASN A 654 2.06 12.25 13.52
CA ASN A 654 2.98 11.81 14.56
C ASN A 654 4.18 10.96 14.13
N CYS A 655 4.70 11.21 12.94
CA CYS A 655 5.88 10.53 12.43
C CYS A 655 6.94 11.62 12.29
N ILE A 656 8.10 11.42 12.92
CA ILE A 656 9.20 12.38 12.85
C ILE A 656 10.23 11.86 11.85
N SER A 657 10.36 12.57 10.74
CA SER A 657 11.27 12.19 9.64
C SER A 657 12.55 13.01 9.58
N TYR A 658 13.65 12.32 9.24
CA TYR A 658 14.97 12.95 9.12
C TYR A 658 15.73 12.37 7.92
N ASP A 659 16.52 13.23 7.27
CA ASP A 659 17.35 12.80 6.14
C ASP A 659 18.79 13.24 6.49
N PRO A 660 19.41 12.55 7.47
CA PRO A 660 20.78 12.91 7.88
C PRO A 660 21.82 12.68 6.80
N ALA A 661 22.86 13.52 6.83
CA ALA A 661 23.96 13.41 5.88
C ALA A 661 25.14 12.68 6.54
N TYR A 662 25.36 12.97 7.81
CA TYR A 662 26.47 12.39 8.55
C TYR A 662 26.15 11.42 9.66
N ALA A 663 27.15 10.62 10.04
CA ALA A 663 27.01 9.61 11.08
C ALA A 663 26.72 10.21 12.45
N TYR A 664 27.35 11.31 12.80
CA TYR A 664 27.08 11.90 14.11
C TYR A 664 25.65 12.41 14.22
N GLU A 665 25.05 12.71 13.07
CA GLU A 665 23.67 13.18 13.04
C GLU A 665 22.70 12.03 13.34
N VAL A 666 22.94 10.87 12.72
CA VAL A 666 22.08 9.72 12.95
C VAL A 666 22.15 9.29 14.41
N ALA A 667 23.32 9.44 15.03
CA ALA A 667 23.49 9.08 16.43
C ALA A 667 22.66 10.03 17.30
N VAL A 668 22.81 11.33 17.06
CA VAL A 668 22.08 12.35 17.79
C VAL A 668 20.56 12.18 17.59
N ILE A 669 20.16 11.92 16.36
CA ILE A 669 18.76 11.72 16.03
C ILE A 669 18.17 10.46 16.68
N MET A 670 18.90 9.35 16.58
CA MET A 670 18.43 8.10 17.16
C MET A 670 18.37 8.18 18.68
N HIS A 671 19.34 8.87 19.29
CA HIS A 671 19.35 9.01 20.73
C HIS A 671 18.16 9.83 21.21
N ASP A 672 17.86 10.89 20.48
CA ASP A 672 16.74 11.77 20.80
C ASP A 672 15.42 11.02 20.66
N GLY A 673 15.29 10.22 19.62
CA GLY A 673 14.07 9.45 19.44
C GLY A 673 13.80 8.52 20.60
N LEU A 674 14.82 7.76 20.99
CA LEU A 674 14.73 6.83 22.11
C LEU A 674 14.24 7.56 23.35
N GLU A 675 14.93 8.65 23.66
CA GLU A 675 14.60 9.48 24.80
C GLU A 675 13.16 9.96 24.77
N ARG A 676 12.77 10.59 23.67
CA ARG A 676 11.41 11.10 23.52
C ARG A 676 10.35 10.00 23.70
N MET A 677 10.48 8.93 22.91
CA MET A 677 9.53 7.82 22.92
C MET A 677 9.56 6.87 24.11
N TYR A 678 10.77 6.48 24.52
CA TYR A 678 10.89 5.53 25.61
C TYR A 678 11.54 6.08 26.86
N GLY A 679 11.76 7.38 26.88
CA GLY A 679 12.32 8.04 28.04
C GLY A 679 11.14 8.45 28.88
N GLU A 680 11.37 9.27 29.89
CA GLU A 680 10.29 9.69 30.78
C GLU A 680 9.15 10.44 30.09
N LYS A 681 9.45 11.14 28.99
CA LYS A 681 8.44 11.90 28.26
C LYS A 681 7.38 11.00 27.62
N GLN A 682 7.81 9.84 27.15
CA GLN A 682 6.91 8.89 26.52
C GLN A 682 6.03 9.61 25.51
N GLU A 683 6.69 10.23 24.54
CA GLU A 683 6.03 10.96 23.47
C GLU A 683 5.44 9.98 22.46
N ASN A 684 4.16 10.12 22.15
CA ASN A 684 3.52 9.22 21.19
C ASN A 684 3.83 9.69 19.78
N VAL A 685 4.99 9.25 19.32
CA VAL A 685 5.51 9.62 18.04
C VAL A 685 6.42 8.48 17.60
N TYR A 686 6.60 8.29 16.29
CA TYR A 686 7.53 7.28 15.83
C TYR A 686 8.47 7.97 14.86
N TYR A 687 9.62 7.36 14.60
CA TYR A 687 10.62 7.97 13.75
C TYR A 687 10.82 7.35 12.39
N TYR A 688 11.18 8.19 11.43
CA TYR A 688 11.49 7.74 10.08
C TYR A 688 12.83 8.37 9.75
N ILE A 689 13.83 7.54 9.50
CA ILE A 689 15.16 8.03 9.17
C ILE A 689 15.58 7.41 7.88
N THR A 690 15.90 8.22 6.87
CA THR A 690 16.35 7.67 5.60
C THR A 690 17.88 7.52 5.75
N THR A 691 18.41 6.37 5.38
CA THR A 691 19.85 6.13 5.47
C THR A 691 20.38 5.79 4.08
N LEU A 692 21.70 5.89 3.91
CA LEU A 692 22.30 5.68 2.61
C LEU A 692 23.21 4.48 2.44
N ASN A 693 23.35 4.05 1.19
CA ASN A 693 24.21 2.92 0.87
C ASN A 693 25.51 3.43 0.24
N GLU A 694 25.75 4.73 0.39
CA GLU A 694 26.96 5.34 -0.15
C GLU A 694 27.93 5.76 0.93
N ASN A 695 29.20 5.38 0.75
CA ASN A 695 30.24 5.70 1.71
C ASN A 695 30.96 6.98 1.35
N TYR A 696 31.38 7.70 2.38
CA TYR A 696 32.14 8.92 2.20
C TYR A 696 32.70 9.37 3.52
N HIS A 697 33.50 10.42 3.51
CA HIS A 697 34.11 10.92 4.73
C HIS A 697 33.09 11.41 5.74
N MET A 698 33.24 10.94 6.96
CA MET A 698 32.35 11.32 8.03
C MET A 698 33.14 12.16 9.03
N PRO A 699 32.96 13.48 8.99
CA PRO A 699 33.67 14.39 9.91
C PRO A 699 33.12 14.30 11.33
N ALA A 700 33.76 15.02 12.25
CA ALA A 700 33.33 15.03 13.64
C ALA A 700 32.18 16.02 13.81
N MET A 701 31.31 15.76 14.78
CA MET A 701 30.18 16.63 15.04
C MET A 701 30.64 17.98 15.59
N PRO A 702 30.23 19.09 14.95
CA PRO A 702 30.65 20.38 15.47
C PRO A 702 30.13 20.49 16.90
N GLU A 703 30.91 21.12 17.77
CA GLU A 703 30.53 21.27 19.16
C GLU A 703 29.25 22.10 19.30
N GLY A 704 28.32 21.61 20.09
CA GLY A 704 27.07 22.31 20.29
C GLY A 704 26.04 22.16 19.18
N ALA A 705 26.31 21.28 18.21
CA ALA A 705 25.40 21.06 17.10
C ALA A 705 24.16 20.19 17.43
N GLU A 706 24.19 19.53 18.58
CA GLU A 706 23.10 18.65 18.99
C GLU A 706 21.67 19.17 18.81
N GLU A 707 21.33 20.27 19.48
CA GLU A 707 20.00 20.85 19.37
C GLU A 707 19.61 21.16 17.92
N GLY A 708 20.54 21.73 17.16
CA GLY A 708 20.27 22.04 15.77
C GLY A 708 19.96 20.79 14.97
N ILE A 709 20.73 19.74 15.19
CA ILE A 709 20.53 18.47 14.49
C ILE A 709 19.13 17.92 14.76
N ARG A 710 18.69 17.99 16.02
CA ARG A 710 17.37 17.50 16.42
C ARG A 710 16.30 18.39 15.82
N LYS A 711 16.53 19.70 15.86
CA LYS A 711 15.61 20.69 15.31
C LYS A 711 15.44 20.59 13.80
N GLY A 712 16.48 20.14 13.11
CA GLY A 712 16.39 19.99 11.67
C GLY A 712 17.40 20.76 10.86
N ILE A 713 18.11 21.68 11.49
CA ILE A 713 19.11 22.47 10.76
C ILE A 713 20.14 23.14 11.69
N TYR A 714 21.33 23.34 11.16
CA TYR A 714 22.40 23.99 11.90
C TYR A 714 23.44 24.37 10.86
N LYS A 715 24.13 25.48 11.09
CA LYS A 715 25.14 25.94 10.14
C LYS A 715 26.41 25.10 10.31
N LEU A 716 26.86 24.51 9.21
CA LEU A 716 28.06 23.68 9.22
C LEU A 716 29.32 24.55 9.23
N GLU A 717 29.34 25.54 8.36
CA GLU A 717 30.48 26.41 8.24
C GLU A 717 30.17 27.64 7.41
N THR A 718 31.03 28.64 7.53
CA THR A 718 30.91 29.88 6.79
C THR A 718 32.19 30.02 5.97
N ILE A 719 32.03 30.29 4.68
CA ILE A 719 33.18 30.42 3.81
C ILE A 719 33.30 31.87 3.33
N GLU A 720 34.53 32.39 3.37
CA GLU A 720 34.78 33.78 2.99
C GLU A 720 34.77 34.00 1.49
N GLY A 721 34.41 35.22 1.08
CA GLY A 721 34.35 35.55 -0.33
C GLY A 721 34.02 37.03 -0.50
N SER A 722 34.84 37.73 -1.27
CA SER A 722 34.65 39.16 -1.48
C SER A 722 33.71 39.52 -2.64
N LYS A 723 33.41 38.57 -3.51
CA LYS A 723 32.53 38.87 -4.64
C LYS A 723 31.05 38.79 -4.31
N GLY A 724 30.71 38.05 -3.25
CA GLY A 724 29.32 37.94 -2.88
C GLY A 724 29.10 36.92 -1.79
N LYS A 725 27.84 36.75 -1.38
CA LYS A 725 27.51 35.79 -0.33
C LYS A 725 26.21 35.05 -0.59
N VAL A 726 26.22 33.75 -0.32
CA VAL A 726 25.05 32.93 -0.52
C VAL A 726 24.95 31.95 0.64
N GLN A 727 23.79 31.31 0.79
CA GLN A 727 23.62 30.31 1.84
C GLN A 727 23.33 29.03 1.09
N LEU A 728 23.94 27.94 1.51
CA LEU A 728 23.71 26.67 0.81
C LEU A 728 23.23 25.60 1.78
N LEU A 729 22.09 25.01 1.43
CA LEU A 729 21.49 23.96 2.25
C LEU A 729 21.50 22.64 1.51
N GLY A 730 21.72 21.56 2.27
CA GLY A 730 21.76 20.25 1.68
C GLY A 730 21.40 19.24 2.74
N SER A 731 20.99 18.06 2.32
CA SER A 731 20.63 17.01 3.25
C SER A 731 20.98 15.67 2.63
N GLY A 732 21.00 14.63 3.45
CA GLY A 732 21.31 13.30 2.95
C GLY A 732 22.63 13.24 2.21
N SER A 733 22.66 12.40 1.18
CA SER A 733 23.85 12.19 0.37
C SER A 733 24.20 13.38 -0.52
N ILE A 734 23.30 14.35 -0.59
CA ILE A 734 23.53 15.50 -1.45
C ILE A 734 24.22 16.66 -0.75
N LEU A 735 24.19 16.69 0.57
CA LEU A 735 24.85 17.75 1.31
C LEU A 735 26.32 17.83 0.89
N ARG A 736 26.92 16.65 0.74
CA ARG A 736 28.30 16.49 0.34
C ARG A 736 28.58 17.24 -0.95
N HIS A 737 27.58 17.28 -1.83
CA HIS A 737 27.71 17.93 -3.12
C HIS A 737 27.52 19.44 -3.10
N VAL A 738 26.66 19.94 -2.22
CA VAL A 738 26.46 21.38 -2.14
C VAL A 738 27.66 21.93 -1.38
N ARG A 739 28.31 21.06 -0.60
CA ARG A 739 29.49 21.49 0.14
C ARG A 739 30.62 21.65 -0.87
N GLU A 740 30.57 20.89 -1.95
CA GLU A 740 31.59 21.00 -2.96
C GLU A 740 31.31 22.24 -3.81
N ALA A 741 30.04 22.56 -3.96
CA ALA A 741 29.63 23.73 -4.73
C ALA A 741 30.08 24.98 -3.99
N ALA A 742 30.14 24.90 -2.66
CA ALA A 742 30.56 26.03 -1.84
C ALA A 742 32.06 26.31 -1.98
N GLU A 743 32.84 25.27 -2.25
CA GLU A 743 34.29 25.44 -2.41
C GLU A 743 34.56 25.98 -3.81
N ILE A 744 33.81 25.49 -4.78
CA ILE A 744 33.96 25.95 -6.15
C ILE A 744 33.60 27.42 -6.23
N LEU A 745 32.48 27.78 -5.62
CA LEU A 745 32.01 29.15 -5.60
C LEU A 745 33.04 30.08 -4.97
N ALA A 746 33.60 29.64 -3.86
CA ALA A 746 34.58 30.44 -3.14
C ALA A 746 35.87 30.53 -3.94
N LYS A 747 36.33 29.39 -4.45
CA LYS A 747 37.57 29.34 -5.22
C LYS A 747 37.53 29.99 -6.59
N ASP A 748 36.55 29.62 -7.41
CA ASP A 748 36.46 30.16 -8.77
C ASP A 748 35.72 31.47 -8.89
N TYR A 749 34.95 31.84 -7.88
CA TYR A 749 34.18 33.07 -7.97
C TYR A 749 34.28 34.06 -6.82
N GLY A 750 35.11 33.74 -5.82
CA GLY A 750 35.25 34.65 -4.69
C GLY A 750 33.95 34.87 -3.95
N VAL A 751 32.94 34.05 -4.25
CA VAL A 751 31.64 34.17 -3.60
C VAL A 751 31.66 33.35 -2.30
N GLY A 752 31.36 34.01 -1.20
CA GLY A 752 31.36 33.33 0.09
C GLY A 752 30.03 32.63 0.35
N SER A 753 29.97 31.86 1.42
CA SER A 753 28.73 31.17 1.73
C SER A 753 28.62 30.62 3.14
N ASP A 754 27.37 30.36 3.52
CA ASP A 754 27.00 29.79 4.80
C ASP A 754 26.49 28.41 4.39
N VAL A 755 27.10 27.35 4.92
CA VAL A 755 26.66 26.00 4.58
C VAL A 755 25.88 25.43 5.76
N TYR A 756 24.70 24.91 5.45
CA TYR A 756 23.82 24.33 6.46
C TYR A 756 23.49 22.87 6.19
N SER A 757 23.50 22.07 7.24
CA SER A 757 23.09 20.68 7.08
C SER A 757 21.64 20.69 7.54
N VAL A 758 20.74 20.29 6.66
CA VAL A 758 19.32 20.24 7.01
C VAL A 758 18.97 18.78 7.30
N THR A 759 18.93 18.45 8.58
CA THR A 759 18.63 17.08 8.99
C THR A 759 17.16 16.73 8.83
N SER A 760 16.32 17.75 8.73
CA SER A 760 14.89 17.54 8.58
C SER A 760 14.16 18.77 8.03
N PHE A 761 14.03 18.83 6.71
CA PHE A 761 13.33 19.93 6.08
C PHE A 761 11.89 19.94 6.56
N THR A 762 11.39 18.78 6.97
CA THR A 762 10.01 18.61 7.42
C THR A 762 9.71 19.11 8.83
N GLU A 763 10.60 18.84 9.77
CA GLU A 763 10.40 19.30 11.13
C GLU A 763 10.52 20.82 11.14
N LEU A 764 11.33 21.34 10.22
CA LEU A 764 11.52 22.76 10.08
C LEU A 764 10.25 23.40 9.51
N ALA A 765 9.61 22.71 8.56
CA ALA A 765 8.39 23.19 7.93
C ALA A 765 7.28 23.20 8.98
N ARG A 766 7.19 22.12 9.76
CA ARG A 766 6.18 22.01 10.81
C ARG A 766 6.35 23.13 11.84
N ASP A 767 7.59 23.44 12.17
CA ASP A 767 7.88 24.50 13.13
C ASP A 767 7.51 25.89 12.58
N GLY A 768 7.74 26.11 11.30
CA GLY A 768 7.41 27.41 10.71
C GLY A 768 5.91 27.62 10.68
N GLN A 769 5.20 26.57 10.31
CA GLN A 769 3.75 26.58 10.25
C GLN A 769 3.18 26.87 11.63
N ASP A 770 3.78 26.25 12.63
CA ASP A 770 3.32 26.43 14.00
C ASP A 770 3.49 27.86 14.44
N CYS A 771 4.60 28.46 14.04
CA CYS A 771 4.91 29.84 14.40
C CYS A 771 3.93 30.77 13.71
N GLU A 772 3.73 30.54 12.42
CA GLU A 772 2.81 31.37 11.61
C GLU A 772 1.37 31.27 12.11
N ARG A 773 0.98 30.08 12.55
CA ARG A 773 -0.37 29.85 13.07
C ARG A 773 -0.54 30.61 14.38
N TRP A 774 0.48 30.57 15.23
CA TRP A 774 0.43 31.24 16.52
C TRP A 774 0.38 32.74 16.29
N ASN A 775 1.18 33.20 15.34
CA ASN A 775 1.23 34.60 14.99
C ASN A 775 -0.15 35.07 14.53
N MET A 776 -0.73 34.35 13.59
CA MET A 776 -2.06 34.69 13.07
C MET A 776 -3.10 34.74 14.17
N LEU A 777 -2.97 33.83 15.12
CA LEU A 777 -3.91 33.72 16.23
C LEU A 777 -3.64 34.67 17.39
N HIS A 778 -2.48 35.32 17.38
CA HIS A 778 -2.12 36.28 18.43
C HIS A 778 -1.63 37.57 17.79
N PRO A 779 -2.55 38.34 17.20
CA PRO A 779 -2.26 39.61 16.52
C PRO A 779 -1.65 40.74 17.35
N LEU A 780 -1.85 40.69 18.66
CA LEU A 780 -1.33 41.73 19.56
C LEU A 780 0.03 41.35 20.14
N GLU A 781 0.48 40.13 19.84
CA GLU A 781 1.75 39.64 20.34
C GLU A 781 2.87 39.75 19.31
N THR A 782 4.10 39.76 19.82
CA THR A 782 5.29 39.86 18.98
C THR A 782 5.41 38.56 18.21
N PRO A 783 5.57 38.64 16.88
CA PRO A 783 5.69 37.45 16.01
C PRO A 783 6.80 36.50 16.40
N ARG A 784 6.44 35.23 16.56
CA ARG A 784 7.43 34.21 16.90
C ARG A 784 8.22 33.94 15.62
N VAL A 785 9.51 33.60 15.77
CA VAL A 785 10.37 33.35 14.62
C VAL A 785 10.65 31.87 14.37
N PRO A 786 10.33 31.38 13.16
CA PRO A 786 10.58 29.96 12.87
C PRO A 786 12.07 29.66 13.08
N TYR A 787 12.37 28.50 13.66
CA TYR A 787 13.75 28.14 13.92
C TYR A 787 14.67 28.28 12.71
N ILE A 788 14.21 27.85 11.54
CA ILE A 788 15.02 27.95 10.35
C ILE A 788 15.35 29.40 10.05
N ALA A 789 14.42 30.31 10.36
CA ALA A 789 14.63 31.73 10.11
C ALA A 789 15.60 32.27 11.16
N GLN A 790 15.67 31.61 12.30
CA GLN A 790 16.55 31.99 13.38
C GLN A 790 17.97 31.54 13.06
N VAL A 791 18.08 30.49 12.28
CA VAL A 791 19.39 29.94 11.93
C VAL A 791 19.97 30.59 10.66
N MET A 792 19.12 30.81 9.67
CA MET A 792 19.57 31.41 8.41
C MET A 792 19.54 32.93 8.43
N ASN A 793 20.12 33.52 7.39
CA ASN A 793 20.15 34.97 7.24
C ASN A 793 19.44 35.30 5.94
N ASP A 794 19.56 36.55 5.48
CA ASP A 794 18.88 36.98 4.27
C ASP A 794 19.62 36.80 2.94
N ALA A 795 20.84 36.26 2.97
CA ALA A 795 21.62 36.07 1.75
C ALA A 795 20.95 35.08 0.80
N PRO A 796 21.00 35.33 -0.52
CA PRO A 796 20.40 34.43 -1.51
C PRO A 796 20.74 32.97 -1.17
N ALA A 797 19.72 32.12 -1.12
CA ALA A 797 19.87 30.73 -0.75
C ALA A 797 19.56 29.70 -1.83
N VAL A 798 20.28 28.59 -1.79
CA VAL A 798 20.07 27.49 -2.72
C VAL A 798 20.04 26.21 -1.88
N ALA A 799 19.12 25.31 -2.18
CA ALA A 799 19.04 24.06 -1.45
C ALA A 799 19.00 22.93 -2.48
N SER A 800 19.60 21.79 -2.13
CA SER A 800 19.62 20.63 -3.01
C SER A 800 19.54 19.36 -2.15
N THR A 801 18.75 18.39 -2.60
CA THR A 801 18.60 17.14 -1.86
C THR A 801 18.40 16.01 -2.87
N ASP A 802 18.33 14.79 -2.36
CA ASP A 802 18.13 13.63 -3.20
C ASP A 802 16.63 13.33 -3.36
N TYR A 803 15.79 14.30 -3.01
CA TYR A 803 14.34 14.18 -3.12
C TYR A 803 13.78 15.27 -4.03
N MET A 804 12.54 15.07 -4.48
CA MET A 804 11.87 16.03 -5.34
C MET A 804 11.92 17.40 -4.66
N LYS A 805 11.94 18.46 -5.46
CA LYS A 805 12.03 19.82 -4.95
C LYS A 805 11.14 20.24 -3.79
N LEU A 806 9.91 19.75 -3.74
CA LEU A 806 8.99 20.10 -2.66
C LEU A 806 9.53 19.76 -1.26
N PHE A 807 10.40 18.77 -1.19
CA PHE A 807 10.98 18.40 0.10
C PHE A 807 11.69 19.59 0.76
N ALA A 808 12.43 20.36 -0.05
CA ALA A 808 13.14 21.52 0.47
C ALA A 808 12.31 22.78 0.27
N GLU A 809 11.43 22.76 -0.73
CA GLU A 809 10.59 23.91 -1.00
C GLU A 809 9.57 24.15 0.13
N GLN A 810 9.21 23.09 0.86
CA GLN A 810 8.23 23.21 1.95
C GLN A 810 8.56 24.23 3.03
N VAL A 811 9.80 24.70 3.09
CA VAL A 811 10.17 25.70 4.09
C VAL A 811 10.32 27.11 3.51
N ARG A 812 9.96 27.29 2.23
CA ARG A 812 10.07 28.60 1.58
C ARG A 812 9.52 29.75 2.40
N THR A 813 8.27 29.62 2.83
CA THR A 813 7.63 30.66 3.62
C THR A 813 8.47 31.10 4.80
N TYR A 814 9.30 30.20 5.31
CA TYR A 814 10.11 30.50 6.49
C TYR A 814 11.55 30.92 6.26
N VAL A 815 12.05 30.76 5.04
CA VAL A 815 13.42 31.15 4.72
C VAL A 815 13.46 32.68 4.67
N PRO A 816 14.28 33.30 5.52
CA PRO A 816 14.39 34.77 5.55
C PRO A 816 15.12 35.43 4.39
N ALA A 817 15.46 34.67 3.36
CA ALA A 817 16.16 35.26 2.22
C ALA A 817 15.15 35.63 1.14
N ASP A 818 15.49 36.64 0.34
CA ASP A 818 14.61 37.08 -0.75
C ASP A 818 14.62 36.04 -1.86
N ASP A 819 15.72 35.30 -1.94
CA ASP A 819 15.87 34.28 -2.95
C ASP A 819 16.17 32.91 -2.32
N TYR A 820 15.41 31.90 -2.74
CA TYR A 820 15.58 30.54 -2.23
C TYR A 820 15.35 29.59 -3.41
N ARG A 821 16.44 29.17 -4.05
CA ARG A 821 16.35 28.26 -5.18
C ARG A 821 16.43 26.83 -4.64
N VAL A 822 15.58 25.96 -5.17
CA VAL A 822 15.56 24.57 -4.73
C VAL A 822 15.79 23.61 -5.88
N LEU A 823 16.76 22.73 -5.69
CA LEU A 823 17.07 21.71 -6.67
C LEU A 823 16.55 20.42 -6.06
N GLY A 824 16.08 19.51 -6.90
CA GLY A 824 15.56 18.26 -6.40
C GLY A 824 15.51 17.21 -7.48
N THR A 825 15.21 15.98 -7.07
CA THR A 825 15.18 14.84 -7.99
C THR A 825 13.80 14.49 -8.55
N ASP A 826 13.02 15.50 -8.94
CA ASP A 826 11.70 15.27 -9.52
C ASP A 826 11.89 14.43 -10.77
N GLY A 827 10.93 13.53 -11.03
CA GLY A 827 11.01 12.68 -12.20
C GLY A 827 11.22 11.22 -11.85
N PHE A 828 10.96 10.34 -12.81
CA PHE A 828 11.14 8.91 -12.58
C PHE A 828 12.63 8.55 -12.59
N GLY A 829 13.01 7.60 -11.73
CA GLY A 829 14.39 7.17 -11.65
C GLY A 829 14.73 6.31 -12.84
N ARG A 830 16.02 6.02 -13.00
CA ARG A 830 16.54 5.22 -14.09
C ARG A 830 17.92 4.70 -13.70
N SER A 831 18.38 3.65 -14.35
CA SER A 831 19.66 3.07 -14.02
C SER A 831 20.87 3.81 -14.61
N ASP A 832 21.84 4.12 -13.75
CA ASP A 832 23.07 4.77 -14.16
C ASP A 832 24.03 4.94 -12.98
N SER A 833 25.15 5.59 -13.23
CA SER A 833 26.12 5.82 -12.17
C SER A 833 25.60 6.97 -11.32
N ARG A 834 26.01 7.03 -10.05
CA ARG A 834 25.55 8.10 -9.17
C ARG A 834 25.83 9.46 -9.79
N GLU A 835 27.01 9.58 -10.40
CA GLU A 835 27.42 10.82 -11.05
C GLU A 835 26.51 11.22 -12.21
N ASN A 836 26.18 10.25 -13.06
CA ASN A 836 25.33 10.52 -14.20
C ASN A 836 23.93 10.90 -13.75
N LEU A 837 23.43 10.24 -12.70
CA LEU A 837 22.10 10.53 -12.19
C LEU A 837 22.06 11.88 -11.51
N ARG A 838 23.12 12.21 -10.76
CA ARG A 838 23.19 13.47 -10.05
C ARG A 838 23.21 14.67 -11.01
N HIS A 839 23.64 14.41 -12.23
CA HIS A 839 23.69 15.46 -13.25
C HIS A 839 22.33 15.52 -13.95
N HIS A 840 21.83 14.34 -14.32
CA HIS A 840 20.53 14.24 -14.98
C HIS A 840 19.43 14.92 -14.14
N PHE A 841 19.40 14.60 -12.84
CA PHE A 841 18.38 15.18 -11.97
C PHE A 841 18.70 16.60 -11.56
N GLU A 842 19.80 17.11 -12.10
CA GLU A 842 20.24 18.49 -11.85
C GLU A 842 20.34 18.88 -10.38
N VAL A 843 21.04 18.06 -9.61
CA VAL A 843 21.20 18.29 -8.18
C VAL A 843 22.66 18.31 -7.72
N ASP A 844 23.59 18.08 -8.65
CA ASP A 844 25.01 18.05 -8.31
C ASP A 844 25.65 19.43 -8.10
N ALA A 845 26.91 19.42 -7.67
CA ALA A 845 27.66 20.65 -7.39
C ALA A 845 27.54 21.70 -8.47
N SER A 846 27.71 21.29 -9.72
CA SER A 846 27.66 22.21 -10.84
C SER A 846 26.32 22.94 -10.92
N TYR A 847 25.22 22.25 -10.60
CA TYR A 847 23.91 22.88 -10.65
C TYR A 847 23.71 23.81 -9.46
N VAL A 848 24.26 23.44 -8.30
CA VAL A 848 24.15 24.29 -7.13
C VAL A 848 24.89 25.60 -7.43
N VAL A 849 26.11 25.50 -7.97
CA VAL A 849 26.94 26.66 -8.30
C VAL A 849 26.21 27.57 -9.31
N VAL A 850 25.68 26.97 -10.37
CA VAL A 850 24.97 27.71 -11.39
C VAL A 850 23.72 28.39 -10.84
N ALA A 851 23.09 27.73 -9.87
CA ALA A 851 21.89 28.28 -9.25
C ALA A 851 22.27 29.45 -8.35
N ALA A 852 23.34 29.28 -7.59
CA ALA A 852 23.80 30.33 -6.69
C ALA A 852 24.21 31.53 -7.53
N LEU A 853 25.00 31.28 -8.58
CA LEU A 853 25.45 32.35 -9.46
C LEU A 853 24.28 33.08 -10.11
N GLY A 854 23.23 32.33 -10.43
CA GLY A 854 22.06 32.92 -11.06
C GLY A 854 21.36 33.96 -10.22
N GLU A 855 21.37 33.77 -8.90
CA GLU A 855 20.73 34.71 -7.99
C GLU A 855 21.57 35.98 -7.83
N LEU A 856 22.87 35.80 -7.64
CA LEU A 856 23.79 36.92 -7.50
C LEU A 856 23.76 37.76 -8.77
N ALA A 857 23.54 37.09 -9.91
CA ALA A 857 23.46 37.79 -11.18
C ALA A 857 22.22 38.67 -11.18
N LYS A 858 21.10 38.10 -10.74
CA LYS A 858 19.84 38.83 -10.69
C LYS A 858 19.97 40.04 -9.79
N ARG A 859 20.76 39.90 -8.73
CA ARG A 859 20.97 40.98 -7.76
C ARG A 859 21.86 42.08 -8.34
N GLY A 860 22.60 41.74 -9.38
CA GLY A 860 23.49 42.70 -10.00
C GLY A 860 24.88 42.61 -9.41
N GLU A 861 25.12 41.59 -8.60
CA GLU A 861 26.42 41.38 -7.98
C GLU A 861 27.42 40.78 -8.99
N ILE A 862 26.89 40.01 -9.94
CA ILE A 862 27.72 39.40 -10.97
C ILE A 862 27.06 39.53 -12.35
N ASP A 863 27.85 39.37 -13.38
CA ASP A 863 27.36 39.47 -14.75
C ASP A 863 26.65 38.19 -15.14
N LYS A 864 25.53 38.33 -15.86
CA LYS A 864 24.76 37.18 -16.32
C LYS A 864 25.65 36.30 -17.17
N LYS A 865 26.62 36.93 -17.82
CA LYS A 865 27.56 36.24 -18.69
C LYS A 865 28.34 35.19 -17.92
N VAL A 866 28.67 35.48 -16.67
CA VAL A 866 29.43 34.54 -15.87
C VAL A 866 28.63 33.28 -15.54
N VAL A 867 27.31 33.41 -15.42
CA VAL A 867 26.51 32.23 -15.12
C VAL A 867 26.32 31.42 -16.41
N ALA A 868 26.21 32.12 -17.54
CA ALA A 868 26.05 31.49 -18.85
C ALA A 868 27.30 30.71 -19.22
N ASP A 869 28.45 31.15 -18.70
CA ASP A 869 29.73 30.50 -18.98
C ASP A 869 29.93 29.33 -18.02
N ALA A 870 29.36 29.45 -16.82
CA ALA A 870 29.45 28.39 -15.82
C ALA A 870 28.66 27.21 -16.36
N ILE A 871 27.49 27.51 -16.94
CA ILE A 871 26.62 26.49 -17.51
C ILE A 871 27.45 25.78 -18.58
N ALA A 872 28.22 26.57 -19.34
CA ALA A 872 29.05 26.02 -20.39
C ALA A 872 30.22 25.26 -19.76
N LYS A 873 30.87 25.91 -18.80
CA LYS A 873 32.00 25.33 -18.11
C LYS A 873 31.69 23.98 -17.47
N PHE A 874 30.47 23.84 -16.96
CA PHE A 874 30.07 22.61 -16.29
C PHE A 874 29.39 21.56 -17.15
N ASN A 875 29.43 21.74 -18.46
CA ASN A 875 28.82 20.79 -19.39
C ASN A 875 27.37 20.52 -18.99
N ILE A 876 26.62 21.59 -18.83
CA ILE A 876 25.22 21.53 -18.45
C ILE A 876 24.35 21.80 -19.68
N ASP A 877 23.40 20.90 -19.94
CA ASP A 877 22.49 21.03 -21.07
C ASP A 877 21.28 21.81 -20.60
N ALA A 878 21.32 23.12 -20.82
CA ALA A 878 20.25 23.99 -20.41
C ALA A 878 18.93 23.60 -21.06
N ASP A 879 19.02 22.94 -22.20
CA ASP A 879 17.82 22.56 -22.92
C ASP A 879 17.44 21.08 -22.93
N LYS A 880 17.88 20.33 -21.93
CA LYS A 880 17.49 18.92 -21.86
C LYS A 880 16.10 18.93 -21.21
N VAL A 881 15.27 17.95 -21.55
CA VAL A 881 13.92 17.90 -20.99
C VAL A 881 13.91 17.94 -19.46
N ASN A 882 12.84 18.48 -18.90
CA ASN A 882 12.73 18.53 -17.45
C ASN A 882 12.75 17.09 -16.98
N PRO A 883 13.65 16.77 -16.03
CA PRO A 883 13.72 15.39 -15.54
C PRO A 883 12.37 14.86 -15.08
N ARG A 884 11.48 15.73 -14.59
CA ARG A 884 10.17 15.26 -14.14
C ARG A 884 9.43 14.64 -15.31
N LEU A 885 9.68 15.18 -16.50
CA LEU A 885 9.06 14.72 -17.74
C LEU A 885 9.84 13.63 -18.45
N ALA A 886 11.16 13.57 -18.23
CA ALA A 886 12.00 12.58 -18.89
C ALA A 886 11.60 11.13 -18.60
N ILE B 56 -2.20 -31.58 -0.13
CA ILE B 56 -1.04 -31.61 -1.07
C ILE B 56 -0.78 -33.04 -1.56
N SER B 57 0.09 -33.17 -2.56
CA SER B 57 0.41 -34.47 -3.14
C SER B 57 1.87 -34.85 -2.92
N ASN B 58 2.22 -36.07 -3.33
CA ASN B 58 3.57 -36.57 -3.19
C ASN B 58 4.57 -35.59 -3.82
N TYR B 59 5.77 -35.56 -3.24
CA TYR B 59 6.84 -34.68 -3.69
C TYR B 59 7.49 -35.17 -4.97
N ILE B 60 6.67 -35.42 -5.99
CA ILE B 60 7.15 -35.88 -7.28
C ILE B 60 6.40 -35.12 -8.39
N ASN B 61 6.81 -35.34 -9.64
CA ASN B 61 6.19 -34.66 -10.76
C ASN B 61 4.71 -34.98 -10.86
N THR B 62 3.92 -33.96 -11.16
CA THR B 62 2.48 -34.12 -11.31
C THR B 62 2.20 -35.02 -12.51
N ILE B 63 2.95 -34.83 -13.60
CA ILE B 63 2.74 -35.61 -14.81
C ILE B 63 3.70 -36.78 -14.97
N PRO B 64 3.18 -38.01 -15.02
CA PRO B 64 4.03 -39.20 -15.18
C PRO B 64 4.57 -39.25 -16.61
N VAL B 65 5.68 -39.96 -16.80
CA VAL B 65 6.30 -40.09 -18.10
C VAL B 65 5.38 -40.70 -19.15
N GLU B 66 4.57 -41.68 -18.76
CA GLU B 66 3.65 -42.33 -19.69
C GLU B 66 2.55 -41.38 -20.12
N GLU B 67 2.45 -40.25 -19.43
CA GLU B 67 1.43 -39.27 -19.72
C GLU B 67 2.04 -37.98 -20.22
N GLN B 68 3.37 -37.94 -20.28
CA GLN B 68 4.06 -36.75 -20.74
C GLN B 68 4.25 -36.87 -22.25
N PRO B 69 4.01 -35.77 -22.99
CA PRO B 69 4.15 -35.78 -24.45
C PRO B 69 5.58 -35.73 -24.98
N GLU B 70 5.73 -36.13 -26.23
CA GLU B 70 7.02 -36.13 -26.89
C GLU B 70 7.45 -34.69 -27.10
N TYR B 71 8.67 -34.37 -26.69
CA TYR B 71 9.19 -33.03 -26.84
C TYR B 71 9.30 -32.77 -28.33
N PRO B 72 8.70 -31.67 -28.80
CA PRO B 72 8.69 -31.25 -30.20
C PRO B 72 9.93 -30.56 -30.75
N GLY B 73 10.79 -30.04 -29.88
CA GLY B 73 11.96 -29.36 -30.38
C GLY B 73 13.27 -30.11 -30.41
N ASN B 74 14.25 -29.49 -31.04
CA ASN B 74 15.60 -30.03 -31.15
C ASN B 74 16.33 -29.66 -29.87
N LEU B 75 16.27 -30.56 -28.89
CA LEU B 75 16.89 -30.36 -27.58
C LEU B 75 18.38 -30.02 -27.67
N GLU B 76 19.07 -30.69 -28.59
CA GLU B 76 20.50 -30.48 -28.78
C GLU B 76 20.76 -29.04 -29.24
N LEU B 77 20.09 -28.64 -30.32
CA LEU B 77 20.23 -27.29 -30.85
C LEU B 77 19.78 -26.25 -29.83
N GLU B 78 18.66 -26.53 -29.16
CA GLU B 78 18.11 -25.63 -28.17
C GLU B 78 19.09 -25.36 -27.02
N ARG B 79 19.81 -26.40 -26.61
CA ARG B 79 20.77 -26.27 -25.51
C ARG B 79 21.90 -25.31 -25.90
N ARG B 80 22.33 -25.39 -27.15
CA ARG B 80 23.40 -24.54 -27.67
C ARG B 80 22.97 -23.09 -27.58
N ILE B 81 21.78 -22.79 -28.09
CA ILE B 81 21.24 -21.45 -28.06
C ILE B 81 21.08 -20.99 -26.61
N ARG B 82 20.49 -21.83 -25.78
CA ARG B 82 20.29 -21.52 -24.37
C ARG B 82 21.64 -21.20 -23.71
N SER B 83 22.63 -22.04 -23.97
CA SER B 83 23.95 -21.83 -23.39
C SER B 83 24.55 -20.50 -23.82
N ALA B 84 24.26 -20.09 -25.04
CA ALA B 84 24.76 -18.81 -25.56
C ALA B 84 24.06 -17.66 -24.84
N ILE B 85 22.77 -17.83 -24.55
CA ILE B 85 22.02 -16.78 -23.86
C ILE B 85 22.50 -16.69 -22.41
N ARG B 86 22.74 -17.84 -21.79
CA ARG B 86 23.23 -17.90 -20.41
C ARG B 86 24.53 -17.09 -20.32
N TRP B 87 25.43 -17.39 -21.26
CA TRP B 87 26.73 -16.74 -21.32
C TRP B 87 26.64 -15.24 -21.47
N ASN B 88 25.90 -14.79 -22.49
CA ASN B 88 25.73 -13.36 -22.75
C ASN B 88 25.09 -12.61 -21.59
N ALA B 89 24.18 -13.26 -20.89
CA ALA B 89 23.53 -12.62 -19.74
C ALA B 89 24.58 -12.33 -18.67
N ILE B 90 25.44 -13.31 -18.42
CA ILE B 90 26.49 -13.16 -17.40
C ILE B 90 27.56 -12.17 -17.85
N MET B 91 27.89 -12.17 -19.13
CA MET B 91 28.86 -11.23 -19.67
C MET B 91 28.35 -9.80 -19.47
N THR B 92 27.05 -9.62 -19.69
CA THR B 92 26.41 -8.32 -19.53
C THR B 92 26.58 -7.78 -18.12
N VAL B 93 26.15 -8.56 -17.13
CA VAL B 93 26.27 -8.13 -15.74
C VAL B 93 27.74 -7.96 -15.29
N LEU B 94 28.58 -8.93 -15.61
CA LEU B 94 30.01 -8.87 -15.25
C LEU B 94 30.69 -7.65 -15.84
N ARG B 95 30.38 -7.32 -17.09
CA ARG B 95 30.96 -6.17 -17.76
C ARG B 95 30.59 -4.87 -17.06
N ALA B 96 29.36 -4.80 -16.57
CA ALA B 96 28.88 -3.61 -15.86
C ALA B 96 29.60 -3.53 -14.53
N SER B 97 29.85 -4.70 -13.94
CA SER B 97 30.54 -4.81 -12.67
C SER B 97 31.92 -4.19 -12.81
N LYS B 98 32.62 -4.61 -13.86
CA LYS B 98 33.97 -4.14 -14.12
C LYS B 98 34.08 -2.62 -14.03
N LYS B 99 33.00 -1.92 -14.40
CA LYS B 99 33.00 -0.45 -14.37
C LYS B 99 33.16 0.07 -12.94
N ASP B 100 32.78 -0.75 -11.97
CA ASP B 100 32.88 -0.37 -10.58
C ASP B 100 32.11 0.93 -10.32
N LEU B 101 30.89 0.99 -10.83
CA LEU B 101 30.04 2.17 -10.66
C LEU B 101 28.78 1.81 -9.86
N GLU B 102 28.84 0.68 -9.14
CA GLU B 102 27.74 0.21 -8.31
C GLU B 102 26.45 0.05 -9.10
N LEU B 103 26.55 -0.37 -10.35
CA LEU B 103 25.37 -0.52 -11.19
C LEU B 103 24.45 -1.65 -10.74
N GLY B 104 25.06 -2.76 -10.29
CA GLY B 104 24.27 -3.89 -9.83
C GLY B 104 23.90 -4.85 -10.96
N GLY B 105 22.91 -5.69 -10.68
CA GLY B 105 22.45 -6.70 -11.62
C GLY B 105 22.52 -8.07 -10.96
N HIS B 106 21.71 -9.02 -11.39
CA HIS B 106 21.74 -10.36 -10.79
C HIS B 106 22.09 -11.41 -11.84
N MET B 107 22.56 -12.56 -11.38
CA MET B 107 22.93 -13.67 -12.26
C MET B 107 22.37 -15.02 -11.79
N ALA B 108 22.46 -15.27 -10.48
CA ALA B 108 21.99 -16.52 -9.91
C ALA B 108 20.54 -16.87 -10.25
N SER B 109 19.65 -15.88 -10.14
CA SER B 109 18.24 -16.13 -10.40
C SER B 109 17.94 -16.60 -11.82
N PHE B 110 18.35 -15.85 -12.84
CA PHE B 110 18.07 -16.27 -14.21
C PHE B 110 18.70 -17.63 -14.55
N GLN B 111 19.81 -17.96 -13.91
CA GLN B 111 20.48 -19.24 -14.16
C GLN B 111 19.56 -20.39 -13.74
N SER B 112 18.78 -20.14 -12.70
CA SER B 112 17.85 -21.14 -12.19
C SER B 112 16.58 -21.31 -13.02
N SER B 113 16.19 -20.27 -13.75
CA SER B 113 14.96 -20.32 -14.57
C SER B 113 15.15 -20.21 -16.07
N ALA B 114 16.39 -20.18 -16.54
CA ALA B 114 16.64 -20.04 -17.97
C ALA B 114 15.93 -21.05 -18.86
N THR B 115 15.98 -22.33 -18.50
CA THR B 115 15.35 -23.36 -19.31
C THR B 115 13.82 -23.23 -19.38
N ILE B 116 13.21 -22.67 -18.35
CA ILE B 116 11.76 -22.50 -18.33
C ILE B 116 11.38 -21.46 -19.38
N TYR B 117 12.10 -20.34 -19.39
CA TYR B 117 11.83 -19.29 -20.36
C TYR B 117 12.17 -19.79 -21.76
N ASP B 118 13.26 -20.56 -21.86
CA ASP B 118 13.69 -21.10 -23.14
C ASP B 118 12.64 -21.97 -23.80
N VAL B 119 12.02 -22.85 -23.02
CA VAL B 119 10.98 -23.74 -23.55
C VAL B 119 9.76 -22.91 -23.98
N CYS B 120 9.49 -21.83 -23.26
CA CYS B 120 8.36 -20.96 -23.57
C CYS B 120 8.63 -20.08 -24.78
N PHE B 121 9.87 -19.66 -24.94
CA PHE B 121 10.25 -18.82 -26.06
C PHE B 121 10.29 -19.68 -27.32
N ASN B 122 10.61 -20.96 -27.14
CA ASN B 122 10.70 -21.88 -28.26
C ASN B 122 9.38 -22.54 -28.68
N HIS B 123 8.49 -22.78 -27.74
CA HIS B 123 7.25 -23.48 -28.07
C HIS B 123 5.95 -22.89 -27.53
N PHE B 124 6.03 -21.82 -26.75
CA PHE B 124 4.81 -21.29 -26.18
C PHE B 124 4.43 -19.83 -26.37
N PHE B 125 5.35 -18.91 -26.05
CA PHE B 125 5.07 -17.48 -26.16
C PHE B 125 4.67 -16.96 -27.53
N ARG B 126 3.48 -16.37 -27.60
CA ARG B 126 3.00 -15.77 -28.84
C ARG B 126 3.31 -14.29 -28.75
N ALA B 127 4.00 -13.75 -29.75
CA ALA B 127 4.34 -12.34 -29.75
C ALA B 127 3.13 -11.54 -30.24
N ARG B 128 3.17 -10.23 -29.99
CA ARG B 128 2.08 -9.38 -30.42
C ARG B 128 1.93 -9.66 -31.90
N ASN B 129 0.70 -9.72 -32.37
CA ASN B 129 0.45 -9.99 -33.78
C ASN B 129 -0.68 -9.12 -34.28
N GLU B 130 -1.09 -9.37 -35.51
CA GLU B 130 -2.14 -8.59 -36.16
C GLU B 130 -3.52 -8.75 -35.53
N GLN B 131 -3.74 -9.86 -34.84
CA GLN B 131 -5.04 -10.11 -34.25
C GLN B 131 -5.17 -9.70 -32.78
N ASP B 132 -4.11 -9.91 -32.01
CA ASP B 132 -4.13 -9.54 -30.61
C ASP B 132 -2.73 -9.23 -30.13
N GLY B 133 -2.63 -8.79 -28.88
CA GLY B 133 -1.34 -8.44 -28.31
C GLY B 133 -0.46 -9.63 -27.97
N GLY B 134 -0.90 -10.82 -28.36
CA GLY B 134 -0.15 -12.03 -28.07
C GLY B 134 -0.24 -12.38 -26.59
N ASP B 135 0.64 -13.28 -26.13
CA ASP B 135 0.62 -13.66 -24.73
C ASP B 135 1.19 -12.53 -23.91
N LEU B 136 0.58 -12.24 -22.78
CA LEU B 136 1.07 -11.17 -21.92
C LEU B 136 1.96 -11.79 -20.83
N VAL B 137 3.25 -11.59 -20.99
CA VAL B 137 4.24 -12.15 -20.07
C VAL B 137 4.80 -11.15 -19.07
N TYR B 138 4.56 -11.42 -17.80
CA TYR B 138 5.06 -10.61 -16.70
C TYR B 138 6.38 -11.29 -16.32
N PHE B 139 7.44 -10.96 -17.05
CA PHE B 139 8.77 -11.50 -16.81
C PHE B 139 9.23 -11.11 -15.43
N GLN B 140 9.82 -12.05 -14.71
CA GLN B 140 10.33 -11.76 -13.38
C GLN B 140 11.33 -10.61 -13.57
N GLY B 141 11.23 -9.60 -12.72
CA GLY B 141 12.10 -8.44 -12.86
C GLY B 141 13.61 -8.59 -12.98
N HIS B 142 14.24 -9.22 -11.99
CA HIS B 142 15.70 -9.36 -11.97
C HIS B 142 16.33 -10.40 -12.88
N ILE B 143 15.55 -10.96 -13.80
CA ILE B 143 16.11 -11.90 -14.76
C ILE B 143 16.17 -11.20 -16.13
N SER B 144 16.10 -9.88 -16.10
CA SER B 144 16.16 -9.06 -17.32
C SER B 144 17.42 -9.31 -18.16
N PRO B 145 18.58 -9.49 -17.51
CA PRO B 145 19.80 -9.75 -18.28
C PRO B 145 19.60 -10.94 -19.22
N GLY B 146 18.80 -11.91 -18.78
CA GLY B 146 18.51 -13.08 -19.59
C GLY B 146 17.58 -12.76 -20.77
N VAL B 147 16.71 -11.77 -20.58
CA VAL B 147 15.78 -11.37 -21.61
C VAL B 147 16.55 -10.49 -22.59
N TYR B 148 17.48 -9.71 -22.07
CA TYR B 148 18.31 -8.85 -22.91
C TYR B 148 19.31 -9.73 -23.69
N ALA B 149 19.81 -10.78 -23.04
CA ALA B 149 20.75 -11.69 -23.70
C ALA B 149 20.10 -12.34 -24.91
N ARG B 150 18.83 -12.73 -24.79
CA ARG B 150 18.12 -13.37 -25.89
C ARG B 150 17.78 -12.37 -26.99
N ALA B 151 17.38 -11.16 -26.60
CA ALA B 151 17.02 -10.11 -27.56
C ALA B 151 18.21 -9.77 -28.42
N PHE B 152 19.38 -9.71 -27.79
CA PHE B 152 20.62 -9.42 -28.49
C PHE B 152 20.90 -10.54 -29.49
N LEU B 153 20.73 -11.78 -29.06
CA LEU B 153 20.93 -12.94 -29.92
C LEU B 153 19.94 -12.96 -31.07
N GLU B 154 18.77 -12.36 -30.85
CA GLU B 154 17.72 -12.27 -31.86
C GLU B 154 17.97 -11.06 -32.77
N GLY B 155 18.99 -10.29 -32.45
CA GLY B 155 19.32 -9.12 -33.24
C GLY B 155 18.49 -7.89 -32.94
N ARG B 156 17.79 -7.91 -31.82
CA ARG B 156 16.94 -6.78 -31.44
C ARG B 156 17.70 -5.78 -30.60
N LEU B 157 18.82 -6.22 -30.01
CA LEU B 157 19.65 -5.35 -29.17
C LEU B 157 21.08 -5.39 -29.69
N THR B 158 21.80 -4.27 -29.54
CA THR B 158 23.18 -4.21 -29.99
C THR B 158 24.13 -4.49 -28.83
N GLN B 159 25.39 -4.74 -29.15
CA GLN B 159 26.37 -5.03 -28.11
C GLN B 159 26.62 -3.77 -27.29
N GLU B 160 26.47 -2.61 -27.92
CA GLU B 160 26.67 -1.35 -27.22
C GLU B 160 25.60 -1.20 -26.15
N GLN B 161 24.40 -1.65 -26.47
CA GLN B 161 23.27 -1.56 -25.55
C GLN B 161 23.51 -2.46 -24.34
N LEU B 162 23.95 -3.69 -24.61
CA LEU B 162 24.27 -4.65 -23.56
C LEU B 162 25.40 -4.05 -22.75
N ASP B 163 26.31 -3.41 -23.47
CA ASP B 163 27.46 -2.78 -22.84
C ASP B 163 26.99 -1.60 -22.01
N ASN B 164 25.80 -1.10 -22.32
CA ASN B 164 25.21 0.03 -21.60
C ASN B 164 24.14 -0.42 -20.62
N PHE B 165 24.24 -1.67 -20.20
CA PHE B 165 23.31 -2.24 -19.23
C PHE B 165 23.40 -1.39 -17.96
N ARG B 166 22.24 -0.94 -17.48
CA ARG B 166 22.14 -0.12 -16.27
C ARG B 166 22.80 1.26 -16.35
N GLN B 167 22.88 1.79 -17.55
CA GLN B 167 23.42 3.13 -17.80
C GLN B 167 22.60 3.61 -18.98
N GLU B 168 21.43 4.15 -18.67
CA GLU B 168 20.50 4.60 -19.68
C GLU B 168 20.33 6.10 -19.79
N VAL B 169 20.81 6.85 -18.81
CA VAL B 169 20.66 8.30 -18.81
C VAL B 169 21.10 8.97 -20.10
N HIS B 170 21.94 8.30 -20.89
CA HIS B 170 22.41 8.94 -22.10
C HIS B 170 21.79 8.54 -23.43
N GLY B 171 20.90 7.55 -23.42
CA GLY B 171 20.25 7.18 -24.67
C GLY B 171 20.35 5.80 -25.29
N ASN B 172 21.46 5.11 -25.12
CA ASN B 172 21.57 3.78 -25.72
C ASN B 172 21.84 2.69 -24.71
N GLY B 173 21.28 2.84 -23.52
CA GLY B 173 21.48 1.87 -22.47
C GLY B 173 20.25 1.03 -22.21
N LEU B 174 20.33 0.19 -21.19
CA LEU B 174 19.22 -0.68 -20.82
C LEU B 174 18.87 -0.51 -19.36
N SER B 175 17.57 -0.47 -19.07
CA SER B 175 17.09 -0.33 -17.69
C SER B 175 17.39 -1.61 -16.93
N SER B 176 17.59 -1.47 -15.64
CA SER B 176 17.87 -2.61 -14.80
C SER B 176 16.75 -3.65 -14.92
N TYR B 177 15.51 -3.18 -14.84
CA TYR B 177 14.34 -4.06 -14.88
C TYR B 177 13.24 -3.62 -15.86
N PRO B 178 12.16 -4.42 -15.97
CA PRO B 178 11.06 -4.07 -16.89
C PRO B 178 10.37 -2.73 -16.59
N HIS B 179 10.74 -1.69 -17.34
CA HIS B 179 10.17 -0.35 -17.14
C HIS B 179 9.72 0.29 -18.45
N PRO B 180 8.42 0.17 -18.80
CA PRO B 180 7.89 0.74 -20.04
C PRO B 180 8.21 2.20 -20.26
N LYS B 181 8.13 2.99 -19.19
CA LYS B 181 8.42 4.42 -19.28
C LYS B 181 9.83 4.72 -19.77
N LEU B 182 10.79 3.85 -19.43
CA LEU B 182 12.18 4.02 -19.82
C LEU B 182 12.52 3.36 -21.14
N MET B 183 11.83 2.25 -21.43
CA MET B 183 12.03 1.52 -22.68
C MET B 183 10.61 1.26 -23.20
N PRO B 184 9.93 2.32 -23.66
CA PRO B 184 8.55 2.29 -24.17
C PRO B 184 8.20 1.31 -25.28
N GLU B 185 9.22 0.77 -25.95
CA GLU B 185 8.95 -0.17 -27.04
C GLU B 185 9.44 -1.58 -26.76
N PHE B 186 9.95 -1.80 -25.55
CA PHE B 186 10.47 -3.11 -25.20
C PHE B 186 9.68 -3.77 -24.09
N TRP B 187 9.82 -3.24 -22.89
CA TRP B 187 9.15 -3.76 -21.71
C TRP B 187 7.66 -3.40 -21.71
N GLN B 188 6.87 -4.22 -21.04
CA GLN B 188 5.43 -4.00 -20.95
C GLN B 188 4.89 -3.89 -19.52
N PHE B 189 5.34 -4.80 -18.65
CA PHE B 189 4.86 -4.80 -17.29
C PHE B 189 5.94 -4.69 -16.21
N PRO B 190 5.82 -3.67 -15.35
CA PRO B 190 6.77 -3.42 -14.26
C PRO B 190 6.60 -4.48 -13.16
N THR B 191 7.59 -5.36 -13.02
CA THR B 191 7.51 -6.43 -12.03
C THR B 191 8.55 -6.49 -10.90
N VAL B 192 9.59 -5.65 -10.92
CA VAL B 192 10.58 -5.74 -9.84
C VAL B 192 10.03 -5.54 -8.45
N SER B 193 9.02 -4.70 -8.29
CA SER B 193 8.45 -4.53 -6.96
C SER B 193 7.59 -5.79 -6.78
N MET B 194 8.16 -6.79 -6.11
CA MET B 194 7.49 -8.06 -5.89
C MET B 194 6.09 -7.95 -5.33
N GLY B 195 5.25 -8.90 -5.73
CA GLY B 195 3.87 -8.92 -5.29
C GLY B 195 2.92 -8.24 -6.26
N LEU B 196 3.38 -7.19 -6.92
CA LEU B 196 2.55 -6.45 -7.86
C LEU B 196 2.26 -7.25 -9.13
N GLY B 197 3.27 -7.92 -9.66
CA GLY B 197 3.11 -8.72 -10.87
C GLY B 197 2.06 -9.82 -10.79
N PRO B 198 2.03 -10.60 -9.68
CA PRO B 198 1.02 -11.66 -9.58
C PRO B 198 -0.42 -11.13 -9.56
N ILE B 199 -0.69 -10.14 -8.71
CA ILE B 199 -2.02 -9.59 -8.61
C ILE B 199 -2.34 -8.80 -9.88
N GLY B 200 -1.32 -8.16 -10.45
CA GLY B 200 -1.51 -7.42 -11.69
C GLY B 200 -1.91 -8.39 -12.79
N ALA B 201 -1.23 -9.53 -12.86
CA ALA B 201 -1.51 -10.55 -13.88
C ALA B 201 -2.90 -11.14 -13.74
N ILE B 202 -3.33 -11.40 -12.51
CA ILE B 202 -4.66 -11.96 -12.29
C ILE B 202 -5.71 -11.03 -12.91
N TYR B 203 -5.62 -9.74 -12.61
CA TYR B 203 -6.58 -8.77 -13.12
C TYR B 203 -6.40 -8.41 -14.60
N GLN B 204 -5.30 -8.84 -15.20
CA GLN B 204 -5.05 -8.59 -16.61
C GLN B 204 -5.75 -9.72 -17.35
N ALA B 205 -5.72 -10.90 -16.76
CA ALA B 205 -6.36 -12.08 -17.33
C ALA B 205 -7.88 -11.84 -17.29
N LYS B 206 -8.34 -11.29 -16.17
CA LYS B 206 -9.76 -11.01 -16.00
C LYS B 206 -10.22 -9.96 -17.00
N PHE B 207 -9.38 -8.95 -17.24
CA PHE B 207 -9.74 -7.90 -18.17
C PHE B 207 -9.84 -8.43 -19.59
N LEU B 208 -8.94 -9.33 -19.96
CA LEU B 208 -8.96 -9.91 -21.30
C LEU B 208 -10.29 -10.63 -21.50
N LYS B 209 -10.69 -11.38 -20.49
CA LYS B 209 -11.94 -12.11 -20.54
C LYS B 209 -13.05 -11.07 -20.73
N TYR B 210 -12.97 -10.02 -19.93
CA TYR B 210 -13.93 -8.92 -19.97
C TYR B 210 -14.09 -8.37 -21.38
N LEU B 211 -12.98 -8.18 -22.07
CA LEU B 211 -12.97 -7.64 -23.43
C LEU B 211 -13.70 -8.58 -24.38
N GLU B 212 -13.58 -9.88 -24.12
CA GLU B 212 -14.22 -10.89 -24.96
C GLU B 212 -15.72 -10.98 -24.69
N HIS B 213 -16.10 -10.91 -23.42
CA HIS B 213 -17.49 -11.00 -23.02
C HIS B 213 -18.28 -9.82 -23.51
N ARG B 214 -17.67 -8.64 -23.42
CA ARG B 214 -18.29 -7.41 -23.84
C ARG B 214 -18.32 -7.27 -25.36
N GLY B 215 -17.67 -8.19 -26.05
CA GLY B 215 -17.64 -8.15 -27.50
C GLY B 215 -16.74 -7.07 -28.08
N LEU B 216 -15.74 -6.64 -27.31
CA LEU B 216 -14.82 -5.61 -27.74
C LEU B 216 -13.62 -6.20 -28.48
N LYS B 217 -13.18 -7.37 -28.05
CA LYS B 217 -12.05 -8.02 -28.69
C LYS B 217 -11.95 -9.49 -28.33
N ASP B 218 -11.67 -10.32 -29.32
CA ASP B 218 -11.50 -11.75 -29.09
C ASP B 218 -10.07 -11.93 -28.59
N THR B 219 -9.94 -12.02 -27.28
CA THR B 219 -8.65 -12.19 -26.65
C THR B 219 -8.46 -13.66 -26.30
N SER B 220 -9.32 -14.50 -26.87
CA SER B 220 -9.31 -15.94 -26.60
C SER B 220 -8.01 -16.67 -26.91
N LYS B 221 -7.16 -16.10 -27.76
CA LYS B 221 -5.90 -16.75 -28.09
C LYS B 221 -4.70 -16.20 -27.31
N GLN B 222 -4.99 -15.41 -26.27
CA GLN B 222 -3.96 -14.83 -25.43
C GLN B 222 -3.90 -15.50 -24.07
N THR B 223 -2.67 -15.77 -23.61
CA THR B 223 -2.46 -16.38 -22.31
C THR B 223 -1.64 -15.38 -21.49
N VAL B 224 -1.98 -15.26 -20.21
CA VAL B 224 -1.25 -14.35 -19.34
C VAL B 224 -0.34 -15.20 -18.46
N TYR B 225 0.97 -14.98 -18.55
CA TYR B 225 1.95 -15.73 -17.75
C TYR B 225 2.55 -14.81 -16.71
N ALA B 226 2.50 -15.20 -15.45
CA ALA B 226 3.11 -14.40 -14.41
C ALA B 226 4.30 -15.22 -13.92
N PHE B 227 5.52 -14.77 -14.22
CA PHE B 227 6.71 -15.49 -13.78
C PHE B 227 7.13 -14.92 -12.44
N LEU B 228 6.93 -15.72 -11.40
CA LEU B 228 7.22 -15.32 -10.03
C LEU B 228 8.32 -16.12 -9.34
N GLY B 229 8.75 -15.61 -8.19
CA GLY B 229 9.76 -16.31 -7.41
C GLY B 229 9.01 -16.90 -6.24
N ASP B 230 9.59 -17.88 -5.54
CA ASP B 230 8.87 -18.44 -4.40
C ASP B 230 8.95 -17.48 -3.23
N GLY B 231 10.07 -16.78 -3.10
CA GLY B 231 10.22 -15.83 -2.01
C GLY B 231 9.17 -14.73 -2.11
N GLU B 232 8.94 -14.28 -3.34
CA GLU B 232 7.98 -13.23 -3.65
C GLU B 232 6.55 -13.56 -3.19
N MET B 233 6.23 -14.85 -3.16
CA MET B 233 4.91 -15.29 -2.77
C MET B 233 4.57 -14.96 -1.31
N ASP B 234 5.53 -14.41 -0.59
CA ASP B 234 5.32 -14.04 0.81
C ASP B 234 4.64 -12.68 0.89
N GLU B 235 4.70 -11.92 -0.20
CA GLU B 235 4.05 -10.60 -0.24
C GLU B 235 2.54 -10.90 -0.20
N PRO B 236 1.80 -10.29 0.73
CA PRO B 236 0.36 -10.57 0.77
C PRO B 236 -0.34 -10.42 -0.59
N GLU B 237 0.14 -9.49 -1.40
CA GLU B 237 -0.43 -9.22 -2.73
C GLU B 237 -0.28 -10.40 -3.68
N SER B 238 0.71 -11.24 -3.40
CA SER B 238 0.98 -12.39 -4.24
C SER B 238 -0.09 -13.48 -4.23
N LYS B 239 -0.56 -13.86 -3.05
CA LYS B 239 -1.58 -14.90 -2.95
C LYS B 239 -2.89 -14.32 -2.44
N GLY B 240 -2.85 -13.06 -2.02
CA GLY B 240 -4.03 -12.40 -1.49
C GLY B 240 -5.25 -12.37 -2.41
N ALA B 241 -5.06 -12.61 -3.69
CA ALA B 241 -6.21 -12.57 -4.61
C ALA B 241 -6.30 -13.74 -5.57
N ILE B 242 -5.60 -14.83 -5.29
CA ILE B 242 -5.62 -15.99 -6.19
C ILE B 242 -7.01 -16.63 -6.27
N THR B 243 -7.82 -16.36 -5.27
CA THR B 243 -9.17 -16.87 -5.17
C THR B 243 -10.09 -16.33 -6.30
N ILE B 244 -9.76 -15.14 -6.81
CA ILE B 244 -10.53 -14.50 -7.88
C ILE B 244 -10.37 -15.22 -9.22
N ALA B 245 -9.22 -15.86 -9.42
CA ALA B 245 -8.95 -16.58 -10.67
C ALA B 245 -9.88 -17.77 -10.79
N THR B 246 -10.32 -18.28 -9.64
CA THR B 246 -11.23 -19.40 -9.60
C THR B 246 -12.64 -18.85 -9.75
N ARG B 247 -12.91 -17.76 -9.04
CA ARG B 247 -14.21 -17.10 -9.11
C ARG B 247 -14.52 -16.78 -10.57
N GLU B 248 -13.53 -16.25 -11.27
CA GLU B 248 -13.68 -15.86 -12.66
C GLU B 248 -13.24 -16.91 -13.66
N LYS B 249 -12.90 -18.11 -13.19
CA LYS B 249 -12.46 -19.18 -14.08
C LYS B 249 -11.41 -18.70 -15.07
N LEU B 250 -10.32 -18.12 -14.59
CA LEU B 250 -9.32 -17.60 -15.50
C LEU B 250 -8.39 -18.64 -16.09
N ASP B 251 -8.91 -19.43 -17.03
CA ASP B 251 -8.10 -20.47 -17.66
C ASP B 251 -7.20 -19.89 -18.75
N ASN B 252 -6.99 -18.58 -18.68
CA ASN B 252 -6.10 -17.88 -19.60
C ASN B 252 -4.96 -17.29 -18.75
N LEU B 253 -4.86 -17.80 -17.52
CA LEU B 253 -3.84 -17.35 -16.57
C LEU B 253 -2.98 -18.50 -16.08
N VAL B 254 -1.67 -18.31 -16.16
CA VAL B 254 -0.72 -19.32 -15.72
C VAL B 254 0.30 -18.67 -14.80
N PHE B 255 0.37 -19.14 -13.56
CA PHE B 255 1.36 -18.63 -12.61
C PHE B 255 2.52 -19.60 -12.75
N VAL B 256 3.71 -19.07 -12.96
CA VAL B 256 4.89 -19.92 -13.07
C VAL B 256 5.81 -19.47 -11.96
N ILE B 257 5.78 -20.19 -10.85
CA ILE B 257 6.58 -19.86 -9.68
C ILE B 257 7.92 -20.59 -9.72
N ASN B 258 9.01 -19.84 -9.62
CA ASN B 258 10.31 -20.46 -9.65
C ASN B 258 10.64 -20.93 -8.24
N CYS B 259 10.59 -22.25 -8.04
CA CYS B 259 10.84 -22.82 -6.73
C CYS B 259 12.26 -23.35 -6.55
N ASN B 260 13.21 -22.43 -6.41
CA ASN B 260 14.60 -22.80 -6.19
C ASN B 260 14.86 -22.86 -4.68
N LEU B 261 13.77 -22.70 -3.93
CA LEU B 261 13.73 -22.77 -2.47
C LEU B 261 14.37 -21.65 -1.69
N GLN B 262 14.82 -20.59 -2.36
CA GLN B 262 15.46 -19.52 -1.62
C GLN B 262 15.13 -18.10 -2.05
N ARG B 263 15.14 -17.21 -1.08
CA ARG B 263 14.87 -15.80 -1.34
C ARG B 263 16.24 -15.18 -1.67
N LEU B 264 16.51 -14.00 -1.12
CA LEU B 264 17.78 -13.33 -1.38
C LEU B 264 18.77 -13.70 -0.28
N ASP B 265 18.35 -13.53 0.97
CA ASP B 265 19.20 -13.81 2.12
C ASP B 265 19.00 -15.16 2.77
N GLY B 266 18.49 -16.14 2.02
CA GLY B 266 18.28 -17.45 2.61
C GLY B 266 17.14 -18.21 1.97
N PRO B 267 16.80 -19.40 2.51
CA PRO B 267 15.71 -20.20 1.96
C PRO B 267 14.41 -19.55 2.35
N VAL B 268 13.37 -19.80 1.56
CA VAL B 268 12.08 -19.20 1.88
C VAL B 268 11.59 -19.78 3.21
N THR B 269 11.66 -21.11 3.34
CA THR B 269 11.26 -21.81 4.57
C THR B 269 12.13 -23.05 4.73
N GLY B 270 13.31 -22.85 5.30
CA GLY B 270 14.25 -23.95 5.49
C GLY B 270 13.69 -25.15 6.21
N ASN B 271 12.95 -24.91 7.27
CA ASN B 271 12.37 -26.00 8.05
C ASN B 271 11.01 -26.44 7.52
N GLY B 272 10.69 -26.07 6.29
CA GLY B 272 9.43 -26.46 5.71
C GLY B 272 9.60 -26.89 4.27
N LYS B 273 8.53 -26.80 3.49
CA LYS B 273 8.55 -27.15 2.08
C LYS B 273 7.63 -26.15 1.37
N ILE B 274 8.16 -25.04 0.85
CA ILE B 274 7.30 -24.06 0.21
C ILE B 274 6.55 -24.60 -0.98
N ILE B 275 7.07 -25.64 -1.61
CA ILE B 275 6.37 -26.18 -2.77
C ILE B 275 5.07 -26.81 -2.29
N ASN B 276 5.13 -27.47 -1.14
CA ASN B 276 3.94 -28.11 -0.57
C ASN B 276 3.00 -27.03 -0.06
N GLU B 277 3.56 -26.01 0.60
CA GLU B 277 2.78 -24.91 1.12
C GLU B 277 2.07 -24.23 -0.04
N LEU B 278 2.84 -23.91 -1.07
CA LEU B 278 2.31 -23.27 -2.26
C LEU B 278 1.22 -24.16 -2.83
N GLU B 279 1.53 -25.43 -3.04
CA GLU B 279 0.54 -26.37 -3.56
C GLU B 279 -0.73 -26.40 -2.72
N GLY B 280 -0.57 -26.49 -1.41
CA GLY B 280 -1.73 -26.54 -0.53
C GLY B 280 -2.69 -25.37 -0.64
N ILE B 281 -2.15 -24.15 -0.61
CA ILE B 281 -3.01 -22.97 -0.68
C ILE B 281 -3.60 -22.71 -2.06
N PHE B 282 -2.85 -22.99 -3.12
CA PHE B 282 -3.37 -22.77 -4.47
C PHE B 282 -4.44 -23.79 -4.82
N GLU B 283 -4.22 -25.05 -4.48
CA GLU B 283 -5.21 -26.08 -4.73
C GLU B 283 -6.44 -25.76 -3.88
N GLY B 284 -6.20 -25.32 -2.64
CA GLY B 284 -7.31 -24.97 -1.78
C GLY B 284 -8.08 -23.77 -2.32
N ALA B 285 -7.43 -22.94 -3.13
CA ALA B 285 -8.07 -21.79 -3.73
C ALA B 285 -8.75 -22.19 -5.05
N GLY B 286 -8.69 -23.48 -5.36
CA GLY B 286 -9.32 -24.00 -6.56
C GLY B 286 -8.48 -23.99 -7.83
N TRP B 287 -7.20 -23.67 -7.73
CA TRP B 287 -6.35 -23.64 -8.92
C TRP B 287 -5.89 -25.04 -9.30
N ASN B 288 -5.44 -25.18 -10.54
CA ASN B 288 -4.91 -26.43 -11.03
C ASN B 288 -3.41 -26.30 -10.79
N VAL B 289 -2.85 -27.11 -9.90
CA VAL B 289 -1.42 -26.97 -9.68
C VAL B 289 -0.66 -28.13 -10.27
N ILE B 290 0.38 -27.79 -11.02
CA ILE B 290 1.24 -28.76 -11.69
C ILE B 290 2.65 -28.65 -11.10
N LYS B 291 3.15 -29.74 -10.54
CA LYS B 291 4.49 -29.73 -9.95
C LYS B 291 5.53 -30.32 -10.87
N VAL B 292 6.60 -29.58 -11.09
CA VAL B 292 7.70 -30.02 -11.95
C VAL B 292 8.86 -30.17 -10.97
N MET B 293 8.94 -31.36 -10.39
CA MET B 293 9.92 -31.68 -9.37
C MET B 293 11.28 -32.26 -9.76
N TRP B 294 11.27 -33.36 -10.48
CA TRP B 294 12.49 -34.05 -10.83
C TRP B 294 12.77 -34.22 -12.30
N GLY B 295 14.05 -34.22 -12.63
CA GLY B 295 14.46 -34.41 -14.01
C GLY B 295 14.18 -35.83 -14.45
N SER B 296 14.48 -36.12 -15.70
CA SER B 296 14.23 -37.44 -16.27
C SER B 296 15.06 -38.59 -15.67
N ARG B 297 16.20 -38.29 -15.06
CA ARG B 297 17.05 -39.34 -14.49
C ARG B 297 16.38 -40.03 -13.31
N TRP B 298 15.42 -39.35 -12.69
CA TRP B 298 14.72 -39.89 -11.53
C TRP B 298 13.65 -40.90 -11.91
N ASP B 299 13.15 -40.79 -13.14
CA ASP B 299 12.10 -41.68 -13.61
C ASP B 299 12.36 -43.15 -13.35
N GLU B 300 13.53 -43.65 -13.76
CA GLU B 300 13.87 -45.05 -13.56
C GLU B 300 13.92 -45.36 -12.06
N LEU B 301 14.57 -44.50 -11.29
CA LEU B 301 14.68 -44.67 -9.85
C LEU B 301 13.29 -44.80 -9.21
N LEU B 302 12.41 -43.87 -9.54
CA LEU B 302 11.06 -43.86 -9.01
C LEU B 302 10.27 -45.06 -9.53
N ARG B 303 10.54 -45.48 -10.77
CA ARG B 303 9.84 -46.61 -11.36
C ARG B 303 10.26 -47.96 -10.80
N LYS B 304 11.53 -48.10 -10.44
CA LYS B 304 12.02 -49.36 -9.89
C LYS B 304 11.85 -49.42 -8.36
N ASP B 305 11.45 -48.30 -7.76
CA ASP B 305 11.24 -48.25 -6.32
C ASP B 305 9.84 -48.72 -5.96
N THR B 306 9.67 -50.03 -5.82
CA THR B 306 8.36 -50.60 -5.49
C THR B 306 8.00 -50.54 -4.00
N SER B 307 8.93 -50.11 -3.18
CA SER B 307 8.68 -50.02 -1.74
C SER B 307 7.96 -48.73 -1.33
N GLY B 308 8.05 -47.70 -2.18
CA GLY B 308 7.43 -46.41 -1.88
C GLY B 308 8.28 -45.56 -0.93
N LYS B 309 9.50 -46.02 -0.69
CA LYS B 309 10.44 -45.35 0.20
C LYS B 309 11.06 -44.09 -0.39
N LEU B 310 11.37 -44.10 -1.68
CA LEU B 310 11.98 -42.93 -2.31
C LEU B 310 11.03 -41.74 -2.20
N ILE B 311 9.74 -42.00 -2.41
CA ILE B 311 8.73 -40.95 -2.31
C ILE B 311 8.61 -40.47 -0.86
N GLN B 312 8.55 -41.42 0.09
CA GLN B 312 8.45 -41.05 1.50
C GLN B 312 9.64 -40.18 1.90
N LEU B 313 10.82 -40.55 1.39
CA LEU B 313 12.05 -39.82 1.66
C LEU B 313 11.93 -38.40 1.05
N MET B 314 11.54 -38.34 -0.21
CA MET B 314 11.38 -37.06 -0.90
C MET B 314 10.38 -36.21 -0.13
N ASN B 315 9.29 -36.85 0.29
CA ASN B 315 8.22 -36.17 1.02
C ASN B 315 8.64 -35.63 2.39
N GLU B 316 9.45 -36.39 3.12
CA GLU B 316 9.85 -35.97 4.47
C GLU B 316 11.01 -35.00 4.54
N THR B 317 11.80 -34.92 3.47
CA THR B 317 12.94 -34.00 3.50
C THR B 317 12.47 -32.54 3.40
N VAL B 318 13.00 -31.69 4.27
CA VAL B 318 12.64 -30.27 4.26
C VAL B 318 13.54 -29.49 3.31
N ASP B 319 13.15 -28.26 2.98
CA ASP B 319 13.91 -27.44 2.05
C ASP B 319 15.37 -27.23 2.41
N GLY B 320 15.64 -27.02 3.69
CA GLY B 320 17.01 -26.79 4.14
C GLY B 320 17.98 -27.89 3.75
N ASP B 321 17.57 -29.13 3.96
CA ASP B 321 18.42 -30.26 3.63
C ASP B 321 18.55 -30.47 2.14
N TYR B 322 17.51 -30.17 1.40
CA TYR B 322 17.59 -30.31 -0.05
C TYR B 322 18.68 -29.35 -0.53
N GLN B 323 18.65 -28.11 -0.04
CA GLN B 323 19.62 -27.10 -0.41
C GLN B 323 21.04 -27.53 -0.01
N THR B 324 21.15 -28.19 1.14
CA THR B 324 22.44 -28.65 1.62
C THR B 324 23.02 -29.66 0.62
N PHE B 325 22.15 -30.48 0.04
CA PHE B 325 22.58 -31.49 -0.91
C PHE B 325 23.27 -30.90 -2.14
N LYS B 326 22.76 -29.77 -2.63
CA LYS B 326 23.32 -29.15 -3.83
C LYS B 326 24.64 -28.40 -3.62
N SER B 327 25.06 -28.27 -2.37
CA SER B 327 26.31 -27.59 -2.06
C SER B 327 27.39 -28.64 -1.82
N LYS B 328 26.97 -29.91 -1.83
CA LYS B 328 27.86 -31.03 -1.59
C LYS B 328 28.30 -31.74 -2.85
N ASP B 329 28.24 -33.07 -2.81
CA ASP B 329 28.65 -33.92 -3.94
C ASP B 329 27.84 -35.19 -3.95
N GLY B 330 28.11 -36.08 -4.90
CA GLY B 330 27.38 -37.33 -4.98
C GLY B 330 27.52 -38.23 -3.76
N ALA B 331 28.73 -38.34 -3.25
CA ALA B 331 28.98 -39.19 -2.08
C ALA B 331 28.07 -38.77 -0.95
N TYR B 332 28.06 -37.47 -0.67
CA TYR B 332 27.26 -36.90 0.40
C TYR B 332 25.79 -37.27 0.25
N VAL B 333 25.23 -37.02 -0.92
CA VAL B 333 23.82 -37.32 -1.18
C VAL B 333 23.53 -38.80 -0.97
N ARG B 334 24.45 -39.63 -1.44
CA ARG B 334 24.30 -41.08 -1.33
C ARG B 334 24.19 -41.53 0.11
N GLU B 335 24.90 -40.83 0.99
CA GLU B 335 24.92 -41.16 2.41
C GLU B 335 23.79 -40.52 3.18
N HIS B 336 23.58 -39.24 2.91
CA HIS B 336 22.56 -38.47 3.62
C HIS B 336 21.14 -38.48 3.07
N PHE B 337 20.96 -38.69 1.77
CA PHE B 337 19.60 -38.70 1.24
C PHE B 337 19.14 -40.12 1.01
N PHE B 338 19.83 -40.82 0.11
CA PHE B 338 19.46 -42.19 -0.19
C PHE B 338 19.84 -43.12 0.97
N GLY B 339 20.89 -42.72 1.71
CA GLY B 339 21.35 -43.52 2.82
C GLY B 339 20.45 -43.48 4.03
N LYS B 340 19.35 -42.74 3.92
CA LYS B 340 18.39 -42.65 5.01
C LYS B 340 17.69 -44.01 5.21
N TYR B 341 17.51 -44.75 4.13
CA TYR B 341 16.85 -46.05 4.17
C TYR B 341 17.58 -47.10 3.34
N PRO B 342 17.42 -48.38 3.69
CA PRO B 342 18.06 -49.48 2.98
C PRO B 342 17.48 -49.64 1.58
N GLU B 343 16.19 -49.39 1.45
CA GLU B 343 15.52 -49.52 0.16
C GLU B 343 15.94 -48.41 -0.79
N THR B 344 16.13 -47.20 -0.26
CA THR B 344 16.53 -46.08 -1.11
C THR B 344 18.03 -46.17 -1.40
N ALA B 345 18.79 -46.62 -0.41
CA ALA B 345 20.22 -46.78 -0.60
C ALA B 345 20.47 -47.81 -1.69
N ALA B 346 19.59 -48.79 -1.80
CA ALA B 346 19.72 -49.85 -2.79
C ALA B 346 19.37 -49.44 -4.22
N LEU B 347 18.62 -48.35 -4.37
CA LEU B 347 18.25 -47.88 -5.70
C LEU B 347 19.47 -47.32 -6.41
N VAL B 348 20.36 -46.69 -5.66
CA VAL B 348 21.54 -46.11 -6.25
C VAL B 348 22.83 -46.85 -5.90
N ALA B 349 22.71 -47.99 -5.24
CA ALA B 349 23.90 -48.76 -4.87
C ALA B 349 24.75 -49.10 -6.10
N ASP B 350 24.08 -49.26 -7.22
CA ASP B 350 24.71 -49.59 -8.50
C ASP B 350 25.16 -48.35 -9.26
N TRP B 351 24.94 -47.18 -8.67
CA TRP B 351 25.30 -45.91 -9.29
C TRP B 351 26.63 -45.36 -8.79
N THR B 352 27.30 -44.59 -9.62
CA THR B 352 28.55 -43.97 -9.20
C THR B 352 28.12 -42.67 -8.55
N ASP B 353 28.93 -42.17 -7.63
CA ASP B 353 28.60 -40.90 -6.95
C ASP B 353 28.34 -39.80 -7.96
N GLU B 354 28.93 -39.93 -9.14
CA GLU B 354 28.77 -38.94 -10.19
C GLU B 354 27.40 -39.08 -10.81
N GLN B 355 26.99 -40.31 -11.09
CA GLN B 355 25.67 -40.54 -11.69
C GLN B 355 24.59 -40.06 -10.74
N ILE B 356 24.89 -40.09 -9.45
CA ILE B 356 23.96 -39.65 -8.43
C ILE B 356 23.98 -38.12 -8.41
N TRP B 357 25.17 -37.55 -8.43
CA TRP B 357 25.30 -36.10 -8.42
C TRP B 357 24.58 -35.49 -9.63
N ALA B 358 24.47 -36.27 -10.70
CA ALA B 358 23.82 -35.80 -11.93
C ALA B 358 22.29 -35.69 -11.85
N LEU B 359 21.68 -36.32 -10.86
CA LEU B 359 20.23 -36.25 -10.72
C LEU B 359 19.88 -34.77 -10.60
N ASN B 360 18.92 -34.31 -11.40
CA ASN B 360 18.53 -32.90 -11.41
C ASN B 360 17.07 -32.59 -11.07
N ARG B 361 16.81 -31.31 -10.80
CA ARG B 361 15.48 -30.82 -10.47
C ARG B 361 14.67 -30.62 -11.75
N GLY B 362 13.38 -30.94 -11.69
CA GLY B 362 12.49 -30.84 -12.83
C GLY B 362 12.52 -29.58 -13.67
N GLY B 363 12.66 -28.43 -13.01
CA GLY B 363 12.69 -27.17 -13.71
C GLY B 363 13.90 -26.95 -14.60
N HIS B 364 14.79 -27.95 -14.67
CA HIS B 364 15.98 -27.84 -15.51
C HIS B 364 15.88 -28.84 -16.67
N ASP B 365 14.78 -29.55 -16.73
CA ASP B 365 14.57 -30.55 -17.78
C ASP B 365 13.53 -30.05 -18.75
N PRO B 366 13.94 -29.74 -20.00
CA PRO B 366 13.00 -29.24 -21.01
C PRO B 366 11.76 -30.10 -21.20
N LYS B 367 11.94 -31.42 -21.16
CA LYS B 367 10.83 -32.35 -21.34
C LYS B 367 9.81 -32.25 -20.20
N LYS B 368 10.30 -32.02 -19.00
CA LYS B 368 9.44 -31.91 -17.83
C LYS B 368 8.71 -30.59 -17.90
N ILE B 369 9.46 -29.54 -18.23
CA ILE B 369 8.93 -28.19 -18.36
C ILE B 369 7.84 -28.16 -19.43
N TYR B 370 8.17 -28.69 -20.60
CA TYR B 370 7.24 -28.74 -21.73
C TYR B 370 5.92 -29.39 -21.38
N ALA B 371 5.98 -30.52 -20.69
CA ALA B 371 4.78 -31.25 -20.31
C ALA B 371 3.83 -30.40 -19.47
N ALA B 372 4.38 -29.63 -18.54
CA ALA B 372 3.56 -28.80 -17.69
C ALA B 372 2.92 -27.64 -18.44
N PHE B 373 3.68 -26.96 -19.28
CA PHE B 373 3.13 -25.84 -20.02
C PHE B 373 2.07 -26.32 -21.00
N LYS B 374 2.31 -27.49 -21.60
CA LYS B 374 1.35 -28.03 -22.53
C LYS B 374 0.06 -28.39 -21.82
N LYS B 375 0.20 -29.05 -20.67
CA LYS B 375 -0.94 -29.46 -19.88
C LYS B 375 -1.73 -28.27 -19.38
N ALA B 376 -1.02 -27.23 -18.96
CA ALA B 376 -1.70 -26.04 -18.46
C ALA B 376 -2.53 -25.43 -19.59
N GLN B 377 -2.06 -25.66 -20.81
CA GLN B 377 -2.70 -25.15 -22.02
C GLN B 377 -4.06 -25.76 -22.34
N GLU B 378 -4.34 -26.95 -21.82
CA GLU B 378 -5.61 -27.60 -22.07
C GLU B 378 -6.49 -27.66 -20.84
N THR B 379 -6.11 -26.91 -19.82
CA THR B 379 -6.86 -26.87 -18.58
C THR B 379 -7.81 -25.67 -18.65
N LYS B 380 -9.11 -25.93 -18.50
CA LYS B 380 -10.13 -24.88 -18.56
C LYS B 380 -10.90 -24.79 -17.25
N GLY B 381 -11.65 -23.70 -17.10
CA GLY B 381 -12.46 -23.52 -15.91
C GLY B 381 -11.73 -22.96 -14.70
N LYS B 382 -10.43 -22.77 -14.84
CA LYS B 382 -9.65 -22.25 -13.73
C LYS B 382 -8.23 -21.95 -14.17
N ALA B 383 -7.50 -21.24 -13.32
CA ALA B 383 -6.12 -20.87 -13.60
C ALA B 383 -5.20 -22.02 -13.22
N THR B 384 -3.97 -21.97 -13.71
CA THR B 384 -3.00 -23.02 -13.43
C THR B 384 -1.71 -22.46 -12.86
N VAL B 385 -1.17 -23.14 -11.84
CA VAL B 385 0.09 -22.75 -11.22
C VAL B 385 1.08 -23.85 -11.51
N ILE B 386 2.24 -23.48 -12.05
CA ILE B 386 3.29 -24.44 -12.33
C ILE B 386 4.38 -24.19 -11.29
N LEU B 387 4.66 -25.20 -10.47
CA LEU B 387 5.68 -25.10 -9.44
C LEU B 387 6.96 -25.76 -9.96
N ALA B 388 7.79 -24.96 -10.63
CA ALA B 388 9.03 -25.43 -11.23
C ALA B 388 10.15 -25.47 -10.20
N HIS B 389 10.62 -26.70 -9.95
CA HIS B 389 11.70 -26.95 -8.99
C HIS B 389 13.06 -26.69 -9.65
N THR B 390 13.80 -25.73 -9.13
CA THR B 390 15.11 -25.39 -9.70
C THR B 390 16.21 -25.18 -8.69
N ILE B 391 17.40 -24.88 -9.21
CA ILE B 391 18.58 -24.63 -8.41
C ILE B 391 19.02 -23.20 -8.66
N LYS B 392 19.04 -22.38 -7.61
CA LYS B 392 19.47 -20.99 -7.76
C LYS B 392 20.98 -20.93 -7.97
N GLY B 393 21.43 -20.13 -8.93
CA GLY B 393 22.86 -20.04 -9.19
C GLY B 393 23.28 -21.32 -9.87
N TYR B 394 22.35 -21.89 -10.62
CA TYR B 394 22.53 -23.14 -11.34
C TYR B 394 23.71 -23.14 -12.32
N GLY B 395 24.55 -24.16 -12.23
CA GLY B 395 25.69 -24.28 -13.13
C GLY B 395 26.83 -23.35 -12.79
N MET B 396 26.58 -22.38 -11.92
CA MET B 396 27.60 -21.41 -11.51
C MET B 396 28.51 -22.04 -10.48
N GLY B 397 28.04 -23.17 -9.93
CA GLY B 397 28.80 -23.91 -8.94
C GLY B 397 29.39 -23.05 -7.85
N ASP B 398 30.70 -23.22 -7.67
CA ASP B 398 31.49 -22.51 -6.68
C ASP B 398 30.83 -21.19 -6.28
N ALA B 399 30.76 -20.26 -7.25
CA ALA B 399 30.16 -18.95 -7.01
C ALA B 399 28.69 -19.10 -6.63
N ALA B 400 27.88 -19.56 -7.57
CA ALA B 400 26.45 -19.75 -7.36
C ALA B 400 25.79 -18.42 -7.04
N MET B 414 36.37 -12.54 -15.12
CA MET B 414 37.75 -12.78 -15.65
C MET B 414 37.87 -14.19 -16.21
N ASP B 415 38.38 -15.11 -15.40
CA ASP B 415 38.56 -16.49 -15.83
C ASP B 415 37.84 -17.51 -14.93
N GLY B 416 37.44 -17.09 -13.73
CA GLY B 416 36.71 -18.00 -12.85
C GLY B 416 35.37 -18.29 -13.49
N VAL B 417 35.09 -17.58 -14.59
CA VAL B 417 33.86 -17.72 -15.38
C VAL B 417 34.07 -18.85 -16.38
N ARG B 418 35.32 -19.27 -16.52
CA ARG B 418 35.64 -20.35 -17.43
C ARG B 418 35.00 -21.61 -16.92
N HIS B 419 34.50 -21.57 -15.69
CA HIS B 419 33.82 -22.72 -15.11
C HIS B 419 32.44 -22.85 -15.76
N ILE B 420 31.70 -21.74 -15.85
CA ILE B 420 30.38 -21.79 -16.46
C ILE B 420 30.54 -22.07 -17.96
N ARG B 421 31.60 -21.56 -18.57
CA ARG B 421 31.82 -21.82 -19.99
C ARG B 421 32.07 -23.32 -20.18
N ASP B 422 32.69 -23.94 -19.18
CA ASP B 422 32.96 -25.37 -19.22
C ASP B 422 31.67 -26.07 -18.98
N ARG B 423 30.99 -25.61 -17.93
CA ARG B 423 29.73 -26.18 -17.52
C ARG B 423 28.70 -26.25 -18.63
N PHE B 424 28.60 -25.18 -19.40
CA PHE B 424 27.62 -25.15 -20.46
C PHE B 424 28.25 -25.24 -21.82
N ASN B 425 29.47 -25.75 -21.85
CA ASN B 425 30.19 -25.93 -23.09
C ASN B 425 30.07 -24.71 -23.98
N VAL B 426 30.43 -23.55 -23.44
CA VAL B 426 30.37 -22.29 -24.17
C VAL B 426 31.57 -22.24 -25.11
N PRO B 427 31.34 -21.85 -26.37
CA PRO B 427 32.40 -21.76 -27.38
C PRO B 427 33.25 -20.49 -27.35
N VAL B 428 34.05 -20.33 -26.29
CA VAL B 428 34.92 -19.17 -26.16
C VAL B 428 36.21 -19.64 -25.46
N SER B 429 37.34 -19.42 -26.13
CA SER B 429 38.66 -19.82 -25.64
C SER B 429 39.01 -19.27 -24.26
N ASP B 430 39.92 -19.95 -23.58
CA ASP B 430 40.38 -19.54 -22.25
C ASP B 430 41.20 -18.25 -22.35
N ALA B 431 41.59 -17.91 -23.58
CA ALA B 431 42.37 -16.71 -23.84
C ALA B 431 41.48 -15.48 -24.03
N ASP B 432 40.24 -15.73 -24.44
CA ASP B 432 39.28 -14.65 -24.66
C ASP B 432 38.34 -14.51 -23.47
N ILE B 433 38.29 -15.54 -22.63
CA ILE B 433 37.44 -15.53 -21.45
C ILE B 433 37.61 -14.25 -20.65
N GLU B 434 38.85 -13.78 -20.53
CA GLU B 434 39.15 -12.56 -19.78
C GLU B 434 38.58 -11.32 -20.45
N LYS B 435 38.29 -11.43 -21.74
CA LYS B 435 37.72 -10.31 -22.49
C LYS B 435 36.20 -10.28 -22.36
N LEU B 436 35.63 -11.31 -21.73
CA LEU B 436 34.19 -11.41 -21.51
C LEU B 436 33.48 -11.11 -22.83
N PRO B 437 33.70 -11.93 -23.85
CA PRO B 437 33.10 -11.75 -25.17
C PRO B 437 31.66 -12.26 -25.32
N TYR B 438 30.85 -11.52 -26.06
CA TYR B 438 29.47 -11.90 -26.30
C TYR B 438 29.42 -12.97 -27.39
N ILE B 439 28.41 -13.84 -27.31
CA ILE B 439 28.25 -14.90 -28.30
C ILE B 439 27.07 -14.55 -29.19
N THR B 440 27.25 -14.76 -30.50
CA THR B 440 26.17 -14.51 -31.45
C THR B 440 26.16 -15.66 -32.44
N PHE B 441 25.03 -15.84 -33.10
CA PHE B 441 24.92 -16.91 -34.06
C PHE B 441 24.78 -16.26 -35.43
N PRO B 442 25.74 -16.53 -36.32
CA PRO B 442 25.76 -15.99 -37.68
C PRO B 442 24.56 -16.36 -38.53
N GLU B 443 24.12 -15.42 -39.35
CA GLU B 443 22.99 -15.66 -40.25
C GLU B 443 23.39 -16.87 -41.06
N GLY B 444 22.52 -17.88 -41.08
CA GLY B 444 22.83 -19.07 -41.82
C GLY B 444 23.25 -20.23 -40.93
N SER B 445 23.60 -19.95 -39.68
CA SER B 445 24.00 -21.02 -38.78
C SER B 445 22.75 -21.78 -38.34
N GLU B 446 22.92 -23.06 -38.01
CA GLU B 446 21.80 -23.88 -37.60
C GLU B 446 21.07 -23.26 -36.41
N GLU B 447 21.86 -22.68 -35.50
CA GLU B 447 21.34 -22.04 -34.31
C GLU B 447 20.52 -20.79 -34.62
N HIS B 448 21.05 -19.94 -35.49
CA HIS B 448 20.38 -18.72 -35.89
C HIS B 448 19.03 -19.06 -36.55
N THR B 449 19.05 -20.00 -37.49
CA THR B 449 17.83 -20.43 -38.19
C THR B 449 16.75 -20.95 -37.23
N TYR B 450 17.15 -21.81 -36.31
CA TYR B 450 16.21 -22.41 -35.36
C TYR B 450 15.65 -21.37 -34.39
N LEU B 451 16.49 -20.44 -33.94
CA LEU B 451 16.08 -19.40 -33.01
C LEU B 451 14.95 -18.54 -33.61
N HIS B 452 15.18 -18.04 -34.81
CA HIS B 452 14.19 -17.20 -35.47
C HIS B 452 13.01 -18.00 -35.99
N ALA B 453 13.27 -19.24 -36.39
CA ALA B 453 12.21 -20.10 -36.92
C ALA B 453 11.18 -20.42 -35.86
N GLN B 454 11.64 -20.62 -34.64
CA GLN B 454 10.74 -20.91 -33.54
C GLN B 454 9.88 -19.69 -33.21
N ARG B 455 10.51 -18.52 -33.20
CA ARG B 455 9.81 -17.27 -32.89
C ARG B 455 8.82 -16.85 -33.97
N GLN B 456 9.22 -16.95 -35.23
CA GLN B 456 8.33 -16.59 -36.32
C GLN B 456 7.07 -17.44 -36.25
N LYS B 457 7.23 -18.71 -35.91
CA LYS B 457 6.11 -19.62 -35.78
C LYS B 457 5.19 -19.10 -34.68
N LEU B 458 5.77 -18.36 -33.74
CA LEU B 458 5.03 -17.81 -32.62
C LEU B 458 4.72 -16.33 -32.76
N HIS B 459 4.70 -15.87 -34.01
CA HIS B 459 4.38 -14.49 -34.36
C HIS B 459 5.41 -13.42 -34.07
N GLY B 460 6.68 -13.80 -33.97
CA GLY B 460 7.68 -12.79 -33.72
C GLY B 460 8.37 -12.80 -32.37
N TYR B 461 8.88 -11.64 -32.00
CA TYR B 461 9.62 -11.49 -30.76
C TYR B 461 8.89 -10.77 -29.64
N LEU B 462 9.25 -11.14 -28.42
CA LEU B 462 8.70 -10.54 -27.23
C LEU B 462 9.80 -10.59 -26.18
N PRO B 463 9.83 -9.63 -25.25
CA PRO B 463 8.85 -8.54 -25.16
C PRO B 463 9.05 -7.43 -26.18
N SER B 464 7.96 -6.72 -26.45
CA SER B 464 7.95 -5.58 -27.35
C SER B 464 6.71 -4.79 -26.92
N ARG B 465 6.73 -3.48 -27.12
CA ARG B 465 5.61 -2.66 -26.72
C ARG B 465 5.30 -1.62 -27.77
N GLN B 466 4.01 -1.35 -27.95
CA GLN B 466 3.54 -0.36 -28.90
C GLN B 466 3.06 0.80 -28.02
N PRO B 467 3.74 1.95 -28.09
CA PRO B 467 3.40 3.15 -27.31
C PRO B 467 2.07 3.86 -27.52
N ASN B 468 1.52 3.80 -28.73
CA ASN B 468 0.25 4.48 -29.03
C ASN B 468 -0.74 3.58 -29.73
N PHE B 469 -2.04 3.78 -29.47
CA PHE B 469 -3.04 2.98 -30.17
C PHE B 469 -3.17 3.59 -31.55
N THR B 470 -3.61 2.80 -32.52
CA THR B 470 -3.73 3.27 -33.89
C THR B 470 -5.07 3.90 -34.29
N GLU B 471 -6.15 3.38 -33.74
CA GLU B 471 -7.47 3.91 -34.09
C GLU B 471 -7.71 5.34 -33.64
N LYS B 472 -8.62 6.02 -34.30
CA LYS B 472 -8.97 7.40 -33.97
C LYS B 472 -10.35 7.43 -33.33
N LEU B 473 -10.43 7.98 -32.14
CA LEU B 473 -11.71 8.05 -31.44
C LEU B 473 -12.33 9.42 -31.68
N GLU B 474 -13.66 9.46 -31.65
CA GLU B 474 -14.42 10.70 -31.83
C GLU B 474 -14.93 11.07 -30.44
N LEU B 475 -14.06 11.73 -29.68
CA LEU B 475 -14.34 12.14 -28.31
C LEU B 475 -15.43 13.19 -28.18
N PRO B 476 -16.11 13.21 -27.01
CA PRO B 476 -17.15 14.23 -26.83
C PRO B 476 -16.49 15.59 -26.73
N SER B 477 -17.19 16.62 -27.21
CA SER B 477 -16.66 17.98 -27.16
C SER B 477 -16.99 18.50 -25.77
N LEU B 478 -16.47 19.67 -25.43
CA LEU B 478 -16.78 20.23 -24.13
C LEU B 478 -18.25 20.62 -24.18
N GLN B 479 -18.67 21.06 -25.37
CA GLN B 479 -20.05 21.48 -25.58
C GLN B 479 -20.96 20.33 -25.19
N ASP B 480 -20.52 19.11 -25.48
CA ASP B 480 -21.29 17.93 -25.15
C ASP B 480 -21.58 17.83 -23.66
N PHE B 481 -20.78 18.54 -22.86
CA PHE B 481 -20.99 18.56 -21.40
C PHE B 481 -21.66 19.86 -20.98
N GLY B 482 -22.21 20.58 -21.96
CA GLY B 482 -22.86 21.87 -21.72
C GLY B 482 -23.78 22.03 -20.53
N ALA B 483 -24.57 21.00 -20.23
CA ALA B 483 -25.49 21.07 -19.09
C ALA B 483 -24.76 21.26 -17.78
N LEU B 484 -23.55 20.71 -17.70
CA LEU B 484 -22.68 20.77 -16.52
C LEU B 484 -22.00 22.14 -16.39
N LEU B 485 -21.98 22.90 -17.48
CA LEU B 485 -21.36 24.22 -17.47
C LEU B 485 -22.33 25.29 -16.97
N GLU B 486 -23.63 25.02 -17.08
CA GLU B 486 -24.65 25.98 -16.60
C GLU B 486 -24.81 25.85 -15.08
N GLU B 487 -25.54 26.81 -14.49
CA GLU B 487 -25.82 26.78 -13.07
C GLU B 487 -26.70 25.55 -12.84
N GLN B 488 -26.46 24.82 -11.76
CA GLN B 488 -27.24 23.62 -11.52
C GLN B 488 -28.56 23.90 -10.80
N SER B 489 -29.59 23.12 -11.16
CA SER B 489 -30.92 23.25 -10.56
C SER B 489 -30.83 23.10 -9.06
N LYS B 490 -30.61 21.86 -8.65
CA LYS B 490 -30.50 21.53 -7.24
C LYS B 490 -29.06 21.61 -6.76
N GLU B 491 -28.90 21.53 -5.45
CA GLU B 491 -27.58 21.54 -4.84
C GLU B 491 -27.06 20.12 -5.00
N ILE B 492 -25.92 19.98 -5.68
CA ILE B 492 -25.33 18.68 -5.90
C ILE B 492 -23.87 18.75 -5.43
N SER B 493 -23.17 17.62 -5.51
CA SER B 493 -21.77 17.54 -5.11
C SER B 493 -20.90 17.37 -6.35
N THR B 494 -19.58 17.39 -6.19
CA THR B 494 -18.73 17.20 -7.35
C THR B 494 -18.77 15.74 -7.80
N THR B 495 -19.24 14.83 -6.94
CA THR B 495 -19.31 13.41 -7.30
C THR B 495 -20.53 13.18 -8.20
N ILE B 496 -21.62 13.87 -7.89
CA ILE B 496 -22.83 13.77 -8.72
C ILE B 496 -22.44 14.32 -10.11
N ALA B 497 -21.65 15.39 -10.10
CA ALA B 497 -21.18 16.04 -11.32
C ALA B 497 -20.32 15.06 -12.12
N PHE B 498 -19.51 14.27 -11.42
CA PHE B 498 -18.66 13.30 -12.08
C PHE B 498 -19.51 12.21 -12.73
N VAL B 499 -20.52 11.72 -12.02
CA VAL B 499 -21.38 10.69 -12.57
C VAL B 499 -22.13 11.25 -13.78
N ARG B 500 -22.51 12.52 -13.72
CA ARG B 500 -23.22 13.14 -14.82
C ARG B 500 -22.30 13.29 -16.03
N ALA B 501 -21.01 13.53 -15.77
CA ALA B 501 -20.03 13.66 -16.85
C ALA B 501 -19.88 12.31 -17.53
N LEU B 502 -19.80 11.26 -16.71
CA LEU B 502 -19.69 9.89 -17.20
C LEU B 502 -20.83 9.56 -18.16
N ASN B 503 -22.04 9.98 -17.81
CA ASN B 503 -23.23 9.75 -18.63
C ASN B 503 -23.15 10.46 -19.98
N VAL B 504 -22.53 11.62 -20.00
CA VAL B 504 -22.37 12.35 -21.25
C VAL B 504 -21.51 11.48 -22.15
N MET B 505 -20.45 10.92 -21.56
CA MET B 505 -19.52 10.05 -22.28
C MET B 505 -20.19 8.76 -22.77
N LEU B 506 -21.07 8.22 -21.93
CA LEU B 506 -21.79 7.00 -22.23
C LEU B 506 -22.82 7.16 -23.33
N LYS B 507 -22.87 8.35 -23.93
CA LYS B 507 -23.81 8.62 -25.01
C LYS B 507 -23.00 8.86 -26.28
N ASN B 508 -21.68 8.89 -26.10
CA ASN B 508 -20.77 9.07 -27.22
C ASN B 508 -20.72 7.73 -27.91
N LYS B 509 -20.92 7.71 -29.21
CA LYS B 509 -20.91 6.47 -29.97
C LYS B 509 -19.51 5.87 -30.03
N SER B 510 -18.52 6.74 -30.15
CA SER B 510 -17.13 6.31 -30.25
C SER B 510 -16.51 5.70 -28.99
N ILE B 511 -16.86 6.22 -27.82
CA ILE B 511 -16.25 5.71 -26.60
C ILE B 511 -17.17 5.14 -25.53
N LYS B 512 -18.48 5.15 -25.75
CA LYS B 512 -19.39 4.65 -24.73
C LYS B 512 -19.06 3.25 -24.20
N ASP B 513 -18.71 2.33 -25.10
CA ASP B 513 -18.38 0.98 -24.67
C ASP B 513 -16.91 0.77 -24.32
N ARG B 514 -16.11 1.81 -24.51
CA ARG B 514 -14.68 1.76 -24.20
C ARG B 514 -14.51 2.20 -22.76
N LEU B 515 -15.57 2.77 -22.19
CA LEU B 515 -15.53 3.21 -20.81
C LEU B 515 -15.57 2.01 -19.86
N VAL B 516 -14.82 2.11 -18.77
CA VAL B 516 -14.77 1.05 -17.79
C VAL B 516 -14.92 1.62 -16.38
N PRO B 517 -16.16 1.78 -15.91
CA PRO B 517 -16.36 2.31 -14.55
C PRO B 517 -15.91 1.19 -13.63
N ILE B 518 -15.18 1.53 -12.57
CA ILE B 518 -14.70 0.52 -11.65
C ILE B 518 -15.00 0.97 -10.23
N ILE B 519 -15.59 0.07 -9.44
CA ILE B 519 -15.94 0.37 -8.05
C ILE B 519 -15.45 -0.77 -7.15
N ALA B 520 -15.15 -0.43 -5.91
CA ALA B 520 -14.72 -1.41 -4.94
C ALA B 520 -15.82 -1.49 -3.90
N ASP B 521 -16.84 -2.28 -4.24
CA ASP B 521 -18.01 -2.50 -3.37
C ASP B 521 -18.97 -1.31 -3.37
N GLU B 522 -18.61 -0.27 -2.60
CA GLU B 522 -19.40 0.95 -2.48
C GLU B 522 -19.72 1.59 -3.83
N ALA B 523 -21.02 1.75 -4.10
CA ALA B 523 -21.48 2.36 -5.34
C ALA B 523 -22.49 3.42 -4.97
N ARG B 524 -23.42 3.04 -4.11
CA ARG B 524 -24.47 3.95 -3.67
C ARG B 524 -23.90 5.19 -2.99
N THR B 525 -22.79 5.04 -2.29
CA THR B 525 -22.16 6.17 -1.61
C THR B 525 -21.79 7.23 -2.64
N PHE B 526 -21.48 6.75 -3.84
CA PHE B 526 -21.09 7.61 -4.95
C PHE B 526 -22.19 7.76 -5.98
N GLY B 527 -23.38 7.31 -5.62
CA GLY B 527 -24.50 7.41 -6.55
C GLY B 527 -24.23 6.74 -7.88
N MET B 528 -23.48 5.63 -7.85
CA MET B 528 -23.16 4.88 -9.06
C MET B 528 -24.23 3.83 -9.31
N GLU B 529 -24.93 3.45 -8.25
CA GLU B 529 -25.99 2.46 -8.35
C GLU B 529 -27.01 2.82 -9.43
N GLY B 530 -26.88 4.02 -9.99
CA GLY B 530 -27.79 4.47 -11.02
C GLY B 530 -27.33 4.10 -12.42
N LEU B 531 -26.06 3.72 -12.55
CA LEU B 531 -25.52 3.33 -13.85
C LEU B 531 -25.67 1.82 -14.03
N PHE B 532 -26.02 1.12 -12.95
CA PHE B 532 -26.19 -0.34 -12.97
C PHE B 532 -27.30 -0.76 -13.92
N ARG B 533 -28.51 -0.25 -13.71
CA ARG B 533 -29.65 -0.58 -14.56
C ARG B 533 -29.39 -0.12 -15.99
N GLN B 534 -28.48 0.84 -16.14
CA GLN B 534 -28.16 1.39 -17.44
C GLN B 534 -27.11 0.63 -18.27
N ILE B 535 -25.92 0.40 -17.71
CA ILE B 535 -24.86 -0.30 -18.43
C ILE B 535 -24.53 -1.67 -17.85
N GLY B 536 -25.11 -1.97 -16.69
CA GLY B 536 -24.93 -3.25 -16.06
C GLY B 536 -23.62 -3.48 -15.31
N ILE B 537 -23.58 -4.56 -14.54
CA ILE B 537 -22.39 -4.93 -13.79
C ILE B 537 -21.84 -6.22 -14.40
N TYR B 538 -20.53 -6.22 -14.66
CA TYR B 538 -19.90 -7.37 -15.27
C TYR B 538 -19.98 -8.59 -14.40
N SER B 539 -20.53 -9.66 -14.97
CA SER B 539 -20.68 -10.94 -14.31
C SER B 539 -20.63 -12.01 -15.40
N PRO B 540 -19.46 -12.65 -15.60
CA PRO B 540 -19.28 -13.68 -16.62
C PRO B 540 -20.09 -14.96 -16.38
N GLU B 558 -26.44 -6.87 -15.00
CA GLU B 558 -25.58 -7.82 -14.23
C GLU B 558 -25.29 -9.15 -14.95
N ASP B 559 -24.66 -9.06 -16.12
CA ASP B 559 -24.35 -10.26 -16.90
C ASP B 559 -22.94 -10.17 -17.39
N GLU B 560 -22.59 -11.04 -18.34
CA GLU B 560 -21.24 -11.06 -18.90
C GLU B 560 -21.00 -9.88 -19.84
N LYS B 561 -22.07 -9.15 -20.15
CA LYS B 561 -21.94 -7.99 -21.03
C LYS B 561 -22.01 -6.75 -20.16
N GLY B 562 -22.10 -6.96 -18.84
CA GLY B 562 -22.14 -5.85 -17.90
C GLY B 562 -20.86 -5.06 -18.05
N GLN B 563 -20.98 -3.73 -18.09
CA GLN B 563 -19.84 -2.84 -18.28
C GLN B 563 -19.07 -2.48 -17.02
N ILE B 564 -19.79 -2.31 -15.92
CA ILE B 564 -19.18 -1.93 -14.65
C ILE B 564 -18.44 -3.07 -13.98
N LEU B 565 -17.24 -2.78 -13.51
CA LEU B 565 -16.44 -3.79 -12.82
C LEU B 565 -16.60 -3.57 -11.34
N GLN B 566 -17.17 -4.54 -10.65
CA GLN B 566 -17.39 -4.45 -9.22
C GLN B 566 -16.35 -5.39 -8.62
N GLU B 567 -15.32 -4.80 -8.02
CA GLU B 567 -14.23 -5.58 -7.43
C GLU B 567 -14.32 -5.78 -5.92
N GLY B 568 -15.49 -5.51 -5.34
CA GLY B 568 -15.66 -5.69 -3.91
C GLY B 568 -14.67 -4.91 -3.08
N ILE B 569 -14.54 -5.28 -1.80
CA ILE B 569 -13.62 -4.58 -0.89
C ILE B 569 -12.21 -5.08 -1.21
N ASN B 570 -11.64 -4.51 -2.26
CA ASN B 570 -10.33 -4.88 -2.77
C ASN B 570 -9.82 -3.70 -3.59
N GLU B 571 -9.28 -2.70 -2.93
CA GLU B 571 -8.76 -1.52 -3.63
C GLU B 571 -7.62 -1.86 -4.57
N LEU B 572 -6.73 -2.76 -4.15
CA LEU B 572 -5.61 -3.13 -4.98
C LEU B 572 -6.08 -3.87 -6.24
N GLY B 573 -7.05 -4.76 -6.06
CA GLY B 573 -7.59 -5.49 -7.20
C GLY B 573 -8.28 -4.55 -8.17
N ALA B 574 -8.99 -3.56 -7.64
CA ALA B 574 -9.70 -2.58 -8.46
C ALA B 574 -8.70 -1.75 -9.26
N GLY B 575 -7.59 -1.40 -8.62
CA GLY B 575 -6.55 -0.62 -9.30
C GLY B 575 -5.83 -1.45 -10.36
N CYS B 576 -5.83 -2.78 -10.19
CA CYS B 576 -5.18 -3.66 -11.15
C CYS B 576 -6.07 -3.83 -12.37
N SER B 577 -7.38 -3.82 -12.16
CA SER B 577 -8.34 -3.91 -13.26
C SER B 577 -8.25 -2.55 -13.97
N TRP B 578 -8.12 -1.50 -13.18
CA TRP B 578 -8.00 -0.15 -13.70
C TRP B 578 -6.72 -0.05 -14.52
N LEU B 579 -5.64 -0.64 -14.03
CA LEU B 579 -4.37 -0.59 -14.75
C LEU B 579 -4.47 -1.36 -16.05
N ALA B 580 -5.08 -2.55 -16.00
CA ALA B 580 -5.23 -3.37 -17.19
C ALA B 580 -6.01 -2.60 -18.27
N ALA B 581 -7.01 -1.86 -17.84
CA ALA B 581 -7.86 -1.10 -18.75
C ALA B 581 -7.15 0.13 -19.25
N ALA B 582 -6.47 0.82 -18.32
CA ALA B 582 -5.74 2.05 -18.62
C ALA B 582 -4.54 1.88 -19.55
N THR B 583 -4.19 0.64 -19.87
CA THR B 583 -3.06 0.38 -20.74
C THR B 583 -3.43 -0.58 -21.87
N SER B 584 -4.73 -0.83 -22.02
CA SER B 584 -5.20 -1.73 -23.07
C SER B 584 -4.88 -1.10 -24.42
N TYR B 585 -4.79 0.22 -24.47
CA TYR B 585 -4.48 0.95 -25.70
C TYR B 585 -3.15 0.50 -26.30
N SER B 586 -2.22 0.12 -25.43
CA SER B 586 -0.90 -0.32 -25.86
C SER B 586 -0.77 -1.83 -25.99
N THR B 587 -1.19 -2.58 -24.97
CA THR B 587 -1.04 -4.03 -25.06
C THR B 587 -1.98 -4.73 -26.04
N ASN B 588 -3.18 -4.19 -26.22
CA ASN B 588 -4.14 -4.78 -27.15
C ASN B 588 -4.49 -3.83 -28.28
N ASN B 589 -3.88 -2.65 -28.29
CA ASN B 589 -4.19 -1.62 -29.29
C ASN B 589 -5.70 -1.40 -29.30
N LEU B 590 -6.31 -1.51 -28.12
CA LEU B 590 -7.73 -1.27 -27.98
C LEU B 590 -7.89 -0.33 -26.80
N PRO B 591 -7.90 0.99 -27.07
CA PRO B 591 -8.06 1.97 -25.98
C PRO B 591 -9.34 1.79 -25.17
N MET B 592 -9.17 1.65 -23.86
CA MET B 592 -10.27 1.50 -22.94
C MET B 592 -10.06 2.64 -21.95
N ILE B 593 -11.14 3.27 -21.50
CA ILE B 593 -11.04 4.41 -20.60
C ILE B 593 -11.68 4.13 -19.25
N PRO B 594 -10.88 3.67 -18.27
CA PRO B 594 -11.34 3.34 -16.93
C PRO B 594 -11.55 4.53 -16.00
N PHE B 595 -12.62 4.46 -15.22
CA PHE B 595 -12.94 5.48 -14.24
C PHE B 595 -13.15 4.70 -12.95
N TYR B 596 -12.13 4.72 -12.10
CA TYR B 596 -12.19 4.00 -10.83
C TYR B 596 -12.47 5.01 -9.73
N ILE B 597 -13.63 4.89 -9.08
CA ILE B 597 -14.00 5.78 -7.99
C ILE B 597 -14.02 4.99 -6.68
N TYR B 598 -13.46 5.58 -5.62
CA TYR B 598 -13.35 4.91 -4.32
C TYR B 598 -13.18 5.96 -3.22
N TYR B 599 -13.10 5.52 -1.97
CA TYR B 599 -12.90 6.43 -0.85
C TYR B 599 -11.46 6.90 -1.01
N SER B 600 -11.28 8.17 -1.35
CA SER B 600 -9.96 8.74 -1.59
C SER B 600 -8.85 8.30 -0.65
N MET B 601 -9.15 8.16 0.64
CA MET B 601 -8.11 7.75 1.59
C MET B 601 -7.47 6.42 1.22
N PHE B 602 -8.23 5.55 0.57
CA PHE B 602 -7.72 4.25 0.21
C PHE B 602 -7.18 4.17 -1.21
N GLY B 603 -6.70 5.31 -1.70
CA GLY B 603 -6.10 5.38 -3.01
C GLY B 603 -4.59 5.22 -2.87
N PHE B 604 -3.85 6.29 -3.17
CA PHE B 604 -2.39 6.29 -3.09
C PHE B 604 -1.81 5.79 -1.76
N GLN B 605 -2.51 6.07 -0.67
CA GLN B 605 -2.06 5.65 0.65
C GLN B 605 -2.07 4.13 0.78
N ARG B 606 -3.07 3.50 0.16
CA ARG B 606 -3.24 2.06 0.23
C ARG B 606 -2.68 1.26 -0.94
N ILE B 607 -2.67 1.86 -2.12
CA ILE B 607 -2.16 1.18 -3.31
C ILE B 607 -1.08 1.98 -4.05
N GLY B 608 -0.42 2.89 -3.32
CA GLY B 608 0.62 3.70 -3.90
C GLY B 608 1.71 3.01 -4.70
N ASP B 609 2.12 1.81 -4.31
CA ASP B 609 3.16 1.12 -5.07
C ASP B 609 2.59 0.75 -6.42
N LEU B 610 1.30 0.41 -6.45
CA LEU B 610 0.65 0.05 -7.70
C LEU B 610 0.53 1.31 -8.56
N CYS B 611 0.24 2.42 -7.89
CA CYS B 611 0.07 3.69 -8.57
C CYS B 611 1.37 4.16 -9.20
N TRP B 612 2.48 3.91 -8.52
CA TRP B 612 3.79 4.29 -9.05
C TRP B 612 4.09 3.42 -10.28
N ALA B 613 3.80 2.13 -10.18
CA ALA B 613 4.02 1.20 -11.28
C ALA B 613 3.12 1.56 -12.46
N ALA B 614 1.92 2.08 -12.15
CA ALA B 614 0.97 2.49 -13.18
C ALA B 614 1.61 3.58 -14.05
N GLY B 615 2.30 4.52 -13.40
CA GLY B 615 2.96 5.58 -14.14
C GLY B 615 4.07 4.99 -14.99
N ASP B 616 4.76 4.00 -14.42
CA ASP B 616 5.84 3.30 -15.11
C ASP B 616 5.25 2.58 -16.33
N GLN B 617 4.03 2.06 -16.18
CA GLN B 617 3.36 1.34 -17.26
C GLN B 617 2.61 2.25 -18.22
N GLN B 618 2.83 3.56 -18.09
CA GLN B 618 2.19 4.54 -18.96
C GLN B 618 0.66 4.43 -18.99
N ALA B 619 0.07 4.26 -17.81
CA ALA B 619 -1.37 4.13 -17.68
C ALA B 619 -2.08 5.44 -18.05
N ARG B 620 -3.18 5.30 -18.79
CA ARG B 620 -4.00 6.44 -19.21
C ARG B 620 -5.44 6.18 -18.74
N GLY B 621 -5.84 6.85 -17.67
CA GLY B 621 -7.18 6.67 -17.16
C GLY B 621 -7.42 7.67 -16.05
N PHE B 622 -8.58 7.55 -15.40
CA PHE B 622 -8.96 8.45 -14.33
C PHE B 622 -9.10 7.74 -13.01
N LEU B 623 -8.49 8.30 -11.98
CA LEU B 623 -8.59 7.74 -10.64
C LEU B 623 -9.46 8.79 -9.99
N ILE B 624 -10.60 8.39 -9.43
CA ILE B 624 -11.49 9.35 -8.80
C ILE B 624 -11.56 9.17 -7.30
N GLY B 625 -10.96 10.09 -6.57
CA GLY B 625 -10.99 9.98 -5.13
C GLY B 625 -12.25 10.60 -4.57
N GLY B 626 -13.25 9.75 -4.31
CA GLY B 626 -14.50 10.22 -3.76
C GLY B 626 -14.40 10.50 -2.26
N THR B 627 -15.50 10.94 -1.66
CA THR B 627 -15.53 11.27 -0.22
C THR B 627 -14.18 11.82 0.25
N SER B 628 -13.58 12.69 -0.56
CA SER B 628 -12.28 13.30 -0.24
C SER B 628 -12.40 14.53 0.65
N GLY B 629 -11.28 15.00 1.18
CA GLY B 629 -11.31 16.18 2.05
C GLY B 629 -11.40 15.78 3.50
N ARG B 630 -10.56 16.37 4.34
CA ARG B 630 -10.53 16.04 5.75
C ARG B 630 -11.81 16.33 6.52
N THR B 631 -12.40 17.50 6.28
CA THR B 631 -13.60 17.91 6.98
C THR B 631 -14.91 17.53 6.30
N THR B 632 -14.86 17.07 5.05
CA THR B 632 -16.08 16.76 4.32
C THR B 632 -16.71 15.40 4.56
N LEU B 633 -15.90 14.37 4.76
CA LEU B 633 -16.43 13.04 5.08
C LEU B 633 -16.33 13.15 6.60
N ASN B 634 -17.13 14.05 7.14
CA ASN B 634 -17.14 14.39 8.57
C ASN B 634 -17.35 13.36 9.66
N GLY B 635 -18.26 12.41 9.47
CA GLY B 635 -18.51 11.44 10.52
C GLY B 635 -17.54 10.28 10.60
N GLU B 636 -16.95 9.90 9.47
CA GLU B 636 -16.04 8.76 9.39
C GLU B 636 -14.77 8.79 10.23
N GLY B 637 -14.19 9.97 10.45
CA GLY B 637 -13.01 10.09 11.29
C GLY B 637 -11.63 9.75 10.77
N LEU B 638 -10.74 9.54 11.74
CA LEU B 638 -9.31 9.24 11.56
C LEU B 638 -8.81 8.48 10.33
N GLN B 639 -9.31 7.27 10.11
CA GLN B 639 -8.85 6.46 8.97
C GLN B 639 -9.58 6.64 7.64
N HIS B 640 -10.45 7.65 7.57
CA HIS B 640 -11.22 7.92 6.37
C HIS B 640 -11.06 9.35 5.86
N GLU B 641 -10.95 10.30 6.79
CA GLU B 641 -10.82 11.71 6.47
C GLU B 641 -9.51 12.02 5.79
N ASP B 642 -9.57 12.14 4.46
CA ASP B 642 -8.42 12.40 3.62
C ASP B 642 -8.08 13.87 3.41
N GLY B 643 -6.97 14.30 4.00
CA GLY B 643 -6.52 15.66 3.83
C GLY B 643 -5.09 15.63 3.33
N HIS B 644 -4.74 14.61 2.56
CA HIS B 644 -3.36 14.49 2.10
C HIS B 644 -3.14 13.59 0.89
N SER B 645 -4.20 13.03 0.30
CA SER B 645 -3.98 12.18 -0.86
C SER B 645 -3.32 12.97 -2.00
N HIS B 646 -3.53 14.28 -1.99
CA HIS B 646 -2.96 15.13 -3.02
C HIS B 646 -1.45 15.32 -2.81
N ILE B 647 -1.00 15.15 -1.57
CA ILE B 647 0.42 15.26 -1.27
C ILE B 647 1.11 13.97 -1.72
N GLN B 648 0.35 12.89 -1.76
CA GLN B 648 0.87 11.60 -2.18
C GLN B 648 0.87 11.54 -3.69
N SER B 649 -0.23 12.00 -4.29
CA SER B 649 -0.38 11.99 -5.73
C SER B 649 0.60 12.91 -6.44
N LEU B 650 1.00 14.01 -5.82
CA LEU B 650 1.94 14.91 -6.49
C LEU B 650 3.35 14.31 -6.61
N THR B 651 3.58 13.17 -5.96
CA THR B 651 4.90 12.53 -6.02
C THR B 651 5.09 11.74 -7.30
N ILE B 652 4.00 11.40 -7.98
CA ILE B 652 4.04 10.62 -9.23
C ILE B 652 4.08 11.60 -10.40
N PRO B 653 5.19 11.63 -11.17
CA PRO B 653 5.39 12.52 -12.32
C PRO B 653 4.32 12.62 -13.42
N ASN B 654 3.78 11.50 -13.88
CA ASN B 654 2.78 11.54 -14.92
C ASN B 654 1.33 11.37 -14.47
N CYS B 655 1.03 11.83 -13.26
CA CYS B 655 -0.34 11.79 -12.73
C CYS B 655 -0.73 13.24 -12.56
N ILE B 656 -1.84 13.64 -13.19
CA ILE B 656 -2.34 15.01 -13.12
C ILE B 656 -3.43 15.10 -12.07
N SER B 657 -3.17 15.87 -11.01
CA SER B 657 -4.09 16.01 -9.88
C SER B 657 -4.93 17.28 -9.84
N TYR B 658 -6.23 17.11 -9.59
CA TYR B 658 -7.19 18.21 -9.51
C TYR B 658 -8.10 18.09 -8.29
N ASP B 659 -8.42 19.22 -7.68
CA ASP B 659 -9.33 19.26 -6.52
C ASP B 659 -10.39 20.33 -6.84
N PRO B 660 -11.30 20.06 -7.79
CA PRO B 660 -12.35 20.99 -8.18
C PRO B 660 -13.42 21.25 -7.14
N ALA B 661 -13.91 22.48 -7.12
CA ALA B 661 -14.95 22.88 -6.18
C ALA B 661 -16.34 22.80 -6.80
N TYR B 662 -16.41 23.08 -8.11
CA TYR B 662 -17.68 23.13 -8.81
C TYR B 662 -17.87 22.08 -9.89
N ALA B 663 -19.14 21.79 -10.19
CA ALA B 663 -19.49 20.81 -11.21
C ALA B 663 -18.98 21.14 -12.62
N TYR B 664 -18.98 22.42 -12.99
CA TYR B 664 -18.51 22.76 -14.33
C TYR B 664 -16.99 22.53 -14.46
N GLU B 665 -16.28 22.65 -13.35
CA GLU B 665 -14.84 22.43 -13.34
C GLU B 665 -14.57 20.93 -13.56
N VAL B 666 -15.37 20.09 -12.90
CA VAL B 666 -15.23 18.65 -13.03
C VAL B 666 -15.42 18.24 -14.48
N ALA B 667 -16.36 18.89 -15.17
CA ALA B 667 -16.64 18.63 -16.58
C ALA B 667 -15.49 19.03 -17.49
N VAL B 668 -14.94 20.23 -17.28
CA VAL B 668 -13.83 20.73 -18.10
C VAL B 668 -12.56 19.86 -17.93
N ILE B 669 -12.28 19.46 -16.69
CA ILE B 669 -11.12 18.63 -16.38
C ILE B 669 -11.25 17.23 -17.00
N MET B 670 -12.43 16.63 -16.87
CA MET B 670 -12.65 15.29 -17.42
C MET B 670 -12.60 15.33 -18.94
N HIS B 671 -13.14 16.40 -19.52
CA HIS B 671 -13.10 16.50 -20.97
C HIS B 671 -11.64 16.69 -21.40
N ASP B 672 -10.92 17.57 -20.72
CA ASP B 672 -9.53 17.83 -21.05
C ASP B 672 -8.70 16.57 -20.93
N GLY B 673 -8.90 15.83 -19.85
CA GLY B 673 -8.17 14.60 -19.65
C GLY B 673 -8.44 13.58 -20.74
N LEU B 674 -9.70 13.51 -21.16
CA LEU B 674 -10.11 12.59 -22.22
C LEU B 674 -9.38 12.91 -23.53
N GLU B 675 -9.36 14.19 -23.88
CA GLU B 675 -8.70 14.64 -25.10
C GLU B 675 -7.20 14.44 -25.03
N ARG B 676 -6.60 14.83 -23.91
CA ARG B 676 -5.16 14.70 -23.72
C ARG B 676 -4.67 13.26 -23.85
N MET B 677 -5.32 12.35 -23.12
CA MET B 677 -4.93 10.94 -23.11
C MET B 677 -5.41 10.12 -24.30
N TYR B 678 -6.69 10.26 -24.62
CA TYR B 678 -7.24 9.47 -25.70
C TYR B 678 -7.57 10.23 -26.96
N GLY B 679 -7.06 11.45 -27.02
CA GLY B 679 -7.25 12.27 -28.20
C GLY B 679 -5.96 12.13 -29.00
N GLU B 680 -5.87 12.86 -30.11
CA GLU B 680 -4.69 12.80 -30.96
C GLU B 680 -3.40 12.95 -30.18
N LYS B 681 -3.43 13.71 -29.09
CA LYS B 681 -2.26 13.94 -28.26
C LYS B 681 -1.65 12.66 -27.70
N GLN B 682 -2.50 11.71 -27.32
CA GLN B 682 -2.04 10.45 -26.74
C GLN B 682 -0.92 10.70 -25.75
N GLU B 683 -1.17 11.63 -24.83
CA GLU B 683 -0.24 11.99 -23.78
C GLU B 683 -0.20 10.89 -22.74
N ASN B 684 1.00 10.46 -22.37
CA ASN B 684 1.14 9.41 -21.38
C ASN B 684 1.09 10.01 -19.99
N VAL B 685 -0.12 10.08 -19.46
CA VAL B 685 -0.37 10.64 -18.16
C VAL B 685 -1.70 10.06 -17.71
N TYR B 686 -1.96 10.04 -16.41
CA TYR B 686 -3.26 9.58 -15.95
C TYR B 686 -3.78 10.66 -15.00
N TYR B 687 -5.08 10.68 -14.78
CA TYR B 687 -5.67 11.73 -13.96
C TYR B 687 -6.09 11.32 -12.56
N TYR B 688 -6.09 12.30 -11.66
CA TYR B 688 -6.54 12.10 -10.30
C TYR B 688 -7.39 13.30 -9.93
N ILE B 689 -8.68 13.05 -9.77
CA ILE B 689 -9.63 14.09 -9.39
C ILE B 689 -10.29 13.67 -8.08
N THR B 690 -10.21 14.51 -7.06
CA THR B 690 -10.84 14.23 -5.80
C THR B 690 -12.24 14.83 -5.89
N THR B 691 -13.25 14.08 -5.46
CA THR B 691 -14.62 14.58 -5.51
C THR B 691 -15.24 14.53 -4.12
N LEU B 692 -16.32 15.28 -3.95
CA LEU B 692 -16.97 15.38 -2.67
C LEU B 692 -18.35 14.73 -2.55
N ASN B 693 -18.74 14.50 -1.31
CA ASN B 693 -20.03 13.89 -1.00
C ASN B 693 -20.93 14.98 -0.43
N GLU B 694 -20.46 16.23 -0.51
CA GLU B 694 -21.21 17.39 0.00
C GLU B 694 -21.91 18.18 -1.09
N ASN B 695 -23.19 18.47 -0.85
CA ASN B 695 -24.00 19.21 -1.79
C ASN B 695 -24.04 20.69 -1.41
N TYR B 696 -23.98 21.53 -2.44
CA TYR B 696 -24.06 22.98 -2.28
C TYR B 696 -24.35 23.58 -3.65
N HIS B 697 -24.62 24.88 -3.68
CA HIS B 697 -24.93 25.53 -4.95
C HIS B 697 -23.80 25.46 -5.98
N MET B 698 -24.13 24.98 -7.17
CA MET B 698 -23.18 24.86 -8.26
C MET B 698 -23.42 25.97 -9.30
N PRO B 699 -22.62 27.03 -9.26
CA PRO B 699 -22.76 28.14 -10.20
C PRO B 699 -22.43 27.80 -11.66
N ALA B 700 -22.80 28.70 -12.57
CA ALA B 700 -22.53 28.51 -13.99
C ALA B 700 -21.07 28.84 -14.20
N MET B 701 -20.46 28.20 -15.19
CA MET B 701 -19.06 28.47 -15.47
C MET B 701 -18.87 29.86 -16.06
N PRO B 702 -17.92 30.65 -15.52
CA PRO B 702 -17.69 31.99 -16.07
C PRO B 702 -17.22 31.85 -17.51
N GLU B 703 -17.75 32.68 -18.40
CA GLU B 703 -17.38 32.62 -19.81
C GLU B 703 -15.88 32.78 -19.91
N GLY B 704 -15.25 31.88 -20.66
CA GLY B 704 -13.80 31.94 -20.84
C GLY B 704 -12.93 31.34 -19.74
N ALA B 705 -13.56 30.71 -18.75
CA ALA B 705 -12.79 30.11 -17.64
C ALA B 705 -12.16 28.77 -17.97
N GLU B 706 -12.56 28.17 -19.09
CA GLU B 706 -12.05 26.86 -19.48
C GLU B 706 -10.55 26.65 -19.36
N GLU B 707 -9.76 27.48 -20.03
CA GLU B 707 -8.31 27.32 -19.99
C GLU B 707 -7.73 27.41 -18.59
N GLY B 708 -8.25 28.35 -17.79
CA GLY B 708 -7.79 28.53 -16.44
C GLY B 708 -8.09 27.36 -15.52
N ILE B 709 -9.22 26.70 -15.76
CA ILE B 709 -9.62 25.53 -14.97
C ILE B 709 -8.61 24.42 -15.26
N ARG B 710 -8.21 24.30 -16.53
CA ARG B 710 -7.24 23.30 -16.94
C ARG B 710 -5.87 23.58 -16.34
N LYS B 711 -5.46 24.84 -16.42
CA LYS B 711 -4.16 25.28 -15.91
C LYS B 711 -4.01 25.22 -14.41
N GLY B 712 -5.12 25.38 -13.68
CA GLY B 712 -5.04 25.28 -12.24
C GLY B 712 -5.62 26.41 -11.41
N ILE B 713 -5.85 27.57 -12.01
CA ILE B 713 -6.39 28.69 -11.25
C ILE B 713 -6.98 29.76 -12.17
N TYR B 714 -7.99 30.43 -11.68
CA TYR B 714 -8.64 31.49 -12.42
C TYR B 714 -9.35 32.35 -11.39
N LYS B 715 -9.50 33.63 -11.70
CA LYS B 715 -10.18 34.54 -10.79
C LYS B 715 -11.70 34.35 -10.92
N LEU B 716 -12.34 34.03 -9.80
CA LEU B 716 -13.77 33.83 -9.75
C LEU B 716 -14.45 35.18 -9.81
N GLU B 717 -13.97 36.10 -8.99
CA GLU B 717 -14.52 37.43 -8.93
C GLU B 717 -13.70 38.29 -8.01
N THR B 718 -13.98 39.58 -8.03
CA THR B 718 -13.29 40.53 -7.18
C THR B 718 -14.40 41.30 -6.49
N ILE B 719 -14.25 41.51 -5.19
CA ILE B 719 -15.25 42.23 -4.43
C ILE B 719 -14.62 43.55 -4.01
N GLU B 720 -15.37 44.62 -4.17
CA GLU B 720 -14.85 45.94 -3.82
C GLU B 720 -14.79 46.20 -2.32
N GLY B 721 -13.77 46.96 -1.92
CA GLY B 721 -13.56 47.28 -0.51
C GLY B 721 -12.64 48.47 -0.37
N SER B 722 -13.09 49.49 0.34
CA SER B 722 -12.33 50.72 0.53
C SER B 722 -11.31 50.74 1.66
N LYS B 723 -11.41 49.80 2.59
CA LYS B 723 -10.49 49.75 3.72
C LYS B 723 -9.25 48.92 3.48
N GLY B 724 -9.31 48.03 2.50
CA GLY B 724 -8.15 47.20 2.22
C GLY B 724 -8.42 46.22 1.11
N LYS B 725 -7.41 45.45 0.75
CA LYS B 725 -7.56 44.47 -0.31
C LYS B 725 -6.70 43.26 -0.03
N VAL B 726 -7.24 42.09 -0.36
CA VAL B 726 -6.53 40.83 -0.16
C VAL B 726 -6.93 39.89 -1.29
N GLN B 727 -6.23 38.77 -1.37
CA GLN B 727 -6.53 37.77 -2.38
C GLN B 727 -6.96 36.53 -1.59
N LEU B 728 -7.94 35.82 -2.09
CA LEU B 728 -8.45 34.66 -1.40
C LEU B 728 -8.52 33.47 -2.34
N LEU B 729 -7.86 32.39 -1.96
CA LEU B 729 -7.82 31.18 -2.77
C LEU B 729 -8.44 29.99 -2.08
N GLY B 730 -9.11 29.14 -2.86
CA GLY B 730 -9.71 27.95 -2.31
C GLY B 730 -9.81 26.86 -3.36
N SER B 731 -10.04 25.63 -2.91
CA SER B 731 -10.21 24.50 -3.81
C SER B 731 -11.21 23.56 -3.15
N GLY B 732 -11.68 22.57 -3.90
CA GLY B 732 -12.63 21.62 -3.36
C GLY B 732 -13.79 22.25 -2.59
N SER B 733 -14.16 21.60 -1.48
CA SER B 733 -15.27 22.04 -0.65
C SER B 733 -15.01 23.28 0.20
N ILE B 734 -13.75 23.66 0.34
CA ILE B 734 -13.43 24.79 1.15
C ILE B 734 -13.55 26.11 0.38
N LEU B 735 -13.52 26.07 -0.95
CA LEU B 735 -13.64 27.30 -1.75
C LEU B 735 -14.90 28.11 -1.40
N ARG B 736 -16.03 27.42 -1.19
CA ARG B 736 -17.26 28.14 -0.87
C ARG B 736 -17.19 28.83 0.50
N HIS B 737 -16.29 28.36 1.37
CA HIS B 737 -16.15 28.99 2.67
C HIS B 737 -15.20 30.19 2.53
N VAL B 738 -14.34 30.14 1.53
CA VAL B 738 -13.40 31.24 1.27
C VAL B 738 -14.22 32.38 0.65
N ARG B 739 -15.22 32.03 -0.17
CA ARG B 739 -16.08 33.03 -0.80
C ARG B 739 -16.92 33.68 0.30
N GLU B 740 -17.33 32.88 1.28
CA GLU B 740 -18.11 33.40 2.38
C GLU B 740 -17.26 34.39 3.17
N ALA B 741 -15.98 34.07 3.29
CA ALA B 741 -15.07 34.94 4.02
C ALA B 741 -14.95 36.27 3.29
N ALA B 742 -14.96 36.21 1.96
CA ALA B 742 -14.82 37.41 1.13
C ALA B 742 -15.96 38.40 1.36
N GLU B 743 -17.18 37.90 1.53
CA GLU B 743 -18.34 38.74 1.77
C GLU B 743 -18.24 39.35 3.15
N ILE B 744 -17.82 38.53 4.11
CA ILE B 744 -17.66 39.00 5.49
C ILE B 744 -16.66 40.14 5.51
N LEU B 745 -15.54 39.94 4.83
CA LEU B 745 -14.50 40.96 4.77
C LEU B 745 -15.06 42.25 4.18
N ALA B 746 -15.78 42.12 3.08
CA ALA B 746 -16.35 43.28 2.41
C ALA B 746 -17.43 43.93 3.27
N LYS B 747 -18.41 43.13 3.67
CA LYS B 747 -19.53 43.64 4.46
C LYS B 747 -19.20 44.10 5.87
N ASP B 748 -18.43 43.31 6.61
CA ASP B 748 -18.10 43.68 7.97
C ASP B 748 -16.90 44.56 8.12
N TYR B 749 -15.95 44.48 7.20
CA TYR B 749 -14.73 45.26 7.33
C TYR B 749 -14.37 46.23 6.23
N GLY B 750 -15.13 46.26 5.14
CA GLY B 750 -14.83 47.18 4.06
C GLY B 750 -13.62 46.72 3.26
N VAL B 751 -13.20 45.49 3.49
CA VAL B 751 -12.04 44.95 2.81
C VAL B 751 -12.42 44.24 1.51
N GLY B 752 -11.87 44.73 0.41
CA GLY B 752 -12.16 44.14 -0.88
C GLY B 752 -11.29 42.93 -1.11
N SER B 753 -11.49 42.23 -2.22
CA SER B 753 -10.69 41.06 -2.50
C SER B 753 -10.85 40.48 -3.88
N ASP B 754 -9.91 39.62 -4.24
CA ASP B 754 -9.89 38.89 -5.50
C ASP B 754 -10.05 37.45 -5.03
N VAL B 755 -11.06 36.75 -5.52
CA VAL B 755 -11.30 35.37 -5.11
C VAL B 755 -10.92 34.40 -6.23
N TYR B 756 -10.08 33.43 -5.93
CA TYR B 756 -9.63 32.49 -6.95
C TYR B 756 -10.02 31.06 -6.68
N SER B 757 -10.38 30.35 -7.74
CA SER B 757 -10.69 28.94 -7.60
C SER B 757 -9.44 28.24 -8.10
N VAL B 758 -8.80 27.48 -7.22
CA VAL B 758 -7.60 26.75 -7.58
C VAL B 758 -7.97 25.29 -7.82
N THR B 759 -8.13 24.94 -9.09
CA THR B 759 -8.52 23.57 -9.45
C THR B 759 -7.37 22.57 -9.30
N SER B 760 -6.13 23.08 -9.32
CA SER B 760 -4.94 22.22 -9.19
C SER B 760 -3.70 22.96 -8.70
N PHE B 761 -3.49 22.97 -7.39
CA PHE B 761 -2.34 23.61 -6.79
C PHE B 761 -1.07 22.94 -7.28
N THR B 762 -1.13 21.62 -7.44
CA THR B 762 0.00 20.82 -7.89
C THR B 762 0.46 21.18 -9.29
N GLU B 763 -0.49 21.32 -10.21
CA GLU B 763 -0.14 21.66 -11.59
C GLU B 763 0.47 23.06 -11.67
N LEU B 764 0.03 23.95 -10.79
CA LEU B 764 0.56 25.31 -10.74
C LEU B 764 1.99 25.29 -10.20
N ALA B 765 2.21 24.44 -9.20
CA ALA B 765 3.54 24.33 -8.60
C ALA B 765 4.51 23.82 -9.64
N ARG B 766 4.13 22.74 -10.32
CA ARG B 766 4.97 22.14 -11.35
C ARG B 766 5.32 23.13 -12.43
N ASP B 767 4.33 23.91 -12.84
CA ASP B 767 4.54 24.93 -13.87
C ASP B 767 5.55 25.97 -13.34
N GLY B 768 5.35 26.41 -12.11
CA GLY B 768 6.25 27.40 -11.53
C GLY B 768 7.65 26.84 -11.44
N GLN B 769 7.76 25.58 -11.02
CA GLN B 769 9.05 24.90 -10.90
C GLN B 769 9.73 24.85 -12.26
N ASP B 770 8.96 24.57 -13.30
CA ASP B 770 9.47 24.49 -14.67
C ASP B 770 9.94 25.86 -15.14
N CYS B 771 9.23 26.91 -14.74
CA CYS B 771 9.56 28.28 -15.12
C CYS B 771 10.86 28.75 -14.52
N GLU B 772 11.04 28.50 -13.23
CA GLU B 772 12.22 28.93 -12.54
C GLU B 772 13.44 28.09 -12.90
N ARG B 773 13.20 26.82 -13.23
CA ARG B 773 14.28 25.94 -13.63
C ARG B 773 14.79 26.42 -14.99
N TRP B 774 13.88 26.60 -15.94
CA TRP B 774 14.25 27.07 -17.27
C TRP B 774 14.94 28.42 -17.17
N ASN B 775 14.41 29.27 -16.29
CA ASN B 775 14.96 30.60 -16.09
C ASN B 775 16.41 30.49 -15.60
N MET B 776 16.63 29.60 -14.64
CA MET B 776 17.97 29.38 -14.09
C MET B 776 18.96 28.92 -15.14
N LEU B 777 18.47 28.14 -16.11
CA LEU B 777 19.31 27.59 -17.17
C LEU B 777 19.44 28.47 -18.40
N HIS B 778 18.70 29.58 -18.44
CA HIS B 778 18.74 30.53 -19.57
C HIS B 778 18.78 31.93 -18.99
N PRO B 779 19.85 32.26 -18.26
CA PRO B 779 20.09 33.55 -17.60
C PRO B 779 20.10 34.79 -18.49
N LEU B 780 20.50 34.64 -19.74
CA LEU B 780 20.55 35.78 -20.66
C LEU B 780 19.21 35.99 -21.37
N GLU B 781 18.31 35.01 -21.26
CA GLU B 781 17.01 35.05 -21.91
C GLU B 781 15.84 35.65 -21.12
N THR B 782 14.77 35.94 -21.84
CA THR B 782 13.54 36.49 -21.26
C THR B 782 12.98 35.48 -20.25
N PRO B 783 12.91 35.86 -18.97
CA PRO B 783 12.40 34.99 -17.90
C PRO B 783 10.98 34.49 -18.12
N ARG B 784 10.73 33.26 -17.71
CA ARG B 784 9.41 32.66 -17.83
C ARG B 784 8.62 32.99 -16.57
N VAL B 785 7.36 33.39 -16.75
CA VAL B 785 6.51 33.73 -15.61
C VAL B 785 5.52 32.63 -15.24
N PRO B 786 5.57 32.17 -13.98
CA PRO B 786 4.66 31.11 -13.55
C PRO B 786 3.22 31.50 -13.85
N TYR B 787 2.44 30.55 -14.36
CA TYR B 787 1.04 30.80 -14.69
C TYR B 787 0.26 31.44 -13.54
N ILE B 788 0.56 31.02 -12.31
CA ILE B 788 -0.12 31.55 -11.12
C ILE B 788 0.23 33.03 -10.92
N ALA B 789 1.41 33.43 -11.39
CA ALA B 789 1.83 34.82 -11.27
C ALA B 789 1.21 35.66 -12.38
N GLN B 790 0.58 34.99 -13.34
CA GLN B 790 -0.09 35.69 -14.44
C GLN B 790 -1.58 35.79 -14.13
N VAL B 791 -1.97 35.31 -12.95
CA VAL B 791 -3.36 35.36 -12.52
C VAL B 791 -3.50 36.18 -11.25
N MET B 792 -2.59 35.95 -10.30
CA MET B 792 -2.61 36.68 -9.03
C MET B 792 -1.86 38.00 -9.12
N ASN B 793 -2.11 38.87 -8.14
CA ASN B 793 -1.43 40.17 -8.06
C ASN B 793 -0.60 40.19 -6.78
N ASP B 794 -0.33 41.37 -6.23
CA ASP B 794 0.50 41.42 -5.04
C ASP B 794 -0.17 41.72 -3.70
N ALA B 795 -1.49 41.85 -3.67
CA ALA B 795 -2.20 42.12 -2.42
C ALA B 795 -1.98 40.92 -1.50
N PRO B 796 -1.97 41.13 -0.17
CA PRO B 796 -1.76 39.98 0.73
C PRO B 796 -2.73 38.85 0.38
N ALA B 797 -2.26 37.61 0.41
CA ALA B 797 -3.08 36.47 0.04
C ALA B 797 -3.31 35.43 1.13
N VAL B 798 -4.47 34.78 1.08
CA VAL B 798 -4.82 33.74 2.02
C VAL B 798 -5.40 32.60 1.19
N ALA B 799 -5.02 31.37 1.51
CA ALA B 799 -5.53 30.21 0.82
C ALA B 799 -6.00 29.23 1.89
N SER B 800 -7.02 28.46 1.55
CA SER B 800 -7.57 27.47 2.45
C SER B 800 -8.11 26.32 1.62
N THR B 801 -7.82 25.09 2.04
CA THR B 801 -8.30 23.90 1.36
C THR B 801 -8.56 22.82 2.41
N ASP B 802 -9.20 21.74 1.98
CA ASP B 802 -9.53 20.64 2.87
C ASP B 802 -8.33 19.70 3.02
N TYR B 803 -7.16 20.18 2.61
CA TYR B 803 -5.95 19.37 2.70
C TYR B 803 -4.93 20.03 3.60
N MET B 804 -3.95 19.27 4.07
CA MET B 804 -2.92 19.84 4.93
C MET B 804 -2.35 21.06 4.22
N LYS B 805 -1.82 22.00 4.98
CA LYS B 805 -1.26 23.24 4.45
C LYS B 805 -0.29 23.14 3.28
N LEU B 806 0.54 22.11 3.22
CA LEU B 806 1.50 21.98 2.13
C LEU B 806 0.87 21.92 0.74
N PHE B 807 -0.39 21.51 0.67
CA PHE B 807 -1.07 21.43 -0.63
C PHE B 807 -1.15 22.81 -1.32
N ALA B 808 -1.42 23.84 -0.53
CA ALA B 808 -1.52 25.21 -1.05
C ALA B 808 -0.20 25.96 -0.93
N GLU B 809 0.57 25.63 0.10
CA GLU B 809 1.87 26.25 0.36
C GLU B 809 2.91 25.89 -0.71
N GLN B 810 2.65 24.82 -1.46
CA GLN B 810 3.59 24.36 -2.48
C GLN B 810 3.85 25.34 -3.60
N VAL B 811 3.01 26.38 -3.71
CA VAL B 811 3.16 27.39 -4.76
C VAL B 811 3.71 28.71 -4.19
N ARG B 812 4.11 28.71 -2.93
CA ARG B 812 4.62 29.93 -2.31
C ARG B 812 5.61 30.66 -3.19
N THR B 813 6.69 29.99 -3.55
CA THR B 813 7.75 30.57 -4.35
C THR B 813 7.22 31.36 -5.54
N TYR B 814 6.12 30.90 -6.12
CA TYR B 814 5.55 31.52 -7.30
C TYR B 814 4.41 32.49 -7.05
N VAL B 815 3.98 32.64 -5.80
CA VAL B 815 2.92 33.58 -5.52
C VAL B 815 3.56 34.97 -5.50
N PRO B 816 3.07 35.88 -6.35
CA PRO B 816 3.58 37.26 -6.46
C PRO B 816 3.26 38.22 -5.31
N ALA B 817 2.82 37.71 -4.17
CA ALA B 817 2.50 38.58 -3.05
C ALA B 817 3.48 38.35 -1.91
N ASP B 818 3.77 39.42 -1.16
CA ASP B 818 4.69 39.37 -0.05
C ASP B 818 4.17 38.48 1.07
N ASP B 819 2.86 38.53 1.29
CA ASP B 819 2.27 37.70 2.33
C ASP B 819 1.35 36.70 1.69
N TYR B 820 1.50 35.44 2.10
CA TYR B 820 0.69 34.35 1.57
C TYR B 820 0.39 33.35 2.68
N ARG B 821 -0.69 33.57 3.41
CA ARG B 821 -1.10 32.69 4.51
C ARG B 821 -1.89 31.51 3.99
N VAL B 822 -1.50 30.32 4.42
CA VAL B 822 -2.17 29.10 3.99
C VAL B 822 -2.81 28.40 5.18
N LEU B 823 -4.08 28.06 5.04
CA LEU B 823 -4.82 27.35 6.07
C LEU B 823 -4.93 25.93 5.55
N GLY B 824 -4.94 24.96 6.45
CA GLY B 824 -5.03 23.59 6.02
C GLY B 824 -5.53 22.67 7.10
N THR B 825 -5.81 21.44 6.71
CA THR B 825 -6.33 20.45 7.64
C THR B 825 -5.28 19.48 8.20
N ASP B 826 -4.13 20.00 8.57
CA ASP B 826 -3.06 19.18 9.14
C ASP B 826 -3.59 18.52 10.39
N GLY B 827 -3.19 17.27 10.63
CA GLY B 827 -3.64 16.56 11.80
C GLY B 827 -4.51 15.36 11.50
N PHE B 828 -4.70 14.50 12.49
CA PHE B 828 -5.52 13.32 12.31
C PHE B 828 -6.98 13.76 12.31
N GLY B 829 -7.80 13.05 11.54
CA GLY B 829 -9.21 13.36 11.47
C GLY B 829 -9.95 12.75 12.66
N ARG B 830 -11.17 13.21 12.86
CA ARG B 830 -12.01 12.74 13.96
C ARG B 830 -13.46 12.92 13.52
N SER B 831 -14.38 12.30 14.24
CA SER B 831 -15.80 12.37 13.89
C SER B 831 -16.50 13.59 14.47
N ASP B 832 -17.26 14.27 13.62
CA ASP B 832 -18.03 15.43 14.04
C ASP B 832 -18.77 15.98 12.84
N SER B 833 -19.41 17.13 13.01
CA SER B 833 -20.14 17.75 11.91
C SER B 833 -19.14 18.51 11.05
N ARG B 834 -19.51 18.80 9.81
CA ARG B 834 -18.64 19.52 8.90
C ARG B 834 -18.26 20.86 9.53
N GLU B 835 -19.25 21.51 10.13
CA GLU B 835 -19.05 22.80 10.77
C GLU B 835 -17.99 22.75 11.86
N ASN B 836 -18.16 21.82 12.80
CA ASN B 836 -17.23 21.65 13.91
C ASN B 836 -15.83 21.26 13.43
N LEU B 837 -15.77 20.44 12.39
CA LEU B 837 -14.48 19.99 11.84
C LEU B 837 -13.72 21.12 11.14
N ARG B 838 -14.42 21.93 10.35
CA ARG B 838 -13.79 23.02 9.63
C ARG B 838 -13.35 24.12 10.59
N HIS B 839 -13.91 24.12 11.79
CA HIS B 839 -13.51 25.09 12.80
C HIS B 839 -12.33 24.50 13.61
N HIS B 840 -12.39 23.20 13.86
CA HIS B 840 -11.31 22.54 14.60
C HIS B 840 -10.04 22.54 13.74
N PHE B 841 -10.20 22.33 12.44
CA PHE B 841 -9.05 22.31 11.55
C PHE B 841 -8.66 23.72 11.08
N GLU B 842 -9.25 24.73 11.71
CA GLU B 842 -8.97 26.13 11.44
C GLU B 842 -8.89 26.44 9.96
N VAL B 843 -9.97 26.13 9.26
CA VAL B 843 -10.00 26.30 7.83
C VAL B 843 -11.30 26.95 7.30
N ASP B 844 -12.22 27.29 8.20
CA ASP B 844 -13.50 27.86 7.76
C ASP B 844 -13.47 29.37 7.50
N ALA B 845 -14.59 29.92 7.05
CA ALA B 845 -14.70 31.35 6.73
C ALA B 845 -14.10 32.22 7.84
N SER B 846 -14.43 31.90 9.08
CA SER B 846 -13.94 32.61 10.26
C SER B 846 -12.41 32.77 10.33
N TYR B 847 -11.70 31.68 10.03
CA TYR B 847 -10.25 31.68 10.08
C TYR B 847 -9.65 32.40 8.90
N VAL B 848 -10.33 32.31 7.76
CA VAL B 848 -9.88 32.99 6.54
C VAL B 848 -9.96 34.51 6.77
N VAL B 849 -11.04 34.96 7.40
CA VAL B 849 -11.23 36.39 7.70
C VAL B 849 -10.15 36.89 8.67
N VAL B 850 -9.90 36.14 9.74
CA VAL B 850 -8.88 36.52 10.72
C VAL B 850 -7.49 36.48 10.08
N ALA B 851 -7.28 35.54 9.16
CA ALA B 851 -6.00 35.42 8.48
C ALA B 851 -5.76 36.64 7.59
N ALA B 852 -6.80 37.03 6.84
CA ALA B 852 -6.72 38.17 5.93
C ALA B 852 -6.56 39.48 6.70
N LEU B 853 -7.37 39.65 7.75
CA LEU B 853 -7.31 40.85 8.57
C LEU B 853 -5.94 40.97 9.22
N GLY B 854 -5.39 39.83 9.64
CA GLY B 854 -4.09 39.84 10.27
C GLY B 854 -3.01 40.37 9.35
N GLU B 855 -3.14 40.05 8.07
CA GLU B 855 -2.18 40.49 7.07
C GLU B 855 -2.22 42.00 6.90
N LEU B 856 -3.41 42.59 6.97
CA LEU B 856 -3.57 44.04 6.82
C LEU B 856 -3.05 44.78 8.04
N ALA B 857 -3.37 44.26 9.21
CA ALA B 857 -2.93 44.88 10.45
C ALA B 857 -1.41 45.01 10.40
N LYS B 858 -0.75 43.98 9.87
CA LYS B 858 0.70 43.97 9.76
C LYS B 858 1.20 45.08 8.83
N ARG B 859 0.39 45.40 7.83
CA ARG B 859 0.72 46.44 6.87
C ARG B 859 0.32 47.78 7.44
N GLY B 860 -0.15 47.76 8.69
CA GLY B 860 -0.59 48.98 9.33
C GLY B 860 -1.87 49.44 8.67
N GLU B 861 -2.39 48.57 7.80
CA GLU B 861 -3.62 48.86 7.08
C GLU B 861 -4.83 48.98 8.02
N ILE B 862 -4.84 48.19 9.08
CA ILE B 862 -5.93 48.25 10.04
C ILE B 862 -5.38 48.05 11.45
N ASP B 863 -6.20 48.29 12.47
CA ASP B 863 -5.75 48.12 13.84
C ASP B 863 -5.65 46.65 14.22
N LYS B 864 -4.66 46.33 15.03
CA LYS B 864 -4.43 44.98 15.48
C LYS B 864 -5.60 44.54 16.35
N LYS B 865 -6.29 45.52 16.92
CA LYS B 865 -7.43 45.26 17.77
C LYS B 865 -8.61 44.75 16.98
N VAL B 866 -8.63 45.06 15.68
CA VAL B 866 -9.70 44.63 14.78
C VAL B 866 -9.64 43.12 14.57
N VAL B 867 -8.42 42.60 14.47
CA VAL B 867 -8.20 41.18 14.29
C VAL B 867 -8.48 40.45 15.61
N ALA B 868 -8.01 41.02 16.71
CA ALA B 868 -8.22 40.42 18.02
C ALA B 868 -9.71 40.29 18.28
N ASP B 869 -10.47 41.32 17.91
CA ASP B 869 -11.92 41.31 18.13
C ASP B 869 -12.64 40.37 17.18
N ALA B 870 -12.06 40.13 16.00
CA ALA B 870 -12.63 39.21 15.02
C ALA B 870 -12.49 37.82 15.62
N ILE B 871 -11.31 37.54 16.14
CA ILE B 871 -11.03 36.25 16.77
C ILE B 871 -12.09 36.04 17.86
N ALA B 872 -12.36 37.09 18.63
CA ALA B 872 -13.35 37.02 19.68
C ALA B 872 -14.75 36.85 19.09
N LYS B 873 -15.10 37.73 18.17
CA LYS B 873 -16.40 37.69 17.53
C LYS B 873 -16.70 36.31 16.95
N PHE B 874 -15.69 35.71 16.31
CA PHE B 874 -15.85 34.41 15.68
C PHE B 874 -15.67 33.18 16.55
N ASN B 875 -15.65 33.37 17.86
CA ASN B 875 -15.50 32.26 18.80
C ASN B 875 -14.32 31.35 18.42
N ILE B 876 -13.18 31.96 18.15
CA ILE B 876 -11.98 31.23 17.78
C ILE B 876 -11.12 31.04 19.03
N ASP B 877 -10.57 29.84 19.21
CA ASP B 877 -9.71 29.60 20.37
C ASP B 877 -8.28 29.75 19.89
N ALA B 878 -7.72 30.93 20.15
CA ALA B 878 -6.36 31.22 19.72
C ALA B 878 -5.34 30.32 20.38
N ASP B 879 -5.71 29.74 21.51
CA ASP B 879 -4.79 28.91 22.25
C ASP B 879 -5.07 27.41 22.28
N LYS B 880 -6.00 26.94 21.47
CA LYS B 880 -6.27 25.51 21.46
C LYS B 880 -5.04 24.88 20.82
N VAL B 881 -4.82 23.60 21.09
CA VAL B 881 -3.66 22.91 20.55
C VAL B 881 -3.71 22.86 19.02
N ASN B 882 -2.53 22.88 18.39
CA ASN B 882 -2.42 22.82 16.94
C ASN B 882 -3.08 21.52 16.48
N PRO B 883 -4.04 21.61 15.55
CA PRO B 883 -4.73 20.42 15.08
C PRO B 883 -3.78 19.30 14.65
N ARG B 884 -2.57 19.67 14.24
CA ARG B 884 -1.64 18.64 13.82
C ARG B 884 -1.30 17.77 15.01
N LEU B 885 -1.22 18.41 16.17
CA LEU B 885 -0.88 17.72 17.40
C LEU B 885 -2.09 17.21 18.21
N ALA B 886 -3.30 17.49 17.73
CA ALA B 886 -4.50 17.06 18.46
C ALA B 886 -4.85 15.58 18.32
#